data_2OZF
# 
_entry.id   2OZF 
# 
_audit_conform.dict_name       mmcif_pdbx.dic 
_audit_conform.dict_version    5.387 
_audit_conform.dict_location   http://mmcif.pdb.org/dictionaries/ascii/mmcif_pdbx.dic 
# 
loop_
_database_2.database_id 
_database_2.database_code 
_database_2.pdbx_database_accession 
_database_2.pdbx_DOI 
PDB   2OZF         pdb_00002ozf 10.2210/pdb2ozf/pdb 
RCSB  RCSB041775   ?            ?                   
WWPDB D_1000041775 ?            ?                   
# 
loop_
_pdbx_audit_revision_history.ordinal 
_pdbx_audit_revision_history.data_content_type 
_pdbx_audit_revision_history.major_revision 
_pdbx_audit_revision_history.minor_revision 
_pdbx_audit_revision_history.revision_date 
1 'Structure model' 1 0 2007-03-13 
2 'Structure model' 1 1 2008-05-01 
3 'Structure model' 1 2 2011-07-13 
4 'Structure model' 1 3 2017-10-18 
5 'Structure model' 1 4 2024-02-21 
# 
_pdbx_audit_revision_details.ordinal             1 
_pdbx_audit_revision_details.revision_ordinal    1 
_pdbx_audit_revision_details.data_content_type   'Structure model' 
_pdbx_audit_revision_details.provider            repository 
_pdbx_audit_revision_details.type                'Initial release' 
_pdbx_audit_revision_details.description         ? 
_pdbx_audit_revision_details.details             ? 
# 
loop_
_pdbx_audit_revision_group.ordinal 
_pdbx_audit_revision_group.revision_ordinal 
_pdbx_audit_revision_group.data_content_type 
_pdbx_audit_revision_group.group 
1 2 'Structure model' 'Version format compliance' 
2 3 'Structure model' 'Version format compliance' 
3 4 'Structure model' 'Refinement description'    
4 5 'Structure model' 'Data collection'           
5 5 'Structure model' 'Database references'       
# 
loop_
_pdbx_audit_revision_category.ordinal 
_pdbx_audit_revision_category.revision_ordinal 
_pdbx_audit_revision_category.data_content_type 
_pdbx_audit_revision_category.category 
1 4 'Structure model' software           
2 5 'Structure model' chem_comp_atom     
3 5 'Structure model' chem_comp_bond     
4 5 'Structure model' database_2         
5 5 'Structure model' struct_ref_seq_dif 
# 
loop_
_pdbx_audit_revision_item.ordinal 
_pdbx_audit_revision_item.revision_ordinal 
_pdbx_audit_revision_item.data_content_type 
_pdbx_audit_revision_item.item 
1 4 'Structure model' '_software.name'                      
2 5 'Structure model' '_database_2.pdbx_DOI'                
3 5 'Structure model' '_database_2.pdbx_database_accession' 
4 5 'Structure model' '_struct_ref_seq_dif.details'         
# 
_pdbx_database_status.status_code                     REL 
_pdbx_database_status.entry_id                        2OZF 
_pdbx_database_status.recvd_initial_deposition_date   2007-02-26 
_pdbx_database_status.deposit_site                    RCSB 
_pdbx_database_status.process_site                    RCSB 
_pdbx_database_status.status_code_sf                  REL 
_pdbx_database_status.status_code_mr                  ? 
_pdbx_database_status.SG_entry                        Y 
_pdbx_database_status.pdb_format_compatible           Y 
_pdbx_database_status.status_code_cs                  ? 
_pdbx_database_status.methods_development_category    ? 
_pdbx_database_status.status_code_nmr_data            ? 
# 
loop_
_audit_author.name 
_audit_author.pdbx_ordinal 
'Phillips, C.'                         1  
'Papagrigoriou, E.'                    2  
'Gileadi, C.'                          3  
'Fedorov, O.'                          4  
'Elkins, J.'                           5  
'Berridge, G.'                         6  
'Turnbull, A.P.'                       7  
'Gileadi, O.'                          8  
'Schoch, G.'                           9  
'Smee, C.'                             10 
'Bray, J.'                             11 
'Savitsky, P.'                         12 
'Uppenberg, J.'                        13 
'von Delft, F.'                        14 
'Gorrec, F.'                           15 
'Umeano, C.'                           16 
'Salah, E.'                            17 
'Colebrook, S.'                        18 
'Weigelt, J.'                          19 
'Arrowsmith, C.H.'                     20 
'Edwards, A.'                          21 
'Sundstrom, M.'                        22 
'Doyle, D.A.'                          23 
'Structural Genomics Consortium (SGC)' 24 
# 
_citation.id                        primary 
_citation.title                     'The crystal structure of the 2nd PDZ domain of the human NHERF-1 (SLC9A3R1)' 
_citation.journal_abbrev            'To be Published' 
_citation.journal_volume            ? 
_citation.page_first                ? 
_citation.page_last                 ? 
_citation.year                      ? 
_citation.journal_id_ASTM           ? 
_citation.country                   ? 
_citation.journal_id_ISSN           ? 
_citation.journal_id_CSD            0353 
_citation.book_publisher            ? 
_citation.pdbx_database_id_PubMed   ? 
_citation.pdbx_database_id_DOI      ? 
# 
loop_
_citation_author.citation_id 
_citation_author.name 
_citation_author.ordinal 
_citation_author.identifier_ORCID 
primary 'Phillips, C.'      1  ? 
primary 'Papagrigoriou, E.' 2  ? 
primary 'Gileadi, C.'       3  ? 
primary 'Fedorov, O.'       4  ? 
primary 'Elkins, J.'        5  ? 
primary 'Berridge, G.'      6  ? 
primary 'Turnbull, A.P.'    7  ? 
primary 'Gileadi, O.'       8  ? 
primary 'Schoch, G.'        9  ? 
primary 'Smee, C.'          10 ? 
primary 'Bray, J.'          11 ? 
primary 'Savitsky, P.'      12 ? 
primary 'Uppenberg, J.'     13 ? 
primary 'von Delft, F.'     14 ? 
primary 'Gorrec, F.'        15 ? 
primary 'Umeano, C.'        16 ? 
primary 'Salah, E.'         17 ? 
primary 'Colebrook, S.'     18 ? 
primary 'Weigelt, J.'       19 ? 
primary 'Arrowsmith, C.H.'  20 ? 
primary 'Edwards, A.'       21 ? 
primary 'Sundstrom, M.'     22 ? 
primary 'Doyle, D.A.'       23 ? 
# 
loop_
_entity.id 
_entity.type 
_entity.src_method 
_entity.pdbx_description 
_entity.formula_weight 
_entity.pdbx_number_of_molecules 
_entity.pdbx_ec 
_entity.pdbx_mutation 
_entity.pdbx_fragment 
_entity.details 
1 polymer man 'Ezrin-radixin-moesin-binding phosphoprotein 50' 9944.247 1   ? ? 'Second PDZ domain' ? 
2 water   nat water                                            18.015   146 ? ? ?                   ? 
# 
_entity_name_com.entity_id   1 
_entity_name_com.name        
;EBP50, Na+/H+ exchange regulatory cofactor NHE-RF, NHERF-1, Regulatory cofactor of Na+/H+ exchanger, Sodium-hydrogen exchanger regulatory factor 1, Solute carrier family 9 isoform 3 regulatory factor 1
;
# 
_entity_poly.entity_id                      1 
_entity_poly.type                           'polypeptide(L)' 
_entity_poly.nstd_linkage                   no 
_entity_poly.nstd_monomer                   no 
_entity_poly.pdbx_seq_one_letter_code       
;SMLRPRLCTMKKGPSGYGFNLHSDKSKPGQFIRSVDPDSPAEASGLRAQDRIVEVNGVCMEGKQHGDVVSAIRAGGDETK
LLVVDRETETSL
;
_entity_poly.pdbx_seq_one_letter_code_can   
;SMLRPRLCTMKKGPSGYGFNLHSDKSKPGQFIRSVDPDSPAEASGLRAQDRIVEVNGVCMEGKQHGDVVSAIRAGGDETK
LLVVDRETETSL
;
_entity_poly.pdbx_strand_id                 A 
_entity_poly.pdbx_target_identifier         ? 
# 
_pdbx_entity_nonpoly.entity_id   2 
_pdbx_entity_nonpoly.name        water 
_pdbx_entity_nonpoly.comp_id     HOH 
# 
loop_
_entity_poly_seq.entity_id 
_entity_poly_seq.num 
_entity_poly_seq.mon_id 
_entity_poly_seq.hetero 
1 1  SER n 
1 2  MET n 
1 3  LEU n 
1 4  ARG n 
1 5  PRO n 
1 6  ARG n 
1 7  LEU n 
1 8  CYS n 
1 9  THR n 
1 10 MET n 
1 11 LYS n 
1 12 LYS n 
1 13 GLY n 
1 14 PRO n 
1 15 SER n 
1 16 GLY n 
1 17 TYR n 
1 18 GLY n 
1 19 PHE n 
1 20 ASN n 
1 21 LEU n 
1 22 HIS n 
1 23 SER n 
1 24 ASP n 
1 25 LYS n 
1 26 SER n 
1 27 LYS n 
1 28 PRO n 
1 29 GLY n 
1 30 GLN n 
1 31 PHE n 
1 32 ILE n 
1 33 ARG n 
1 34 SER n 
1 35 VAL n 
1 36 ASP n 
1 37 PRO n 
1 38 ASP n 
1 39 SER n 
1 40 PRO n 
1 41 ALA n 
1 42 GLU n 
1 43 ALA n 
1 44 SER n 
1 45 GLY n 
1 46 LEU n 
1 47 ARG n 
1 48 ALA n 
1 49 GLN n 
1 50 ASP n 
1 51 ARG n 
1 52 ILE n 
1 53 VAL n 
1 54 GLU n 
1 55 VAL n 
1 56 ASN n 
1 57 GLY n 
1 58 VAL n 
1 59 CYS n 
1 60 MET n 
1 61 GLU n 
1 62 GLY n 
1 63 LYS n 
1 64 GLN n 
1 65 HIS n 
1 66 GLY n 
1 67 ASP n 
1 68 VAL n 
1 69 VAL n 
1 70 SER n 
1 71 ALA n 
1 72 ILE n 
1 73 ARG n 
1 74 ALA n 
1 75 GLY n 
1 76 GLY n 
1 77 ASP n 
1 78 GLU n 
1 79 THR n 
1 80 LYS n 
1 81 LEU n 
1 82 LEU n 
1 83 VAL n 
1 84 VAL n 
1 85 ASP n 
1 86 ARG n 
1 87 GLU n 
1 88 THR n 
1 89 GLU n 
1 90 THR n 
1 91 SER n 
1 92 LEU n 
# 
_entity_src_gen.entity_id                          1 
_entity_src_gen.pdbx_src_id                        1 
_entity_src_gen.pdbx_alt_source_flag               sample 
_entity_src_gen.pdbx_seq_type                      ? 
_entity_src_gen.pdbx_beg_seq_num                   ? 
_entity_src_gen.pdbx_end_seq_num                   ? 
_entity_src_gen.gene_src_common_name               human 
_entity_src_gen.gene_src_genus                     Homo 
_entity_src_gen.pdbx_gene_src_gene                 'SLC9A3R1, NHERF' 
_entity_src_gen.gene_src_species                   ? 
_entity_src_gen.gene_src_strain                    ? 
_entity_src_gen.gene_src_tissue                    ? 
_entity_src_gen.gene_src_tissue_fraction           ? 
_entity_src_gen.gene_src_details                   ? 
_entity_src_gen.pdbx_gene_src_fragment             ? 
_entity_src_gen.pdbx_gene_src_scientific_name      'Homo sapiens' 
_entity_src_gen.pdbx_gene_src_ncbi_taxonomy_id     9606 
_entity_src_gen.pdbx_gene_src_variant              ? 
_entity_src_gen.pdbx_gene_src_cell_line            ? 
_entity_src_gen.pdbx_gene_src_atcc                 ? 
_entity_src_gen.pdbx_gene_src_organ                ? 
_entity_src_gen.pdbx_gene_src_organelle            ? 
_entity_src_gen.pdbx_gene_src_cell                 ? 
_entity_src_gen.pdbx_gene_src_cellular_location    ? 
_entity_src_gen.host_org_common_name               ? 
_entity_src_gen.pdbx_host_org_scientific_name      'Escherichia coli BL21(DE3)' 
_entity_src_gen.pdbx_host_org_ncbi_taxonomy_id     469008 
_entity_src_gen.host_org_genus                     Escherichia 
_entity_src_gen.pdbx_host_org_gene                 ? 
_entity_src_gen.pdbx_host_org_organ                ? 
_entity_src_gen.host_org_species                   'Escherichia coli' 
_entity_src_gen.pdbx_host_org_tissue               ? 
_entity_src_gen.pdbx_host_org_tissue_fraction      ? 
_entity_src_gen.pdbx_host_org_strain               'BL21(DE3)' 
_entity_src_gen.pdbx_host_org_variant              ? 
_entity_src_gen.pdbx_host_org_cell_line            ? 
_entity_src_gen.pdbx_host_org_atcc                 ? 
_entity_src_gen.pdbx_host_org_culture_collection   ? 
_entity_src_gen.pdbx_host_org_cell                 ? 
_entity_src_gen.pdbx_host_org_organelle            ? 
_entity_src_gen.pdbx_host_org_cellular_location    ? 
_entity_src_gen.pdbx_host_org_vector_type          plasmid 
_entity_src_gen.pdbx_host_org_vector               ? 
_entity_src_gen.host_org_details                   ? 
_entity_src_gen.expression_system_id               ? 
_entity_src_gen.plasmid_name                       pNIC28-Bsa4 
_entity_src_gen.plasmid_details                    ? 
_entity_src_gen.pdbx_description                   ? 
# 
loop_
_chem_comp.id 
_chem_comp.type 
_chem_comp.mon_nstd_flag 
_chem_comp.name 
_chem_comp.pdbx_synonyms 
_chem_comp.formula 
_chem_comp.formula_weight 
ALA 'L-peptide linking' y ALANINE         ? 'C3 H7 N O2'     89.093  
ARG 'L-peptide linking' y ARGININE        ? 'C6 H15 N4 O2 1' 175.209 
ASN 'L-peptide linking' y ASPARAGINE      ? 'C4 H8 N2 O3'    132.118 
ASP 'L-peptide linking' y 'ASPARTIC ACID' ? 'C4 H7 N O4'     133.103 
CYS 'L-peptide linking' y CYSTEINE        ? 'C3 H7 N O2 S'   121.158 
GLN 'L-peptide linking' y GLUTAMINE       ? 'C5 H10 N2 O3'   146.144 
GLU 'L-peptide linking' y 'GLUTAMIC ACID' ? 'C5 H9 N O4'     147.129 
GLY 'peptide linking'   y GLYCINE         ? 'C2 H5 N O2'     75.067  
HIS 'L-peptide linking' y HISTIDINE       ? 'C6 H10 N3 O2 1' 156.162 
HOH non-polymer         . WATER           ? 'H2 O'           18.015  
ILE 'L-peptide linking' y ISOLEUCINE      ? 'C6 H13 N O2'    131.173 
LEU 'L-peptide linking' y LEUCINE         ? 'C6 H13 N O2'    131.173 
LYS 'L-peptide linking' y LYSINE          ? 'C6 H15 N2 O2 1' 147.195 
MET 'L-peptide linking' y METHIONINE      ? 'C5 H11 N O2 S'  149.211 
PHE 'L-peptide linking' y PHENYLALANINE   ? 'C9 H11 N O2'    165.189 
PRO 'L-peptide linking' y PROLINE         ? 'C5 H9 N O2'     115.130 
SER 'L-peptide linking' y SERINE          ? 'C3 H7 N O3'     105.093 
THR 'L-peptide linking' y THREONINE       ? 'C4 H9 N O3'     119.119 
TYR 'L-peptide linking' y TYROSINE        ? 'C9 H11 N O3'    181.189 
VAL 'L-peptide linking' y VALINE          ? 'C5 H11 N O2'    117.146 
# 
loop_
_pdbx_poly_seq_scheme.asym_id 
_pdbx_poly_seq_scheme.entity_id 
_pdbx_poly_seq_scheme.seq_id 
_pdbx_poly_seq_scheme.mon_id 
_pdbx_poly_seq_scheme.ndb_seq_num 
_pdbx_poly_seq_scheme.pdb_seq_num 
_pdbx_poly_seq_scheme.auth_seq_num 
_pdbx_poly_seq_scheme.pdb_mon_id 
_pdbx_poly_seq_scheme.auth_mon_id 
_pdbx_poly_seq_scheme.pdb_strand_id 
_pdbx_poly_seq_scheme.pdb_ins_code 
_pdbx_poly_seq_scheme.hetero 
A 1 1  SER 1  148 148 SER SER A . n 
A 1 2  MET 2  149 149 MET MET A . n 
A 1 3  LEU 3  150 150 LEU LEU A . n 
A 1 4  ARG 4  151 151 ARG ARG A . n 
A 1 5  PRO 5  152 152 PRO PRO A . n 
A 1 6  ARG 6  153 153 ARG ARG A . n 
A 1 7  LEU 7  154 154 LEU LEU A . n 
A 1 8  CYS 8  155 155 CYS CYS A . n 
A 1 9  THR 9  156 156 THR THR A . n 
A 1 10 MET 10 157 157 MET MET A . n 
A 1 11 LYS 11 158 158 LYS LYS A . n 
A 1 12 LYS 12 159 159 LYS LYS A . n 
A 1 13 GLY 13 160 160 GLY GLY A . n 
A 1 14 PRO 14 161 161 PRO PRO A . n 
A 1 15 SER 15 162 162 SER SER A . n 
A 1 16 GLY 16 163 163 GLY GLY A . n 
A 1 17 TYR 17 164 164 TYR TYR A . n 
A 1 18 GLY 18 165 165 GLY GLY A . n 
A 1 19 PHE 19 166 166 PHE PHE A . n 
A 1 20 ASN 20 167 167 ASN ASN A . n 
A 1 21 LEU 21 168 168 LEU LEU A . n 
A 1 22 HIS 22 169 169 HIS HIS A . n 
A 1 23 SER 23 170 170 SER SER A . n 
A 1 24 ASP 24 171 171 ASP ASP A . n 
A 1 25 LYS 25 172 172 LYS LYS A . n 
A 1 26 SER 26 173 173 SER SER A . n 
A 1 27 LYS 27 174 174 LYS LYS A . n 
A 1 28 PRO 28 175 175 PRO PRO A . n 
A 1 29 GLY 29 176 176 GLY GLY A . n 
A 1 30 GLN 30 177 177 GLN GLN A . n 
A 1 31 PHE 31 178 178 PHE PHE A . n 
A 1 32 ILE 32 179 179 ILE ILE A . n 
A 1 33 ARG 33 180 180 ARG ARG A . n 
A 1 34 SER 34 181 181 SER SER A . n 
A 1 35 VAL 35 182 182 VAL VAL A . n 
A 1 36 ASP 36 183 183 ASP ASP A . n 
A 1 37 PRO 37 184 184 PRO PRO A . n 
A 1 38 ASP 38 185 185 ASP ASP A . n 
A 1 39 SER 39 186 186 SER SER A . n 
A 1 40 PRO 40 187 187 PRO PRO A . n 
A 1 41 ALA 41 188 188 ALA ALA A . n 
A 1 42 GLU 42 189 189 GLU GLU A . n 
A 1 43 ALA 43 190 190 ALA ALA A . n 
A 1 44 SER 44 191 191 SER SER A . n 
A 1 45 GLY 45 192 192 GLY GLY A . n 
A 1 46 LEU 46 193 193 LEU LEU A . n 
A 1 47 ARG 47 194 194 ARG ARG A . n 
A 1 48 ALA 48 195 195 ALA ALA A . n 
A 1 49 GLN 49 196 196 GLN GLN A . n 
A 1 50 ASP 50 197 197 ASP ASP A . n 
A 1 51 ARG 51 198 198 ARG ARG A . n 
A 1 52 ILE 52 199 199 ILE ILE A . n 
A 1 53 VAL 53 200 200 VAL VAL A . n 
A 1 54 GLU 54 201 201 GLU GLU A . n 
A 1 55 VAL 55 202 202 VAL VAL A . n 
A 1 56 ASN 56 203 203 ASN ASN A . n 
A 1 57 GLY 57 204 204 GLY GLY A . n 
A 1 58 VAL 58 205 205 VAL VAL A . n 
A 1 59 CYS 59 206 206 CYS CYS A . n 
A 1 60 MET 60 207 207 MET MET A . n 
A 1 61 GLU 61 208 208 GLU GLU A . n 
A 1 62 GLY 62 209 209 GLY GLY A . n 
A 1 63 LYS 63 210 210 LYS LYS A . n 
A 1 64 GLN 64 211 211 GLN GLN A . n 
A 1 65 HIS 65 212 212 HIS HIS A . n 
A 1 66 GLY 66 213 213 GLY GLY A . n 
A 1 67 ASP 67 214 214 ASP ASP A . n 
A 1 68 VAL 68 215 215 VAL VAL A . n 
A 1 69 VAL 69 216 216 VAL VAL A . n 
A 1 70 SER 70 217 217 SER SER A . n 
A 1 71 ALA 71 218 218 ALA ALA A . n 
A 1 72 ILE 72 219 219 ILE ILE A . n 
A 1 73 ARG 73 220 220 ARG ARG A . n 
A 1 74 ALA 74 221 221 ALA ALA A . n 
A 1 75 GLY 75 222 222 GLY GLY A . n 
A 1 76 GLY 76 223 223 GLY GLY A . n 
A 1 77 ASP 77 224 224 ASP ASP A . n 
A 1 78 GLU 78 225 225 GLU GLU A . n 
A 1 79 THR 79 226 226 THR THR A . n 
A 1 80 LYS 80 227 227 LYS LYS A . n 
A 1 81 LEU 81 228 228 LEU LEU A . n 
A 1 82 LEU 82 229 229 LEU LEU A . n 
A 1 83 VAL 83 230 230 VAL VAL A . n 
A 1 84 VAL 84 231 231 VAL VAL A . n 
A 1 85 ASP 85 232 232 ASP ASP A . n 
A 1 86 ARG 86 233 233 ARG ARG A . n 
A 1 87 GLU 87 234 234 GLU GLU A . n 
A 1 88 THR 88 235 235 THR THR A . n 
A 1 89 GLU 89 236 236 GLU GLU A . n 
A 1 90 THR 90 237 237 THR THR A . n 
A 1 91 SER 91 238 238 SER SER A . n 
A 1 92 LEU 92 239 239 LEU LEU A . n 
# 
loop_
_pdbx_nonpoly_scheme.asym_id 
_pdbx_nonpoly_scheme.entity_id 
_pdbx_nonpoly_scheme.mon_id 
_pdbx_nonpoly_scheme.ndb_seq_num 
_pdbx_nonpoly_scheme.pdb_seq_num 
_pdbx_nonpoly_scheme.auth_seq_num 
_pdbx_nonpoly_scheme.pdb_mon_id 
_pdbx_nonpoly_scheme.auth_mon_id 
_pdbx_nonpoly_scheme.pdb_strand_id 
_pdbx_nonpoly_scheme.pdb_ins_code 
B 2 HOH 1   240 2   HOH HOH A . 
B 2 HOH 2   241 5   HOH HOH A . 
B 2 HOH 3   242 6   HOH HOH A . 
B 2 HOH 4   243 7   HOH HOH A . 
B 2 HOH 5   244 8   HOH HOH A . 
B 2 HOH 6   245 9   HOH HOH A . 
B 2 HOH 7   246 10  HOH HOH A . 
B 2 HOH 8   247 11  HOH HOH A . 
B 2 HOH 9   248 13  HOH HOH A . 
B 2 HOH 10  249 14  HOH HOH A . 
B 2 HOH 11  250 16  HOH HOH A . 
B 2 HOH 12  251 17  HOH HOH A . 
B 2 HOH 13  252 18  HOH HOH A . 
B 2 HOH 14  253 19  HOH HOH A . 
B 2 HOH 15  254 20  HOH HOH A . 
B 2 HOH 16  255 21  HOH HOH A . 
B 2 HOH 17  256 22  HOH HOH A . 
B 2 HOH 18  257 23  HOH HOH A . 
B 2 HOH 19  258 24  HOH HOH A . 
B 2 HOH 20  259 25  HOH HOH A . 
B 2 HOH 21  260 26  HOH HOH A . 
B 2 HOH 22  261 29  HOH HOH A . 
B 2 HOH 23  262 30  HOH HOH A . 
B 2 HOH 24  263 31  HOH HOH A . 
B 2 HOH 25  264 32  HOH HOH A . 
B 2 HOH 26  265 33  HOH HOH A . 
B 2 HOH 27  266 34  HOH HOH A . 
B 2 HOH 28  267 35  HOH HOH A . 
B 2 HOH 29  268 36  HOH HOH A . 
B 2 HOH 30  269 37  HOH HOH A . 
B 2 HOH 31  270 38  HOH HOH A . 
B 2 HOH 32  271 39  HOH HOH A . 
B 2 HOH 33  272 40  HOH HOH A . 
B 2 HOH 34  273 41  HOH HOH A . 
B 2 HOH 35  274 42  HOH HOH A . 
B 2 HOH 36  275 43  HOH HOH A . 
B 2 HOH 37  276 44  HOH HOH A . 
B 2 HOH 38  277 45  HOH HOH A . 
B 2 HOH 39  278 46  HOH HOH A . 
B 2 HOH 40  279 47  HOH HOH A . 
B 2 HOH 41  280 48  HOH HOH A . 
B 2 HOH 42  281 49  HOH HOH A . 
B 2 HOH 43  282 50  HOH HOH A . 
B 2 HOH 44  283 52  HOH HOH A . 
B 2 HOH 45  284 53  HOH HOH A . 
B 2 HOH 46  285 55  HOH HOH A . 
B 2 HOH 47  286 56  HOH HOH A . 
B 2 HOH 48  287 58  HOH HOH A . 
B 2 HOH 49  288 59  HOH HOH A . 
B 2 HOH 50  289 60  HOH HOH A . 
B 2 HOH 51  290 61  HOH HOH A . 
B 2 HOH 52  291 62  HOH HOH A . 
B 2 HOH 53  292 63  HOH HOH A . 
B 2 HOH 54  293 64  HOH HOH A . 
B 2 HOH 55  294 65  HOH HOH A . 
B 2 HOH 56  295 66  HOH HOH A . 
B 2 HOH 57  296 67  HOH HOH A . 
B 2 HOH 58  297 68  HOH HOH A . 
B 2 HOH 59  298 69  HOH HOH A . 
B 2 HOH 60  299 70  HOH HOH A . 
B 2 HOH 61  300 71  HOH HOH A . 
B 2 HOH 62  301 72  HOH HOH A . 
B 2 HOH 63  302 73  HOH HOH A . 
B 2 HOH 64  303 74  HOH HOH A . 
B 2 HOH 65  304 75  HOH HOH A . 
B 2 HOH 66  305 76  HOH HOH A . 
B 2 HOH 67  306 77  HOH HOH A . 
B 2 HOH 68  307 78  HOH HOH A . 
B 2 HOH 69  308 79  HOH HOH A . 
B 2 HOH 70  309 80  HOH HOH A . 
B 2 HOH 71  310 81  HOH HOH A . 
B 2 HOH 72  311 82  HOH HOH A . 
B 2 HOH 73  312 83  HOH HOH A . 
B 2 HOH 74  313 84  HOH HOH A . 
B 2 HOH 75  314 85  HOH HOH A . 
B 2 HOH 76  315 87  HOH HOH A . 
B 2 HOH 77  316 88  HOH HOH A . 
B 2 HOH 78  317 90  HOH HOH A . 
B 2 HOH 79  318 92  HOH HOH A . 
B 2 HOH 80  319 93  HOH HOH A . 
B 2 HOH 81  320 94  HOH HOH A . 
B 2 HOH 82  321 95  HOH HOH A . 
B 2 HOH 83  322 97  HOH HOH A . 
B 2 HOH 84  323 98  HOH HOH A . 
B 2 HOH 85  324 99  HOH HOH A . 
B 2 HOH 86  325 100 HOH HOH A . 
B 2 HOH 87  326 101 HOH HOH A . 
B 2 HOH 88  327 102 HOH HOH A . 
B 2 HOH 89  328 104 HOH HOH A . 
B 2 HOH 90  329 106 HOH HOH A . 
B 2 HOH 91  330 108 HOH HOH A . 
B 2 HOH 92  331 109 HOH HOH A . 
B 2 HOH 93  332 110 HOH HOH A . 
B 2 HOH 94  333 111 HOH HOH A . 
B 2 HOH 95  334 112 HOH HOH A . 
B 2 HOH 96  335 113 HOH HOH A . 
B 2 HOH 97  336 114 HOH HOH A . 
B 2 HOH 98  337 115 HOH HOH A . 
B 2 HOH 99  338 116 HOH HOH A . 
B 2 HOH 100 339 117 HOH HOH A . 
B 2 HOH 101 340 118 HOH HOH A . 
B 2 HOH 102 341 119 HOH HOH A . 
B 2 HOH 103 342 120 HOH HOH A . 
B 2 HOH 104 343 121 HOH HOH A . 
B 2 HOH 105 344 122 HOH HOH A . 
B 2 HOH 106 345 123 HOH HOH A . 
B 2 HOH 107 346 124 HOH HOH A . 
B 2 HOH 108 347 125 HOH HOH A . 
B 2 HOH 109 348 126 HOH HOH A . 
B 2 HOH 110 349 127 HOH HOH A . 
B 2 HOH 111 350 128 HOH HOH A . 
B 2 HOH 112 351 129 HOH HOH A . 
B 2 HOH 113 352 133 HOH HOH A . 
B 2 HOH 114 353 135 HOH HOH A . 
B 2 HOH 115 354 137 HOH HOH A . 
B 2 HOH 116 355 138 HOH HOH A . 
B 2 HOH 117 356 139 HOH HOH A . 
B 2 HOH 118 357 142 HOH HOH A . 
B 2 HOH 119 358 143 HOH HOH A . 
B 2 HOH 120 359 144 HOH HOH A . 
B 2 HOH 121 360 145 HOH HOH A . 
B 2 HOH 122 361 146 HOH HOH A . 
B 2 HOH 123 362 147 HOH HOH A . 
B 2 HOH 124 363 148 HOH HOH A . 
B 2 HOH 125 364 149 HOH HOH A . 
B 2 HOH 126 365 150 HOH HOH A . 
B 2 HOH 127 366 154 HOH HOH A . 
B 2 HOH 128 367 155 HOH HOH A . 
B 2 HOH 129 368 156 HOH HOH A . 
B 2 HOH 130 369 157 HOH HOH A . 
B 2 HOH 131 370 158 HOH HOH A . 
B 2 HOH 132 371 159 HOH HOH A . 
B 2 HOH 133 372 160 HOH HOH A . 
B 2 HOH 134 373 161 HOH HOH A . 
B 2 HOH 135 374 163 HOH HOH A . 
B 2 HOH 136 375 164 HOH HOH A . 
B 2 HOH 137 376 165 HOH HOH A . 
B 2 HOH 138 377 166 HOH HOH A . 
B 2 HOH 139 378 167 HOH HOH A . 
B 2 HOH 140 379 168 HOH HOH A . 
B 2 HOH 141 380 169 HOH HOH A . 
B 2 HOH 142 381 170 HOH HOH A . 
B 2 HOH 143 382 171 HOH HOH A . 
B 2 HOH 144 383 172 HOH HOH A . 
B 2 HOH 145 384 173 HOH HOH A . 
B 2 HOH 146 385 174 HOH HOH A . 
# 
loop_
_pdbx_unobs_or_zero_occ_atoms.id 
_pdbx_unobs_or_zero_occ_atoms.PDB_model_num 
_pdbx_unobs_or_zero_occ_atoms.polymer_flag 
_pdbx_unobs_or_zero_occ_atoms.occupancy_flag 
_pdbx_unobs_or_zero_occ_atoms.auth_asym_id 
_pdbx_unobs_or_zero_occ_atoms.auth_comp_id 
_pdbx_unobs_or_zero_occ_atoms.auth_seq_id 
_pdbx_unobs_or_zero_occ_atoms.PDB_ins_code 
_pdbx_unobs_or_zero_occ_atoms.auth_atom_id 
_pdbx_unobs_or_zero_occ_atoms.label_alt_id 
_pdbx_unobs_or_zero_occ_atoms.label_asym_id 
_pdbx_unobs_or_zero_occ_atoms.label_comp_id 
_pdbx_unobs_or_zero_occ_atoms.label_seq_id 
_pdbx_unobs_or_zero_occ_atoms.label_atom_id 
1  1 Y 1 A SER 148 ? OG  ? A SER 1  OG  
2  1 Y 1 A LEU 150 ? CG  ? A LEU 3  CG  
3  1 Y 1 A LEU 150 ? CD1 ? A LEU 3  CD1 
4  1 Y 1 A LEU 150 ? CD2 ? A LEU 3  CD2 
5  1 Y 1 A GLN 196 ? OE1 ? A GLN 49 OE1 
6  1 Y 1 A GLN 196 ? NE2 ? A GLN 49 NE2 
7  1 Y 1 A GLU 225 ? CD  ? A GLU 78 CD  
8  1 Y 1 A GLU 225 ? OE1 ? A GLU 78 OE1 
9  1 Y 1 A GLU 225 ? OE2 ? A GLU 78 OE2 
10 1 Y 1 A LYS 227 ? NZ  ? A LYS 80 NZ  
11 1 Y 1 A ARG 233 ? NH2 ? A ARG 86 NH2 
12 1 Y 1 A GLU 234 ? OE1 ? A GLU 87 OE1 
13 1 Y 1 A GLU 234 ? OE2 ? A GLU 87 OE2 
# 
loop_
_software.name 
_software.classification 
_software.version 
_software.citation_id 
_software.pdbx_ordinal 
REFMAC   refinement        5.2.0019 ? 1 
MAR345   'data collection' CCD      ? 2 
HKL-2000 'data reduction'  .        ? 3 
HKL-2000 'data scaling'    .        ? 4 
PHASER   phasing           .        ? 5 
# 
_cell.entry_id           2OZF 
_cell.length_a           43.304 
_cell.length_b           54.715 
_cell.length_c           96.724 
_cell.angle_alpha        90.00 
_cell.angle_beta         90.00 
_cell.angle_gamma        90.00 
_cell.Z_PDB              8 
_cell.pdbx_unique_axis   ? 
_cell.length_a_esd       ? 
_cell.length_b_esd       ? 
_cell.length_c_esd       ? 
_cell.angle_alpha_esd    ? 
_cell.angle_beta_esd     ? 
_cell.angle_gamma_esd    ? 
# 
_symmetry.entry_id                         2OZF 
_symmetry.space_group_name_H-M             'I 2 2 2' 
_symmetry.pdbx_full_space_group_name_H-M   ? 
_symmetry.cell_setting                     ? 
_symmetry.Int_Tables_number                23 
_symmetry.space_group_name_Hall            ? 
# 
_exptl.entry_id          2OZF 
_exptl.method            'X-RAY DIFFRACTION' 
_exptl.crystals_number   1 
# 
_exptl_crystal.id                    1 
_exptl_crystal.density_meas          ? 
_exptl_crystal.density_Matthews      2.88 
_exptl_crystal.density_percent_sol   57.28 
_exptl_crystal.description           ? 
_exptl_crystal.F_000                 ? 
_exptl_crystal.preparation           ? 
# 
_exptl_crystal_grow.crystal_id      1 
_exptl_crystal_grow.method          'VAPOR DIFFUSION, SITTING DROP' 
_exptl_crystal_grow.temp            298 
_exptl_crystal_grow.temp_details    ? 
_exptl_crystal_grow.pH              8.5 
_exptl_crystal_grow.pdbx_details    
'0.2M NaNO3, 0.1M BTProp, 20% PEG 3350, 10% Ethylene glycol, pH 8.5, VAPOR DIFFUSION, SITTING DROP, temperature 298K' 
_exptl_crystal_grow.pdbx_pH_range   . 
# 
_diffrn.id                     1 
_diffrn.ambient_temp           100 
_diffrn.ambient_temp_details   ? 
_diffrn.crystal_id             1 
# 
_diffrn_detector.diffrn_id              1 
_diffrn_detector.detector               CCD 
_diffrn_detector.type                   'MARMOSAIC 225 mm CCD' 
_diffrn_detector.pdbx_collection_date   2007-02-12 
_diffrn_detector.details                ? 
# 
_diffrn_radiation.diffrn_id                        1 
_diffrn_radiation.wavelength_id                    1 
_diffrn_radiation.pdbx_monochromatic_or_laue_m_l   M 
_diffrn_radiation.monochromator                    'Si(111)' 
_diffrn_radiation.pdbx_diffrn_protocol             'SINGLE WAVELENGTH' 
_diffrn_radiation.pdbx_scattering_type             x-ray 
# 
_diffrn_radiation_wavelength.id           1 
_diffrn_radiation_wavelength.wavelength   0.91830 
_diffrn_radiation_wavelength.wt           1.0 
# 
_diffrn_source.diffrn_id                   1 
_diffrn_source.source                      SYNCHROTRON 
_diffrn_source.type                        'SLS BEAMLINE X10SA' 
_diffrn_source.pdbx_synchrotron_site       SLS 
_diffrn_source.pdbx_synchrotron_beamline   X10SA 
_diffrn_source.pdbx_wavelength             ? 
_diffrn_source.pdbx_wavelength_list        0.91830 
# 
_reflns.entry_id                     2OZF 
_reflns.observed_criterion_sigma_F   0 
_reflns.observed_criterion_sigma_I   0 
_reflns.d_resolution_high            1.50 
_reflns.d_resolution_low             39.53 
_reflns.number_all                   18038 
_reflns.number_obs                   18038 
_reflns.percent_possible_obs         95.8 
_reflns.pdbx_Rmerge_I_obs            0.066 
_reflns.pdbx_Rsym_value              0.066 
_reflns.pdbx_netI_over_sigmaI        ? 
_reflns.B_iso_Wilson_estimate        ? 
_reflns.pdbx_redundancy              ? 
_reflns.R_free_details               ? 
_reflns.limit_h_max                  ? 
_reflns.limit_h_min                  ? 
_reflns.limit_k_max                  ? 
_reflns.limit_k_min                  ? 
_reflns.limit_l_max                  ? 
_reflns.limit_l_min                  ? 
_reflns.observed_criterion_F_max     ? 
_reflns.observed_criterion_F_min     ? 
_reflns.pdbx_chi_squared             ? 
_reflns.pdbx_scaling_rejects         ? 
_reflns.pdbx_diffrn_id               1 
_reflns.pdbx_ordinal                 1 
# 
_reflns_shell.d_res_high             1.50 
_reflns_shell.d_res_low              1.55 
_reflns_shell.percent_possible_all   99.4 
_reflns_shell.Rmerge_I_obs           0.601 
_reflns_shell.pdbx_Rsym_value        0.5 
_reflns_shell.meanI_over_sigI_obs    ? 
_reflns_shell.pdbx_redundancy        ? 
_reflns_shell.percent_possible_obs   ? 
_reflns_shell.number_unique_all      1826 
_reflns_shell.number_measured_all    ? 
_reflns_shell.number_measured_obs    ? 
_reflns_shell.number_unique_obs      ? 
_reflns_shell.pdbx_chi_squared       ? 
_reflns_shell.pdbx_diffrn_id         ? 
_reflns_shell.pdbx_ordinal           1 
# 
_refine.entry_id                                 2OZF 
_refine.ls_number_reflns_obs                     17112 
_refine.ls_number_reflns_all                     17112 
_refine.pdbx_ls_sigma_I                          0 
_refine.pdbx_ls_sigma_F                          0 
_refine.pdbx_data_cutoff_high_absF               ? 
_refine.pdbx_data_cutoff_low_absF                ? 
_refine.pdbx_data_cutoff_high_rms_absF           ? 
_refine.ls_d_res_low                             39.53 
_refine.ls_d_res_high                            1.50 
_refine.ls_percent_reflns_obs                    95.75 
_refine.ls_R_factor_obs                          0.17239 
_refine.ls_R_factor_all                          0.17239 
_refine.ls_R_factor_R_work                       0.1703 
_refine.ls_R_factor_R_free                       0.21057 
_refine.ls_R_factor_R_free_error                 ? 
_refine.ls_R_factor_R_free_error_details         ? 
_refine.ls_percent_reflns_R_free                 5.0 
_refine.ls_number_reflns_R_free                  902 
_refine.ls_number_parameters                     ? 
_refine.ls_number_restraints                     ? 
_refine.occupancy_min                            ? 
_refine.occupancy_max                            ? 
_refine.correlation_coeff_Fo_to_Fc               0.971 
_refine.correlation_coeff_Fo_to_Fc_free          0.956 
_refine.B_iso_mean                               20.533 
_refine.aniso_B[1][1]                            -0.16 
_refine.aniso_B[2][2]                            0.09 
_refine.aniso_B[3][3]                            0.07 
_refine.aniso_B[1][2]                            0.00 
_refine.aniso_B[1][3]                            0.00 
_refine.aniso_B[2][3]                            0.00 
_refine.solvent_model_details                    'BABINET MODEL WITH MASK' 
_refine.solvent_model_param_ksol                 ? 
_refine.solvent_model_param_bsol                 ? 
_refine.pdbx_solvent_vdw_probe_radii             1.40 
_refine.pdbx_solvent_ion_probe_radii             0.80 
_refine.pdbx_solvent_shrinkage_radii             0.80 
_refine.pdbx_ls_cross_valid_method               THROUGHOUT 
_refine.details                                  'HYDROGENS HAVE BEEN ADDED IN THE RIDING POSITIONS' 
_refine.pdbx_starting_model                      ? 
_refine.pdbx_method_to_determine_struct          'MOLECULAR REPLACEMENT' 
_refine.pdbx_isotropic_thermal_model             ? 
_refine.pdbx_stereochemistry_target_values       'MAXIMUM LIKELIHOOD' 
_refine.pdbx_stereochem_target_val_spec_case     ? 
_refine.pdbx_R_Free_selection_details            RANDOM 
_refine.pdbx_overall_ESU_R                       0.079 
_refine.pdbx_overall_ESU_R_Free                  0.073 
_refine.overall_SU_ML                            0.045 
_refine.overall_SU_B                             2.594 
_refine.ls_redundancy_reflns_obs                 ? 
_refine.B_iso_min                                ? 
_refine.B_iso_max                                ? 
_refine.overall_SU_R_Cruickshank_DPI             ? 
_refine.overall_SU_R_free                        ? 
_refine.ls_wR_factor_R_free                      ? 
_refine.ls_wR_factor_R_work                      ? 
_refine.overall_FOM_free_R_set                   ? 
_refine.overall_FOM_work_R_set                   ? 
_refine.pdbx_refine_id                           'X-RAY DIFFRACTION' 
_refine.pdbx_diffrn_id                           1 
_refine.pdbx_TLS_residual_ADP_flag               ? 
_refine.pdbx_overall_phase_error                 ? 
_refine.pdbx_overall_SU_R_free_Cruickshank_DPI   ? 
_refine.pdbx_overall_SU_R_Blow_DPI               ? 
_refine.pdbx_overall_SU_R_free_Blow_DPI          ? 
# 
_refine_hist.pdbx_refine_id                   'X-RAY DIFFRACTION' 
_refine_hist.cycle_id                         LAST 
_refine_hist.pdbx_number_atoms_protein        700 
_refine_hist.pdbx_number_atoms_nucleic_acid   0 
_refine_hist.pdbx_number_atoms_ligand         0 
_refine_hist.number_atoms_solvent             150 
_refine_hist.number_atoms_total               850 
_refine_hist.d_res_high                       1.50 
_refine_hist.d_res_low                        39.53 
# 
loop_
_refine_ls_restr.type 
_refine_ls_restr.dev_ideal 
_refine_ls_restr.dev_ideal_target 
_refine_ls_restr.weight 
_refine_ls_restr.number 
_refine_ls_restr.pdbx_refine_id 
_refine_ls_restr.pdbx_restraint_function 
r_bond_refined_d             0.018  0.022  ? 714  'X-RAY DIFFRACTION' ? 
r_bond_other_d               0.002  0.020  ? 515  'X-RAY DIFFRACTION' ? 
r_angle_refined_deg          1.801  1.991  ? 966  'X-RAY DIFFRACTION' ? 
r_angle_other_deg            1.390  3.000  ? 1264 'X-RAY DIFFRACTION' ? 
r_dihedral_angle_1_deg       5.346  5.000  ? 99   'X-RAY DIFFRACTION' ? 
r_dihedral_angle_2_deg       39.580 23.462 ? 26   'X-RAY DIFFRACTION' ? 
r_dihedral_angle_3_deg       12.230 15.000 ? 132  'X-RAY DIFFRACTION' ? 
r_dihedral_angle_4_deg       13.226 15.000 ? 7    'X-RAY DIFFRACTION' ? 
r_chiral_restr               0.262  0.200  ? 109  'X-RAY DIFFRACTION' ? 
r_gen_planes_refined         0.008  0.020  ? 803  'X-RAY DIFFRACTION' ? 
r_gen_planes_other           0.001  0.020  ? 133  'X-RAY DIFFRACTION' ? 
r_nbd_refined                0.231  0.200  ? 112  'X-RAY DIFFRACTION' ? 
r_nbd_other                  0.199  0.200  ? 517  'X-RAY DIFFRACTION' ? 
r_nbtor_refined              0.169  0.200  ? 341  'X-RAY DIFFRACTION' ? 
r_nbtor_other                0.085  0.200  ? 400  'X-RAY DIFFRACTION' ? 
r_xyhbond_nbd_refined        0.156  0.200  ? 90   'X-RAY DIFFRACTION' ? 
r_xyhbond_nbd_other          ?      ?      ? ?    'X-RAY DIFFRACTION' ? 
r_metal_ion_refined          ?      ?      ? ?    'X-RAY DIFFRACTION' ? 
r_metal_ion_other            ?      ?      ? ?    'X-RAY DIFFRACTION' ? 
r_symmetry_vdw_refined       0.133  0.200  ? 5    'X-RAY DIFFRACTION' ? 
r_symmetry_vdw_other         0.432  0.200  ? 35   'X-RAY DIFFRACTION' ? 
r_symmetry_hbond_refined     0.211  0.200  ? 19   'X-RAY DIFFRACTION' ? 
r_symmetry_hbond_other       ?      ?      ? ?    'X-RAY DIFFRACTION' ? 
r_symmetry_metal_ion_refined ?      ?      ? ?    'X-RAY DIFFRACTION' ? 
r_symmetry_metal_ion_other   ?      ?      ? ?    'X-RAY DIFFRACTION' ? 
r_mcbond_it                  2.086  1.500  ? 482  'X-RAY DIFFRACTION' ? 
r_mcbond_other               0.912  1.500  ? 192  'X-RAY DIFFRACTION' ? 
r_mcangle_it                 2.871  2.000  ? 759  'X-RAY DIFFRACTION' ? 
r_scbond_it                  4.100  3.000  ? 250  'X-RAY DIFFRACTION' ? 
r_scangle_it                 6.091  4.500  ? 203  'X-RAY DIFFRACTION' ? 
r_rigid_bond_restr           2.494  3.000  ? 1286 'X-RAY DIFFRACTION' ? 
r_sphericity_free            9.037  3.000  ? 150  'X-RAY DIFFRACTION' ? 
r_sphericity_bonded          4.534  3.000  ? 1215 'X-RAY DIFFRACTION' ? 
# 
_refine_ls_shell.pdbx_total_number_of_bins_used   20 
_refine_ls_shell.d_res_high                       1.500 
_refine_ls_shell.d_res_low                        1.539 
_refine_ls_shell.number_reflns_R_work             1268 
_refine_ls_shell.R_factor_R_work                  0.181 
_refine_ls_shell.percent_reflns_obs               99.18 
_refine_ls_shell.R_factor_R_free                  0.264 
_refine_ls_shell.R_factor_R_free_error            ? 
_refine_ls_shell.percent_reflns_R_free            ? 
_refine_ls_shell.number_reflns_R_free             64 
_refine_ls_shell.number_reflns_all                ? 
_refine_ls_shell.R_factor_all                     ? 
_refine_ls_shell.number_reflns_obs                ? 
_refine_ls_shell.redundancy_reflns_obs            ? 
_refine_ls_shell.pdbx_refine_id                   'X-RAY DIFFRACTION' 
# 
_struct.entry_id                  2OZF 
_struct.title                     'The crystal structure of the 2nd PDZ domain of the human NHERF-1 (SLC9A3R1)' 
_struct.pdbx_model_details        ? 
_struct.pdbx_CASP_flag            ? 
_struct.pdbx_model_type_details   ? 
# 
_struct_keywords.entry_id        2OZF 
_struct_keywords.pdbx_keywords   'PROTEIN BINDING' 
_struct_keywords.text            'PDZ domain, Structural Genomics, Structural Genomics Consortium, SGC, PROTEIN BINDING' 
# 
loop_
_struct_asym.id 
_struct_asym.pdbx_blank_PDB_chainid_flag 
_struct_asym.pdbx_modified 
_struct_asym.entity_id 
_struct_asym.details 
A N N 1 ? 
B N N 2 ? 
# 
_struct_ref.id                         1 
_struct_ref.db_name                    UNP 
_struct_ref.db_code                    NHERF_HUMAN 
_struct_ref.pdbx_db_accession          O14745 
_struct_ref.entity_id                  1 
_struct_ref.pdbx_seq_one_letter_code   
;LRPRLCTMKKGPSGYGFNLHSDKSKPGQFIRSVDPDSPAEASGLRAQDRIVEVNGVCMEGKQHGDVVSAIRAGGDETKLL
VVDRET
;
_struct_ref.pdbx_align_begin           150 
_struct_ref.pdbx_db_isoform            ? 
# 
_struct_ref_seq.align_id                      1 
_struct_ref_seq.ref_id                        1 
_struct_ref_seq.pdbx_PDB_id_code              2OZF 
_struct_ref_seq.pdbx_strand_id                A 
_struct_ref_seq.seq_align_beg                 3 
_struct_ref_seq.pdbx_seq_align_beg_ins_code   ? 
_struct_ref_seq.seq_align_end                 88 
_struct_ref_seq.pdbx_seq_align_end_ins_code   ? 
_struct_ref_seq.pdbx_db_accession             O14745 
_struct_ref_seq.db_align_beg                  150 
_struct_ref_seq.pdbx_db_align_beg_ins_code    ? 
_struct_ref_seq.db_align_end                  235 
_struct_ref_seq.pdbx_db_align_end_ins_code    ? 
_struct_ref_seq.pdbx_auth_seq_align_beg       150 
_struct_ref_seq.pdbx_auth_seq_align_end       235 
# 
loop_
_struct_ref_seq_dif.align_id 
_struct_ref_seq_dif.pdbx_pdb_id_code 
_struct_ref_seq_dif.mon_id 
_struct_ref_seq_dif.pdbx_pdb_strand_id 
_struct_ref_seq_dif.seq_num 
_struct_ref_seq_dif.pdbx_pdb_ins_code 
_struct_ref_seq_dif.pdbx_seq_db_name 
_struct_ref_seq_dif.pdbx_seq_db_accession_code 
_struct_ref_seq_dif.db_mon_id 
_struct_ref_seq_dif.pdbx_seq_db_seq_num 
_struct_ref_seq_dif.details 
_struct_ref_seq_dif.pdbx_auth_seq_num 
_struct_ref_seq_dif.pdbx_ordinal 
1 2OZF SER A 1  ? UNP O14745 ? ? 'cloning artifact' 148 1 
1 2OZF MET A 2  ? UNP O14745 ? ? 'cloning artifact' 149 2 
1 2OZF GLU A 89 ? UNP O14745 ? ? 'cloning artifact' 236 3 
1 2OZF THR A 90 ? UNP O14745 ? ? 'cloning artifact' 237 4 
1 2OZF SER A 91 ? UNP O14745 ? ? 'cloning artifact' 238 5 
1 2OZF LEU A 92 ? UNP O14745 ? ? 'cloning artifact' 239 6 
# 
_pdbx_struct_assembly.id                   1 
_pdbx_struct_assembly.details              author_defined_assembly 
_pdbx_struct_assembly.method_details       ? 
_pdbx_struct_assembly.oligomeric_details   monomeric 
_pdbx_struct_assembly.oligomeric_count     1 
# 
_pdbx_struct_assembly_gen.assembly_id       1 
_pdbx_struct_assembly_gen.oper_expression   1 
_pdbx_struct_assembly_gen.asym_id_list      A,B 
# 
_pdbx_struct_oper_list.id                   1 
_pdbx_struct_oper_list.type                 'identity operation' 
_pdbx_struct_oper_list.name                 1_555 
_pdbx_struct_oper_list.symmetry_operation   x,y,z 
_pdbx_struct_oper_list.matrix[1][1]         1.0000000000 
_pdbx_struct_oper_list.matrix[1][2]         0.0000000000 
_pdbx_struct_oper_list.matrix[1][3]         0.0000000000 
_pdbx_struct_oper_list.vector[1]            0.0000000000 
_pdbx_struct_oper_list.matrix[2][1]         0.0000000000 
_pdbx_struct_oper_list.matrix[2][2]         1.0000000000 
_pdbx_struct_oper_list.matrix[2][3]         0.0000000000 
_pdbx_struct_oper_list.vector[2]            0.0000000000 
_pdbx_struct_oper_list.matrix[3][1]         0.0000000000 
_pdbx_struct_oper_list.matrix[3][2]         0.0000000000 
_pdbx_struct_oper_list.matrix[3][3]         1.0000000000 
_pdbx_struct_oper_list.vector[3]            0.0000000000 
# 
_struct_biol.id                    1 
_struct_biol.details               'The biological unit is a monomer' 
_struct_biol.pdbx_parent_biol_id   ? 
# 
loop_
_struct_conf.conf_type_id 
_struct_conf.id 
_struct_conf.pdbx_PDB_helix_id 
_struct_conf.beg_label_comp_id 
_struct_conf.beg_label_asym_id 
_struct_conf.beg_label_seq_id 
_struct_conf.pdbx_beg_PDB_ins_code 
_struct_conf.end_label_comp_id 
_struct_conf.end_label_asym_id 
_struct_conf.end_label_seq_id 
_struct_conf.pdbx_end_PDB_ins_code 
_struct_conf.beg_auth_comp_id 
_struct_conf.beg_auth_asym_id 
_struct_conf.beg_auth_seq_id 
_struct_conf.end_auth_comp_id 
_struct_conf.end_auth_asym_id 
_struct_conf.end_auth_seq_id 
_struct_conf.pdbx_PDB_helix_class 
_struct_conf.details 
_struct_conf.pdbx_PDB_helix_length 
HELX_P HELX_P1 1 SER A 39 ? GLY A 45 ? SER A 186 GLY A 192 1 ? 7  
HELX_P HELX_P2 2 GLN A 64 ? GLY A 75 ? GLN A 211 GLY A 222 1 ? 12 
# 
_struct_conf_type.id          HELX_P 
_struct_conf_type.criteria    ? 
_struct_conf_type.reference   ? 
# 
loop_
_struct_sheet.id 
_struct_sheet.type 
_struct_sheet.number_strands 
_struct_sheet.details 
A ? 4 ? 
B ? 2 ? 
# 
loop_
_struct_sheet_order.sheet_id 
_struct_sheet_order.range_id_1 
_struct_sheet_order.range_id_2 
_struct_sheet_order.offset 
_struct_sheet_order.sense 
A 1 2 ? anti-parallel 
A 2 3 ? anti-parallel 
A 3 4 ? anti-parallel 
B 1 2 ? anti-parallel 
# 
loop_
_struct_sheet_range.sheet_id 
_struct_sheet_range.id 
_struct_sheet_range.beg_label_comp_id 
_struct_sheet_range.beg_label_asym_id 
_struct_sheet_range.beg_label_seq_id 
_struct_sheet_range.pdbx_beg_PDB_ins_code 
_struct_sheet_range.end_label_comp_id 
_struct_sheet_range.end_label_asym_id 
_struct_sheet_range.end_label_seq_id 
_struct_sheet_range.pdbx_end_PDB_ins_code 
_struct_sheet_range.beg_auth_comp_id 
_struct_sheet_range.beg_auth_asym_id 
_struct_sheet_range.beg_auth_seq_id 
_struct_sheet_range.end_auth_comp_id 
_struct_sheet_range.end_auth_asym_id 
_struct_sheet_range.end_auth_seq_id 
A 1 ARG A 6  ? LYS A 11 ? ARG A 153 LYS A 158 
A 2 GLU A 78 ? VAL A 84 ? GLU A 225 VAL A 231 
A 3 ARG A 51 ? VAL A 55 ? ARG A 198 VAL A 202 
A 4 VAL A 58 ? CYS A 59 ? VAL A 205 CYS A 206 
B 1 PHE A 19 ? SER A 23 ? PHE A 166 SER A 170 
B 2 GLN A 30 ? VAL A 35 ? GLN A 177 VAL A 182 
# 
loop_
_pdbx_struct_sheet_hbond.sheet_id 
_pdbx_struct_sheet_hbond.range_id_1 
_pdbx_struct_sheet_hbond.range_id_2 
_pdbx_struct_sheet_hbond.range_1_label_atom_id 
_pdbx_struct_sheet_hbond.range_1_label_comp_id 
_pdbx_struct_sheet_hbond.range_1_label_asym_id 
_pdbx_struct_sheet_hbond.range_1_label_seq_id 
_pdbx_struct_sheet_hbond.range_1_PDB_ins_code 
_pdbx_struct_sheet_hbond.range_1_auth_atom_id 
_pdbx_struct_sheet_hbond.range_1_auth_comp_id 
_pdbx_struct_sheet_hbond.range_1_auth_asym_id 
_pdbx_struct_sheet_hbond.range_1_auth_seq_id 
_pdbx_struct_sheet_hbond.range_2_label_atom_id 
_pdbx_struct_sheet_hbond.range_2_label_comp_id 
_pdbx_struct_sheet_hbond.range_2_label_asym_id 
_pdbx_struct_sheet_hbond.range_2_label_seq_id 
_pdbx_struct_sheet_hbond.range_2_PDB_ins_code 
_pdbx_struct_sheet_hbond.range_2_auth_atom_id 
_pdbx_struct_sheet_hbond.range_2_auth_comp_id 
_pdbx_struct_sheet_hbond.range_2_auth_asym_id 
_pdbx_struct_sheet_hbond.range_2_auth_seq_id 
A 1 2 N CYS A 8  ? N CYS A 155 O LEU A 81 ? O LEU A 228 
A 2 3 O LEU A 82 ? O LEU A 229 N VAL A 53 ? N VAL A 200 
A 3 4 N VAL A 55 ? N VAL A 202 O VAL A 58 ? O VAL A 205 
B 1 2 N HIS A 22 ? N HIS A 169 O PHE A 31 ? O PHE A 178 
# 
_pdbx_validate_symm_contact.id                1 
_pdbx_validate_symm_contact.PDB_model_num     1 
_pdbx_validate_symm_contact.auth_atom_id_1    NH1 
_pdbx_validate_symm_contact.auth_asym_id_1    A 
_pdbx_validate_symm_contact.auth_comp_id_1    ARG 
_pdbx_validate_symm_contact.auth_seq_id_1     153 
_pdbx_validate_symm_contact.PDB_ins_code_1    ? 
_pdbx_validate_symm_contact.label_alt_id_1    ? 
_pdbx_validate_symm_contact.site_symmetry_1   1_555 
_pdbx_validate_symm_contact.auth_atom_id_2    O 
_pdbx_validate_symm_contact.auth_asym_id_2    A 
_pdbx_validate_symm_contact.auth_comp_id_2    HOH 
_pdbx_validate_symm_contact.auth_seq_id_2     381 
_pdbx_validate_symm_contact.PDB_ins_code_2    ? 
_pdbx_validate_symm_contact.label_alt_id_2    ? 
_pdbx_validate_symm_contact.site_symmetry_2   2_555 
_pdbx_validate_symm_contact.dist              2.14 
# 
_pdbx_validate_rmsd_angle.id                         1 
_pdbx_validate_rmsd_angle.PDB_model_num              1 
_pdbx_validate_rmsd_angle.auth_atom_id_1             CG1 
_pdbx_validate_rmsd_angle.auth_asym_id_1             A 
_pdbx_validate_rmsd_angle.auth_comp_id_1             ILE 
_pdbx_validate_rmsd_angle.auth_seq_id_1              179 
_pdbx_validate_rmsd_angle.PDB_ins_code_1             ? 
_pdbx_validate_rmsd_angle.label_alt_id_1             B 
_pdbx_validate_rmsd_angle.auth_atom_id_2             CB 
_pdbx_validate_rmsd_angle.auth_asym_id_2             A 
_pdbx_validate_rmsd_angle.auth_comp_id_2             ILE 
_pdbx_validate_rmsd_angle.auth_seq_id_2              179 
_pdbx_validate_rmsd_angle.PDB_ins_code_2             ? 
_pdbx_validate_rmsd_angle.label_alt_id_2             B 
_pdbx_validate_rmsd_angle.auth_atom_id_3             CG2 
_pdbx_validate_rmsd_angle.auth_asym_id_3             A 
_pdbx_validate_rmsd_angle.auth_comp_id_3             ILE 
_pdbx_validate_rmsd_angle.auth_seq_id_3              179 
_pdbx_validate_rmsd_angle.PDB_ins_code_3             ? 
_pdbx_validate_rmsd_angle.label_alt_id_3             B 
_pdbx_validate_rmsd_angle.angle_value                131.34 
_pdbx_validate_rmsd_angle.angle_target_value         111.40 
_pdbx_validate_rmsd_angle.angle_deviation            19.94 
_pdbx_validate_rmsd_angle.angle_standard_deviation   2.20 
_pdbx_validate_rmsd_angle.linker_flag                N 
# 
_pdbx_validate_torsion.id              1 
_pdbx_validate_torsion.PDB_model_num   1 
_pdbx_validate_torsion.auth_comp_id    GLN 
_pdbx_validate_torsion.auth_asym_id    A 
_pdbx_validate_torsion.auth_seq_id     196 
_pdbx_validate_torsion.PDB_ins_code    ? 
_pdbx_validate_torsion.label_alt_id    ? 
_pdbx_validate_torsion.phi             79.09 
_pdbx_validate_torsion.psi             -0.38 
# 
_pdbx_validate_chiral.id              1 
_pdbx_validate_chiral.PDB_model_num   1 
_pdbx_validate_chiral.auth_atom_id    CB 
_pdbx_validate_chiral.label_alt_id    B 
_pdbx_validate_chiral.auth_asym_id    A 
_pdbx_validate_chiral.auth_comp_id    ILE 
_pdbx_validate_chiral.auth_seq_id     179 
_pdbx_validate_chiral.PDB_ins_code    ? 
_pdbx_validate_chiral.details         PLANAR 
_pdbx_validate_chiral.omega           . 
# 
_pdbx_SG_project.id                    1 
_pdbx_SG_project.project_name          ? 
_pdbx_SG_project.full_name_of_center   'Structural Genomics Consortium' 
_pdbx_SG_project.initial_of_center     SGC 
# 
_pdbx_struct_special_symmetry.id              1 
_pdbx_struct_special_symmetry.PDB_model_num   1 
_pdbx_struct_special_symmetry.auth_asym_id    A 
_pdbx_struct_special_symmetry.auth_comp_id    HOH 
_pdbx_struct_special_symmetry.auth_seq_id     353 
_pdbx_struct_special_symmetry.PDB_ins_code    ? 
_pdbx_struct_special_symmetry.label_asym_id   B 
_pdbx_struct_special_symmetry.label_comp_id   HOH 
_pdbx_struct_special_symmetry.label_seq_id    . 
# 
loop_
_chem_comp_atom.comp_id 
_chem_comp_atom.atom_id 
_chem_comp_atom.type_symbol 
_chem_comp_atom.pdbx_aromatic_flag 
_chem_comp_atom.pdbx_stereo_config 
_chem_comp_atom.pdbx_ordinal 
ALA N    N N N 1   
ALA CA   C N S 2   
ALA C    C N N 3   
ALA O    O N N 4   
ALA CB   C N N 5   
ALA OXT  O N N 6   
ALA H    H N N 7   
ALA H2   H N N 8   
ALA HA   H N N 9   
ALA HB1  H N N 10  
ALA HB2  H N N 11  
ALA HB3  H N N 12  
ALA HXT  H N N 13  
ARG N    N N N 14  
ARG CA   C N S 15  
ARG C    C N N 16  
ARG O    O N N 17  
ARG CB   C N N 18  
ARG CG   C N N 19  
ARG CD   C N N 20  
ARG NE   N N N 21  
ARG CZ   C N N 22  
ARG NH1  N N N 23  
ARG NH2  N N N 24  
ARG OXT  O N N 25  
ARG H    H N N 26  
ARG H2   H N N 27  
ARG HA   H N N 28  
ARG HB2  H N N 29  
ARG HB3  H N N 30  
ARG HG2  H N N 31  
ARG HG3  H N N 32  
ARG HD2  H N N 33  
ARG HD3  H N N 34  
ARG HE   H N N 35  
ARG HH11 H N N 36  
ARG HH12 H N N 37  
ARG HH21 H N N 38  
ARG HH22 H N N 39  
ARG HXT  H N N 40  
ASN N    N N N 41  
ASN CA   C N S 42  
ASN C    C N N 43  
ASN O    O N N 44  
ASN CB   C N N 45  
ASN CG   C N N 46  
ASN OD1  O N N 47  
ASN ND2  N N N 48  
ASN OXT  O N N 49  
ASN H    H N N 50  
ASN H2   H N N 51  
ASN HA   H N N 52  
ASN HB2  H N N 53  
ASN HB3  H N N 54  
ASN HD21 H N N 55  
ASN HD22 H N N 56  
ASN HXT  H N N 57  
ASP N    N N N 58  
ASP CA   C N S 59  
ASP C    C N N 60  
ASP O    O N N 61  
ASP CB   C N N 62  
ASP CG   C N N 63  
ASP OD1  O N N 64  
ASP OD2  O N N 65  
ASP OXT  O N N 66  
ASP H    H N N 67  
ASP H2   H N N 68  
ASP HA   H N N 69  
ASP HB2  H N N 70  
ASP HB3  H N N 71  
ASP HD2  H N N 72  
ASP HXT  H N N 73  
CYS N    N N N 74  
CYS CA   C N R 75  
CYS C    C N N 76  
CYS O    O N N 77  
CYS CB   C N N 78  
CYS SG   S N N 79  
CYS OXT  O N N 80  
CYS H    H N N 81  
CYS H2   H N N 82  
CYS HA   H N N 83  
CYS HB2  H N N 84  
CYS HB3  H N N 85  
CYS HG   H N N 86  
CYS HXT  H N N 87  
GLN N    N N N 88  
GLN CA   C N S 89  
GLN C    C N N 90  
GLN O    O N N 91  
GLN CB   C N N 92  
GLN CG   C N N 93  
GLN CD   C N N 94  
GLN OE1  O N N 95  
GLN NE2  N N N 96  
GLN OXT  O N N 97  
GLN H    H N N 98  
GLN H2   H N N 99  
GLN HA   H N N 100 
GLN HB2  H N N 101 
GLN HB3  H N N 102 
GLN HG2  H N N 103 
GLN HG3  H N N 104 
GLN HE21 H N N 105 
GLN HE22 H N N 106 
GLN HXT  H N N 107 
GLU N    N N N 108 
GLU CA   C N S 109 
GLU C    C N N 110 
GLU O    O N N 111 
GLU CB   C N N 112 
GLU CG   C N N 113 
GLU CD   C N N 114 
GLU OE1  O N N 115 
GLU OE2  O N N 116 
GLU OXT  O N N 117 
GLU H    H N N 118 
GLU H2   H N N 119 
GLU HA   H N N 120 
GLU HB2  H N N 121 
GLU HB3  H N N 122 
GLU HG2  H N N 123 
GLU HG3  H N N 124 
GLU HE2  H N N 125 
GLU HXT  H N N 126 
GLY N    N N N 127 
GLY CA   C N N 128 
GLY C    C N N 129 
GLY O    O N N 130 
GLY OXT  O N N 131 
GLY H    H N N 132 
GLY H2   H N N 133 
GLY HA2  H N N 134 
GLY HA3  H N N 135 
GLY HXT  H N N 136 
HIS N    N N N 137 
HIS CA   C N S 138 
HIS C    C N N 139 
HIS O    O N N 140 
HIS CB   C N N 141 
HIS CG   C Y N 142 
HIS ND1  N Y N 143 
HIS CD2  C Y N 144 
HIS CE1  C Y N 145 
HIS NE2  N Y N 146 
HIS OXT  O N N 147 
HIS H    H N N 148 
HIS H2   H N N 149 
HIS HA   H N N 150 
HIS HB2  H N N 151 
HIS HB3  H N N 152 
HIS HD1  H N N 153 
HIS HD2  H N N 154 
HIS HE1  H N N 155 
HIS HE2  H N N 156 
HIS HXT  H N N 157 
HOH O    O N N 158 
HOH H1   H N N 159 
HOH H2   H N N 160 
ILE N    N N N 161 
ILE CA   C N S 162 
ILE C    C N N 163 
ILE O    O N N 164 
ILE CB   C N S 165 
ILE CG1  C N N 166 
ILE CG2  C N N 167 
ILE CD1  C N N 168 
ILE OXT  O N N 169 
ILE H    H N N 170 
ILE H2   H N N 171 
ILE HA   H N N 172 
ILE HB   H N N 173 
ILE HG12 H N N 174 
ILE HG13 H N N 175 
ILE HG21 H N N 176 
ILE HG22 H N N 177 
ILE HG23 H N N 178 
ILE HD11 H N N 179 
ILE HD12 H N N 180 
ILE HD13 H N N 181 
ILE HXT  H N N 182 
LEU N    N N N 183 
LEU CA   C N S 184 
LEU C    C N N 185 
LEU O    O N N 186 
LEU CB   C N N 187 
LEU CG   C N N 188 
LEU CD1  C N N 189 
LEU CD2  C N N 190 
LEU OXT  O N N 191 
LEU H    H N N 192 
LEU H2   H N N 193 
LEU HA   H N N 194 
LEU HB2  H N N 195 
LEU HB3  H N N 196 
LEU HG   H N N 197 
LEU HD11 H N N 198 
LEU HD12 H N N 199 
LEU HD13 H N N 200 
LEU HD21 H N N 201 
LEU HD22 H N N 202 
LEU HD23 H N N 203 
LEU HXT  H N N 204 
LYS N    N N N 205 
LYS CA   C N S 206 
LYS C    C N N 207 
LYS O    O N N 208 
LYS CB   C N N 209 
LYS CG   C N N 210 
LYS CD   C N N 211 
LYS CE   C N N 212 
LYS NZ   N N N 213 
LYS OXT  O N N 214 
LYS H    H N N 215 
LYS H2   H N N 216 
LYS HA   H N N 217 
LYS HB2  H N N 218 
LYS HB3  H N N 219 
LYS HG2  H N N 220 
LYS HG3  H N N 221 
LYS HD2  H N N 222 
LYS HD3  H N N 223 
LYS HE2  H N N 224 
LYS HE3  H N N 225 
LYS HZ1  H N N 226 
LYS HZ2  H N N 227 
LYS HZ3  H N N 228 
LYS HXT  H N N 229 
MET N    N N N 230 
MET CA   C N S 231 
MET C    C N N 232 
MET O    O N N 233 
MET CB   C N N 234 
MET CG   C N N 235 
MET SD   S N N 236 
MET CE   C N N 237 
MET OXT  O N N 238 
MET H    H N N 239 
MET H2   H N N 240 
MET HA   H N N 241 
MET HB2  H N N 242 
MET HB3  H N N 243 
MET HG2  H N N 244 
MET HG3  H N N 245 
MET HE1  H N N 246 
MET HE2  H N N 247 
MET HE3  H N N 248 
MET HXT  H N N 249 
PHE N    N N N 250 
PHE CA   C N S 251 
PHE C    C N N 252 
PHE O    O N N 253 
PHE CB   C N N 254 
PHE CG   C Y N 255 
PHE CD1  C Y N 256 
PHE CD2  C Y N 257 
PHE CE1  C Y N 258 
PHE CE2  C Y N 259 
PHE CZ   C Y N 260 
PHE OXT  O N N 261 
PHE H    H N N 262 
PHE H2   H N N 263 
PHE HA   H N N 264 
PHE HB2  H N N 265 
PHE HB3  H N N 266 
PHE HD1  H N N 267 
PHE HD2  H N N 268 
PHE HE1  H N N 269 
PHE HE2  H N N 270 
PHE HZ   H N N 271 
PHE HXT  H N N 272 
PRO N    N N N 273 
PRO CA   C N S 274 
PRO C    C N N 275 
PRO O    O N N 276 
PRO CB   C N N 277 
PRO CG   C N N 278 
PRO CD   C N N 279 
PRO OXT  O N N 280 
PRO H    H N N 281 
PRO HA   H N N 282 
PRO HB2  H N N 283 
PRO HB3  H N N 284 
PRO HG2  H N N 285 
PRO HG3  H N N 286 
PRO HD2  H N N 287 
PRO HD3  H N N 288 
PRO HXT  H N N 289 
SER N    N N N 290 
SER CA   C N S 291 
SER C    C N N 292 
SER O    O N N 293 
SER CB   C N N 294 
SER OG   O N N 295 
SER OXT  O N N 296 
SER H    H N N 297 
SER H2   H N N 298 
SER HA   H N N 299 
SER HB2  H N N 300 
SER HB3  H N N 301 
SER HG   H N N 302 
SER HXT  H N N 303 
THR N    N N N 304 
THR CA   C N S 305 
THR C    C N N 306 
THR O    O N N 307 
THR CB   C N R 308 
THR OG1  O N N 309 
THR CG2  C N N 310 
THR OXT  O N N 311 
THR H    H N N 312 
THR H2   H N N 313 
THR HA   H N N 314 
THR HB   H N N 315 
THR HG1  H N N 316 
THR HG21 H N N 317 
THR HG22 H N N 318 
THR HG23 H N N 319 
THR HXT  H N N 320 
TYR N    N N N 321 
TYR CA   C N S 322 
TYR C    C N N 323 
TYR O    O N N 324 
TYR CB   C N N 325 
TYR CG   C Y N 326 
TYR CD1  C Y N 327 
TYR CD2  C Y N 328 
TYR CE1  C Y N 329 
TYR CE2  C Y N 330 
TYR CZ   C Y N 331 
TYR OH   O N N 332 
TYR OXT  O N N 333 
TYR H    H N N 334 
TYR H2   H N N 335 
TYR HA   H N N 336 
TYR HB2  H N N 337 
TYR HB3  H N N 338 
TYR HD1  H N N 339 
TYR HD2  H N N 340 
TYR HE1  H N N 341 
TYR HE2  H N N 342 
TYR HH   H N N 343 
TYR HXT  H N N 344 
VAL N    N N N 345 
VAL CA   C N S 346 
VAL C    C N N 347 
VAL O    O N N 348 
VAL CB   C N N 349 
VAL CG1  C N N 350 
VAL CG2  C N N 351 
VAL OXT  O N N 352 
VAL H    H N N 353 
VAL H2   H N N 354 
VAL HA   H N N 355 
VAL HB   H N N 356 
VAL HG11 H N N 357 
VAL HG12 H N N 358 
VAL HG13 H N N 359 
VAL HG21 H N N 360 
VAL HG22 H N N 361 
VAL HG23 H N N 362 
VAL HXT  H N N 363 
# 
loop_
_chem_comp_bond.comp_id 
_chem_comp_bond.atom_id_1 
_chem_comp_bond.atom_id_2 
_chem_comp_bond.value_order 
_chem_comp_bond.pdbx_aromatic_flag 
_chem_comp_bond.pdbx_stereo_config 
_chem_comp_bond.pdbx_ordinal 
ALA N   CA   sing N N 1   
ALA N   H    sing N N 2   
ALA N   H2   sing N N 3   
ALA CA  C    sing N N 4   
ALA CA  CB   sing N N 5   
ALA CA  HA   sing N N 6   
ALA C   O    doub N N 7   
ALA C   OXT  sing N N 8   
ALA CB  HB1  sing N N 9   
ALA CB  HB2  sing N N 10  
ALA CB  HB3  sing N N 11  
ALA OXT HXT  sing N N 12  
ARG N   CA   sing N N 13  
ARG N   H    sing N N 14  
ARG N   H2   sing N N 15  
ARG CA  C    sing N N 16  
ARG CA  CB   sing N N 17  
ARG CA  HA   sing N N 18  
ARG C   O    doub N N 19  
ARG C   OXT  sing N N 20  
ARG CB  CG   sing N N 21  
ARG CB  HB2  sing N N 22  
ARG CB  HB3  sing N N 23  
ARG CG  CD   sing N N 24  
ARG CG  HG2  sing N N 25  
ARG CG  HG3  sing N N 26  
ARG CD  NE   sing N N 27  
ARG CD  HD2  sing N N 28  
ARG CD  HD3  sing N N 29  
ARG NE  CZ   sing N N 30  
ARG NE  HE   sing N N 31  
ARG CZ  NH1  sing N N 32  
ARG CZ  NH2  doub N N 33  
ARG NH1 HH11 sing N N 34  
ARG NH1 HH12 sing N N 35  
ARG NH2 HH21 sing N N 36  
ARG NH2 HH22 sing N N 37  
ARG OXT HXT  sing N N 38  
ASN N   CA   sing N N 39  
ASN N   H    sing N N 40  
ASN N   H2   sing N N 41  
ASN CA  C    sing N N 42  
ASN CA  CB   sing N N 43  
ASN CA  HA   sing N N 44  
ASN C   O    doub N N 45  
ASN C   OXT  sing N N 46  
ASN CB  CG   sing N N 47  
ASN CB  HB2  sing N N 48  
ASN CB  HB3  sing N N 49  
ASN CG  OD1  doub N N 50  
ASN CG  ND2  sing N N 51  
ASN ND2 HD21 sing N N 52  
ASN ND2 HD22 sing N N 53  
ASN OXT HXT  sing N N 54  
ASP N   CA   sing N N 55  
ASP N   H    sing N N 56  
ASP N   H2   sing N N 57  
ASP CA  C    sing N N 58  
ASP CA  CB   sing N N 59  
ASP CA  HA   sing N N 60  
ASP C   O    doub N N 61  
ASP C   OXT  sing N N 62  
ASP CB  CG   sing N N 63  
ASP CB  HB2  sing N N 64  
ASP CB  HB3  sing N N 65  
ASP CG  OD1  doub N N 66  
ASP CG  OD2  sing N N 67  
ASP OD2 HD2  sing N N 68  
ASP OXT HXT  sing N N 69  
CYS N   CA   sing N N 70  
CYS N   H    sing N N 71  
CYS N   H2   sing N N 72  
CYS CA  C    sing N N 73  
CYS CA  CB   sing N N 74  
CYS CA  HA   sing N N 75  
CYS C   O    doub N N 76  
CYS C   OXT  sing N N 77  
CYS CB  SG   sing N N 78  
CYS CB  HB2  sing N N 79  
CYS CB  HB3  sing N N 80  
CYS SG  HG   sing N N 81  
CYS OXT HXT  sing N N 82  
GLN N   CA   sing N N 83  
GLN N   H    sing N N 84  
GLN N   H2   sing N N 85  
GLN CA  C    sing N N 86  
GLN CA  CB   sing N N 87  
GLN CA  HA   sing N N 88  
GLN C   O    doub N N 89  
GLN C   OXT  sing N N 90  
GLN CB  CG   sing N N 91  
GLN CB  HB2  sing N N 92  
GLN CB  HB3  sing N N 93  
GLN CG  CD   sing N N 94  
GLN CG  HG2  sing N N 95  
GLN CG  HG3  sing N N 96  
GLN CD  OE1  doub N N 97  
GLN CD  NE2  sing N N 98  
GLN NE2 HE21 sing N N 99  
GLN NE2 HE22 sing N N 100 
GLN OXT HXT  sing N N 101 
GLU N   CA   sing N N 102 
GLU N   H    sing N N 103 
GLU N   H2   sing N N 104 
GLU CA  C    sing N N 105 
GLU CA  CB   sing N N 106 
GLU CA  HA   sing N N 107 
GLU C   O    doub N N 108 
GLU C   OXT  sing N N 109 
GLU CB  CG   sing N N 110 
GLU CB  HB2  sing N N 111 
GLU CB  HB3  sing N N 112 
GLU CG  CD   sing N N 113 
GLU CG  HG2  sing N N 114 
GLU CG  HG3  sing N N 115 
GLU CD  OE1  doub N N 116 
GLU CD  OE2  sing N N 117 
GLU OE2 HE2  sing N N 118 
GLU OXT HXT  sing N N 119 
GLY N   CA   sing N N 120 
GLY N   H    sing N N 121 
GLY N   H2   sing N N 122 
GLY CA  C    sing N N 123 
GLY CA  HA2  sing N N 124 
GLY CA  HA3  sing N N 125 
GLY C   O    doub N N 126 
GLY C   OXT  sing N N 127 
GLY OXT HXT  sing N N 128 
HIS N   CA   sing N N 129 
HIS N   H    sing N N 130 
HIS N   H2   sing N N 131 
HIS CA  C    sing N N 132 
HIS CA  CB   sing N N 133 
HIS CA  HA   sing N N 134 
HIS C   O    doub N N 135 
HIS C   OXT  sing N N 136 
HIS CB  CG   sing N N 137 
HIS CB  HB2  sing N N 138 
HIS CB  HB3  sing N N 139 
HIS CG  ND1  sing Y N 140 
HIS CG  CD2  doub Y N 141 
HIS ND1 CE1  doub Y N 142 
HIS ND1 HD1  sing N N 143 
HIS CD2 NE2  sing Y N 144 
HIS CD2 HD2  sing N N 145 
HIS CE1 NE2  sing Y N 146 
HIS CE1 HE1  sing N N 147 
HIS NE2 HE2  sing N N 148 
HIS OXT HXT  sing N N 149 
HOH O   H1   sing N N 150 
HOH O   H2   sing N N 151 
ILE N   CA   sing N N 152 
ILE N   H    sing N N 153 
ILE N   H2   sing N N 154 
ILE CA  C    sing N N 155 
ILE CA  CB   sing N N 156 
ILE CA  HA   sing N N 157 
ILE C   O    doub N N 158 
ILE C   OXT  sing N N 159 
ILE CB  CG1  sing N N 160 
ILE CB  CG2  sing N N 161 
ILE CB  HB   sing N N 162 
ILE CG1 CD1  sing N N 163 
ILE CG1 HG12 sing N N 164 
ILE CG1 HG13 sing N N 165 
ILE CG2 HG21 sing N N 166 
ILE CG2 HG22 sing N N 167 
ILE CG2 HG23 sing N N 168 
ILE CD1 HD11 sing N N 169 
ILE CD1 HD12 sing N N 170 
ILE CD1 HD13 sing N N 171 
ILE OXT HXT  sing N N 172 
LEU N   CA   sing N N 173 
LEU N   H    sing N N 174 
LEU N   H2   sing N N 175 
LEU CA  C    sing N N 176 
LEU CA  CB   sing N N 177 
LEU CA  HA   sing N N 178 
LEU C   O    doub N N 179 
LEU C   OXT  sing N N 180 
LEU CB  CG   sing N N 181 
LEU CB  HB2  sing N N 182 
LEU CB  HB3  sing N N 183 
LEU CG  CD1  sing N N 184 
LEU CG  CD2  sing N N 185 
LEU CG  HG   sing N N 186 
LEU CD1 HD11 sing N N 187 
LEU CD1 HD12 sing N N 188 
LEU CD1 HD13 sing N N 189 
LEU CD2 HD21 sing N N 190 
LEU CD2 HD22 sing N N 191 
LEU CD2 HD23 sing N N 192 
LEU OXT HXT  sing N N 193 
LYS N   CA   sing N N 194 
LYS N   H    sing N N 195 
LYS N   H2   sing N N 196 
LYS CA  C    sing N N 197 
LYS CA  CB   sing N N 198 
LYS CA  HA   sing N N 199 
LYS C   O    doub N N 200 
LYS C   OXT  sing N N 201 
LYS CB  CG   sing N N 202 
LYS CB  HB2  sing N N 203 
LYS CB  HB3  sing N N 204 
LYS CG  CD   sing N N 205 
LYS CG  HG2  sing N N 206 
LYS CG  HG3  sing N N 207 
LYS CD  CE   sing N N 208 
LYS CD  HD2  sing N N 209 
LYS CD  HD3  sing N N 210 
LYS CE  NZ   sing N N 211 
LYS CE  HE2  sing N N 212 
LYS CE  HE3  sing N N 213 
LYS NZ  HZ1  sing N N 214 
LYS NZ  HZ2  sing N N 215 
LYS NZ  HZ3  sing N N 216 
LYS OXT HXT  sing N N 217 
MET N   CA   sing N N 218 
MET N   H    sing N N 219 
MET N   H2   sing N N 220 
MET CA  C    sing N N 221 
MET CA  CB   sing N N 222 
MET CA  HA   sing N N 223 
MET C   O    doub N N 224 
MET C   OXT  sing N N 225 
MET CB  CG   sing N N 226 
MET CB  HB2  sing N N 227 
MET CB  HB3  sing N N 228 
MET CG  SD   sing N N 229 
MET CG  HG2  sing N N 230 
MET CG  HG3  sing N N 231 
MET SD  CE   sing N N 232 
MET CE  HE1  sing N N 233 
MET CE  HE2  sing N N 234 
MET CE  HE3  sing N N 235 
MET OXT HXT  sing N N 236 
PHE N   CA   sing N N 237 
PHE N   H    sing N N 238 
PHE N   H2   sing N N 239 
PHE CA  C    sing N N 240 
PHE CA  CB   sing N N 241 
PHE CA  HA   sing N N 242 
PHE C   O    doub N N 243 
PHE C   OXT  sing N N 244 
PHE CB  CG   sing N N 245 
PHE CB  HB2  sing N N 246 
PHE CB  HB3  sing N N 247 
PHE CG  CD1  doub Y N 248 
PHE CG  CD2  sing Y N 249 
PHE CD1 CE1  sing Y N 250 
PHE CD1 HD1  sing N N 251 
PHE CD2 CE2  doub Y N 252 
PHE CD2 HD2  sing N N 253 
PHE CE1 CZ   doub Y N 254 
PHE CE1 HE1  sing N N 255 
PHE CE2 CZ   sing Y N 256 
PHE CE2 HE2  sing N N 257 
PHE CZ  HZ   sing N N 258 
PHE OXT HXT  sing N N 259 
PRO N   CA   sing N N 260 
PRO N   CD   sing N N 261 
PRO N   H    sing N N 262 
PRO CA  C    sing N N 263 
PRO CA  CB   sing N N 264 
PRO CA  HA   sing N N 265 
PRO C   O    doub N N 266 
PRO C   OXT  sing N N 267 
PRO CB  CG   sing N N 268 
PRO CB  HB2  sing N N 269 
PRO CB  HB3  sing N N 270 
PRO CG  CD   sing N N 271 
PRO CG  HG2  sing N N 272 
PRO CG  HG3  sing N N 273 
PRO CD  HD2  sing N N 274 
PRO CD  HD3  sing N N 275 
PRO OXT HXT  sing N N 276 
SER N   CA   sing N N 277 
SER N   H    sing N N 278 
SER N   H2   sing N N 279 
SER CA  C    sing N N 280 
SER CA  CB   sing N N 281 
SER CA  HA   sing N N 282 
SER C   O    doub N N 283 
SER C   OXT  sing N N 284 
SER CB  OG   sing N N 285 
SER CB  HB2  sing N N 286 
SER CB  HB3  sing N N 287 
SER OG  HG   sing N N 288 
SER OXT HXT  sing N N 289 
THR N   CA   sing N N 290 
THR N   H    sing N N 291 
THR N   H2   sing N N 292 
THR CA  C    sing N N 293 
THR CA  CB   sing N N 294 
THR CA  HA   sing N N 295 
THR C   O    doub N N 296 
THR C   OXT  sing N N 297 
THR CB  OG1  sing N N 298 
THR CB  CG2  sing N N 299 
THR CB  HB   sing N N 300 
THR OG1 HG1  sing N N 301 
THR CG2 HG21 sing N N 302 
THR CG2 HG22 sing N N 303 
THR CG2 HG23 sing N N 304 
THR OXT HXT  sing N N 305 
TYR N   CA   sing N N 306 
TYR N   H    sing N N 307 
TYR N   H2   sing N N 308 
TYR CA  C    sing N N 309 
TYR CA  CB   sing N N 310 
TYR CA  HA   sing N N 311 
TYR C   O    doub N N 312 
TYR C   OXT  sing N N 313 
TYR CB  CG   sing N N 314 
TYR CB  HB2  sing N N 315 
TYR CB  HB3  sing N N 316 
TYR CG  CD1  doub Y N 317 
TYR CG  CD2  sing Y N 318 
TYR CD1 CE1  sing Y N 319 
TYR CD1 HD1  sing N N 320 
TYR CD2 CE2  doub Y N 321 
TYR CD2 HD2  sing N N 322 
TYR CE1 CZ   doub Y N 323 
TYR CE1 HE1  sing N N 324 
TYR CE2 CZ   sing Y N 325 
TYR CE2 HE2  sing N N 326 
TYR CZ  OH   sing N N 327 
TYR OH  HH   sing N N 328 
TYR OXT HXT  sing N N 329 
VAL N   CA   sing N N 330 
VAL N   H    sing N N 331 
VAL N   H2   sing N N 332 
VAL CA  C    sing N N 333 
VAL CA  CB   sing N N 334 
VAL CA  HA   sing N N 335 
VAL C   O    doub N N 336 
VAL C   OXT  sing N N 337 
VAL CB  CG1  sing N N 338 
VAL CB  CG2  sing N N 339 
VAL CB  HB   sing N N 340 
VAL CG1 HG11 sing N N 341 
VAL CG1 HG12 sing N N 342 
VAL CG1 HG13 sing N N 343 
VAL CG2 HG21 sing N N 344 
VAL CG2 HG22 sing N N 345 
VAL CG2 HG23 sing N N 346 
VAL OXT HXT  sing N N 347 
# 
_atom_sites.entry_id                    2OZF 
_atom_sites.fract_transf_matrix[1][1]   0.00516061 
_atom_sites.fract_transf_matrix[1][2]   -0.01210813 
_atom_sites.fract_transf_matrix[1][3]   0.01897493 
_atom_sites.fract_transf_matrix[2][1]   -0.01308631 
_atom_sites.fract_transf_matrix[2][2]   0.00884041 
_atom_sites.fract_transf_matrix[2][3]   0.00920024 
_atom_sites.fract_transf_matrix[3][1]   -0.00683788 
_atom_sites.fract_transf_matrix[3][2]   -0.00724566 
_atom_sites.fract_transf_matrix[3][3]   -0.00276384 
_atom_sites.fract_transf_vector[1]      0.134100 
_atom_sites.fract_transf_vector[2]      0.194398 
_atom_sites.fract_transf_vector[3]      0.340253 
# 
loop_
_atom_type.symbol 
C 
N 
O 
S 
# 
loop_
_atom_site.group_PDB 
_atom_site.id 
_atom_site.type_symbol 
_atom_site.label_atom_id 
_atom_site.label_alt_id 
_atom_site.label_comp_id 
_atom_site.label_asym_id 
_atom_site.label_entity_id 
_atom_site.label_seq_id 
_atom_site.pdbx_PDB_ins_code 
_atom_site.Cartn_x 
_atom_site.Cartn_y 
_atom_site.Cartn_z 
_atom_site.occupancy 
_atom_site.B_iso_or_equiv 
_atom_site.pdbx_formal_charge 
_atom_site.auth_seq_id 
_atom_site.auth_comp_id 
_atom_site.auth_asym_id 
_atom_site.auth_atom_id 
_atom_site.pdbx_PDB_model_num 
ATOM   1   N N   . SER A 1 1  ? 10.484  5.897   -12.279 1.00 40.92 ? 148 SER A N   1 
ATOM   2   C CA  . SER A 1 1  ? 9.302   6.314   -11.474 1.00 40.04 ? 148 SER A CA  1 
ATOM   3   C C   . SER A 1 1  ? 8.065   6.319   -12.371 1.00 38.79 ? 148 SER A C   1 
ATOM   4   O O   . SER A 1 1  ? 8.132   6.736   -13.520 1.00 39.07 ? 148 SER A O   1 
ATOM   5   C CB  . SER A 1 1  ? 9.550   7.702   -10.872 1.00 40.07 ? 148 SER A CB  1 
ATOM   6   N N   . MET A 1 2  ? 6.939   5.878   -11.824 1.00 35.73 ? 149 MET A N   1 
ATOM   7   C CA  . MET A 1 2  ? 5.692   5.770   -12.572 1.00 34.03 ? 149 MET A CA  1 
ATOM   8   C C   . MET A 1 2  ? 5.118   7.157   -12.901 1.00 34.06 ? 149 MET A C   1 
ATOM   9   O O   . MET A 1 2  ? 5.297   8.096   -12.135 1.00 35.37 ? 149 MET A O   1 
ATOM   10  C CB  . MET A 1 2  ? 4.628   5.046   -11.739 1.00 34.17 ? 149 MET A CB  1 
ATOM   11  C CG  . MET A 1 2  ? 5.015   3.659   -11.412 1.00 33.74 ? 149 MET A CG  1 
ATOM   12  S SD  . MET A 1 2  ? 3.664   2.756   -10.586 1.00 30.76 ? 149 MET A SD  1 
ATOM   13  C CE  . MET A 1 2  ? 3.306   3.706   -9.104  1.00 31.75 ? 149 MET A CE  1 
ATOM   14  N N   . LEU A 1 3  ? 4.418   7.259   -14.027 1.00 33.93 ? 150 LEU A N   1 
ATOM   15  C CA  . LEU A 1 3  ? 3.764   8.516   -14.470 1.00 34.04 ? 150 LEU A CA  1 
ATOM   16  C C   . LEU A 1 3  ? 2.399   8.758   -13.796 1.00 34.31 ? 150 LEU A C   1 
ATOM   17  O O   . LEU A 1 3  ? 1.885   9.897   -13.755 1.00 37.20 ? 150 LEU A O   1 
ATOM   18  C CB  . LEU A 1 3  ? 3.598   8.545   -16.028 1.00 34.82 ? 150 LEU A CB  1 
ATOM   19  N N   . ARG A 1 4  ? 1.811   7.690   -13.261 1.00 32.35 ? 151 ARG A N   1 
ATOM   20  C CA  . ARG A 1 4  ? 0.493   7.705   -12.663 1.00 31.38 ? 151 ARG A CA  1 
ATOM   21  C C   . ARG A 1 4  ? 0.418   6.663   -11.543 1.00 28.78 ? 151 ARG A C   1 
ATOM   22  O O   . ARG A 1 4  ? 1.193   5.725   -11.557 1.00 28.39 ? 151 ARG A O   1 
ATOM   23  C CB  . ARG A 1 4  ? -0.572  7.355   -13.698 1.00 33.15 ? 151 ARG A CB  1 
ATOM   24  C CG  . ARG A 1 4  ? -0.208  6.232   -14.589 1.00 36.31 ? 151 ARG A CG  1 
ATOM   25  C CD  . ARG A 1 4  ? -1.253  5.840   -15.646 1.00 37.64 ? 151 ARG A CD  1 
ATOM   26  N NE  . ARG A 1 4  ? -0.914  4.477   -16.059 1.00 38.65 ? 151 ARG A NE  1 
ATOM   27  C CZ  . ARG A 1 4  ? 0.021   4.180   -16.977 1.00 39.90 ? 151 ARG A CZ  1 
ATOM   28  N NH1 . ARG A 1 4  ? 0.317   2.912   -17.237 1.00 35.97 ? 151 ARG A NH1 1 
ATOM   29  N NH2 . ARG A 1 4  ? 0.660   5.152   -17.629 1.00 41.47 ? 151 ARG A NH2 1 
ATOM   30  N N   . PRO A 1 5  ? -0.524  6.822   -10.602 1.00 26.56 ? 152 PRO A N   1 
ATOM   31  C CA  . PRO A 1 5  ? -0.643  5.790   -9.583  1.00 24.45 ? 152 PRO A CA  1 
ATOM   32  C C   . PRO A 1 5  ? -1.023  4.443   -10.200 1.00 23.19 ? 152 PRO A C   1 
ATOM   33  O O   . PRO A 1 5  ? -1.696  4.388   -11.240 1.00 25.45 ? 152 PRO A O   1 
ATOM   34  C CB  . PRO A 1 5  ? -1.796  6.313   -8.678  1.00 24.74 ? 152 PRO A CB  1 
ATOM   35  C CG  . PRO A 1 5  ? -1.846  7.874   -8.923  1.00 26.06 ? 152 PRO A CG  1 
ATOM   36  C CD  . PRO A 1 5  ? -1.492  7.930   -10.406 1.00 27.15 ? 152 PRO A CD  1 
ATOM   37  N N   . ARG A 1 6  ? -0.641  3.367   -9.511  1.00 20.91 ? 153 ARG A N   1 
ATOM   38  C CA  . ARG A 1 6  ? -0.937  1.987   -9.910  1.00 20.45 ? 153 ARG A CA  1 
ATOM   39  C C   . ARG A 1 6  ? -1.970  1.404   -8.986  1.00 19.53 ? 153 ARG A C   1 
ATOM   40  O O   . ARG A 1 6  ? -1.824  1.467   -7.775  1.00 20.86 ? 153 ARG A O   1 
ATOM   41  C CB  . ARG A 1 6  ? 0.290   1.059   -9.862  1.00 20.77 ? 153 ARG A CB  1 
ATOM   42  C CG  . ARG A 1 6  ? -0.018  -0.384  -10.293 1.00 23.26 ? 153 ARG A CG  1 
ATOM   43  C CD  . ARG A 1 6  ? 1.115   -1.332  -10.170 1.00 25.16 ? 153 ARG A CD  1 
ATOM   44  N NE  . ARG A 1 6  ? 0.767   -2.665  -10.662 1.00 22.89 ? 153 ARG A NE  1 
ATOM   45  C CZ  . ARG A 1 6  ? 0.771   -3.027  -11.947 1.00 26.92 ? 153 ARG A CZ  1 
ATOM   46  N NH1 . ARG A 1 6  ? 1.123   -2.149  -12.872 1.00 27.61 ? 153 ARG A NH1 1 
ATOM   47  N NH2 . ARG A 1 6  ? 0.491   -4.279  -12.291 1.00 26.00 ? 153 ARG A NH2 1 
ATOM   48  N N   . LEU A 1 7  ? -2.978  0.751   -9.548  1.00 20.28 ? 154 LEU A N   1 
ATOM   49  C CA  . LEU A 1 7  ? -3.948  -0.014  -8.783  1.00 21.25 ? 154 LEU A CA  1 
ATOM   50  C C   . LEU A 1 7  ? -3.509  -1.481  -8.728  1.00 20.00 ? 154 LEU A C   1 
ATOM   51  O O   . LEU A 1 7  ? -3.375  -2.161  -9.761  1.00 22.63 ? 154 LEU A O   1 
ATOM   52  C CB  . LEU A 1 7  ? -5.359  0.071   -9.426  1.00 20.97 ? 154 LEU A CB  1 
ATOM   53  C CG  . LEU A 1 7  ? -6.463  -0.540  -8.536  1.00 23.11 ? 154 LEU A CG  1 
ATOM   54  C CD1 . LEU A 1 7  ? -6.705  0.309   -7.251  1.00 24.82 ? 154 LEU A CD1 1 
ATOM   55  C CD2 . LEU A 1 7  ? -7.707  -0.666  -9.406  1.00 27.36 ? 154 LEU A CD2 1 
ATOM   56  N N   . CYS A 1 8  ? -3.236  -1.960  -7.520  1.00 20.86 ? 155 CYS A N   1 
ATOM   57  C CA  . CYS A 1 8  ? -2.811  -3.282  -7.236  1.00 20.23 ? 155 CYS A CA  1 
ATOM   58  C C   . CYS A 1 8  ? -3.956  -4.067  -6.571  1.00 21.31 ? 155 CYS A C   1 
ATOM   59  O O   . CYS A 1 8  ? -4.325  -3.821  -5.430  1.00 22.25 ? 155 CYS A O   1 
ATOM   60  C CB  . CYS A 1 8  ? -1.561  -3.269  -6.334  1.00 20.76 ? 155 CYS A CB  1 
ATOM   61  S SG  . CYS A 1 8  ? -0.133  -2.391  -7.034  1.00 22.51 ? 155 CYS A SG  1 
ATOM   62  N N   . THR A 1 9  ? -4.491  -5.028  -7.302  1.00 21.59 ? 156 THR A N   1 
ATOM   63  C CA  . THR A 1 9  ? -5.683  -5.766  -6.901  1.00 22.75 ? 156 THR A CA  1 
ATOM   64  C C   . THR A 1 9  ? -5.204  -7.190  -6.509  1.00 23.74 ? 156 THR A C   1 
ATOM   65  O O   . THR A 1 9  ? -4.429  -7.824  -7.246  1.00 23.60 ? 156 THR A O   1 
ATOM   66  C CB  . THR A 1 9  ? -6.653  -5.893  -8.114  1.00 23.34 ? 156 THR A CB  1 
ATOM   67  O OG1 . THR A 1 9  ? -7.129  -4.593  -8.484  1.00 26.15 ? 156 THR A OG1 1 
ATOM   68  C CG2 . THR A 1 9  ? -7.806  -6.806  -7.789  1.00 27.05 ? 156 THR A CG2 1 
ATOM   69  N N   . MET A 1 10 ? -5.631  -7.683  -5.330  1.00 22.67 ? 157 MET A N   1 
ATOM   70  C CA  . MET A 1 10 ? -5.157  -8.922  -4.820  1.00 23.71 ? 157 MET A CA  1 
ATOM   71  C C   . MET A 1 10 ? -6.182  -9.635  -3.987  1.00 24.65 ? 157 MET A C   1 
ATOM   72  O O   . MET A 1 10 ? -7.023  -9.017  -3.408  1.00 24.92 ? 157 MET A O   1 
ATOM   73  C CB  . MET A 1 10 ? -3.885  -8.734  -4.018  1.00 26.40 ? 157 MET A CB  1 
ATOM   74  C CG  . MET A 1 10 ? -3.901  -7.747  -2.970  1.00 27.22 ? 157 MET A CG  1 
ATOM   75  S SD  . MET A 1 10 ? -2.205  -7.303  -2.358  1.00 24.61 ? 157 MET A SD  1 
ATOM   76  C CE  . MET A 1 10 ? -1.922  -5.818  -3.279  1.00 27.32 ? 157 MET A CE  1 
ATOM   77  N N   . LYS A 1 11 ? -6.109  -10.949 -4.035  1.00 25.38 ? 158 LYS A N   1 
ATOM   78  C CA  . LYS A 1 11 ? -6.942  -11.853 -3.213  1.00 25.65 ? 158 LYS A CA  1 
ATOM   79  C C   . LYS A 1 11 ? -6.033  -12.650 -2.285  1.00 25.27 ? 158 LYS A C   1 
ATOM   80  O O   . LYS A 1 11 ? -4.974  -13.136 -2.723  1.00 25.30 ? 158 LYS A O   1 
ATOM   81  C CB  . LYS A 1 11 ? -7.759  -12.788 -4.116  1.00 27.00 ? 158 LYS A CB  1 
ATOM   82  C CG  . LYS A 1 11 ? -8.603  -13.776 -3.322  1.00 30.86 ? 158 LYS A CG  1 
ATOM   83  C CD  . LYS A 1 11 ? -9.489  -14.601 -4.240  1.00 35.57 ? 158 LYS A CD  1 
ATOM   84  C CE  . LYS A 1 11 ? -10.269 -15.673 -3.430  1.00 38.54 ? 158 LYS A CE  1 
ATOM   85  N NZ  . LYS A 1 11 ? -11.189 -15.084 -2.448  1.00 43.86 ? 158 LYS A NZ  1 
ATOM   86  N N   . LYS A 1 12 ? -6.441  -12.856 -1.022  1.00 25.93 ? 159 LYS A N   1 
ATOM   87  C CA  . LYS A 1 12 ? -5.605  -13.586 -0.117  1.00 28.05 ? 159 LYS A CA  1 
ATOM   88  C C   . LYS A 1 12 ? -5.370  -14.997 -0.563  1.00 29.36 ? 159 LYS A C   1 
ATOM   89  O O   . LYS A 1 12 ? -6.300  -15.686 -1.011  1.00 30.58 ? 159 LYS A O   1 
ATOM   90  C CB  . LYS A 1 12 ? -6.252  -13.686 1.276   1.00 29.21 ? 159 LYS A CB  1 
ATOM   91  C CG  . LYS A 1 12 ? -6.353  -12.420 2.055   1.00 27.53 ? 159 LYS A CG  1 
ATOM   92  C CD  . LYS A 1 12 ? -6.980  -12.711 3.422   1.00 30.09 ? 159 LYS A CD  1 
ATOM   93  C CE  . LYS A 1 12 ? -7.204  -11.429 4.154   1.00 32.68 ? 159 LYS A CE  1 
ATOM   94  N NZ  . LYS A 1 12 ? -8.034  -11.677 5.404   1.00 36.00 ? 159 LYS A NZ  1 
ATOM   95  N N   . GLY A 1 13 ? -4.132  -15.444 -0.389  1.00 29.71 ? 160 GLY A N   1 
ATOM   96  C CA  . GLY A 1 13 ? -3.802  -16.874 -0.383  1.00 31.67 ? 160 GLY A CA  1 
ATOM   97  C C   . GLY A 1 13 ? -3.757  -17.447 1.028   1.00 33.51 ? 160 GLY A C   1 
ATOM   98  O O   . GLY A 1 13 ? -4.215  -16.821 2.004   1.00 33.54 ? 160 GLY A O   1 
ATOM   99  N N   . PRO A 1 14 ? -3.201  -18.649 1.152   1.00 35.65 ? 161 PRO A N   1 
ATOM   100 C CA  . PRO A 1 14 ? -3.047  -19.323 2.448   1.00 37.05 ? 161 PRO A CA  1 
ATOM   101 C C   . PRO A 1 14 ? -2.252  -18.533 3.504   1.00 36.85 ? 161 PRO A C   1 
ATOM   102 O O   . PRO A 1 14 ? -2.462  -18.702 4.734   1.00 38.71 ? 161 PRO A O   1 
ATOM   103 C CB  . PRO A 1 14 ? -2.294  -20.614 2.090   1.00 37.89 ? 161 PRO A CB  1 
ATOM   104 C CG  . PRO A 1 14 ? -2.523  -20.820 0.611   1.00 37.92 ? 161 PRO A CG  1 
ATOM   105 C CD  . PRO A 1 14 ? -2.685  -19.444 0.023   1.00 36.49 ? 161 PRO A CD  1 
ATOM   106 N N   . SER A 1 15 ? -1.333  -17.703 3.029   1.00 35.10 ? 162 SER A N   1 
ATOM   107 C CA  . SER A 1 15 ? -0.490  -16.891 3.880   1.00 34.87 ? 162 SER A CA  1 
ATOM   108 C C   . SER A 1 15 ? -0.904  -15.427 3.831   1.00 32.17 ? 162 SER A C   1 
ATOM   109 O O   . SER A 1 15 ? -0.102  -14.591 4.222   1.00 34.89 ? 162 SER A O   1 
ATOM   110 C CB  . SER A 1 15 ? 0.969   -16.996 3.438   1.00 35.55 ? 162 SER A CB  1 
ATOM   111 O OG  . SER A 1 15 ? 1.426   -18.349 3.449   1.00 39.92 ? 162 SER A OG  1 
ATOM   112 N N   . GLY A 1 16 ? -2.125  -15.111 3.409   1.00 28.97 ? 163 GLY A N   1 
ATOM   113 C CA  . GLY A 1 16 ? -2.542  -13.717 3.280   1.00 27.26 ? 163 GLY A CA  1 
ATOM   114 C C   . GLY A 1 16 ? -2.109  -13.149 1.936   1.00 25.27 ? 163 GLY A C   1 
ATOM   115 O O   . GLY A 1 16 ? -1.972  -13.864 0.947   1.00 25.87 ? 163 GLY A O   1 
ATOM   116 N N   . TYR A 1 17 ? -1.904  -11.838 1.906   1.00 22.90 ? 164 TYR A N   1 
ATOM   117 C CA  . TYR A 1 17 ? -1.490  -11.175 0.670   1.00 21.11 ? 164 TYR A CA  1 
ATOM   118 C C   . TYR A 1 17 ? -0.028  -11.269 0.400   1.00 22.11 ? 164 TYR A C   1 
ATOM   119 O O   . TYR A 1 17 ? 0.346   -11.204 -0.776  1.00 22.82 ? 164 TYR A O   1 
ATOM   120 C CB  . TYR A 1 17 ? -1.913  -9.713  0.656   1.00 20.93 ? 164 TYR A CB  1 
ATOM   121 C CG  . TYR A 1 17 ? -3.388  -9.438  0.821   1.00 20.51 ? 164 TYR A CG  1 
ATOM   122 C CD1 . TYR A 1 17 ? -4.301  -9.836  -0.128  1.00 22.61 ? 164 TYR A CD1 1 
ATOM   123 C CD2 . TYR A 1 17 ? -3.889  -8.766  1.960   1.00 21.56 ? 164 TYR A CD2 1 
ATOM   124 C CE1 . TYR A 1 17 ? -5.636  -9.613  0.030   1.00 21.51 ? 164 TYR A CE1 1 
ATOM   125 C CE2 . TYR A 1 17 ? -5.278  -8.537  2.099   1.00 22.47 ? 164 TYR A CE2 1 
ATOM   126 C CZ  . TYR A 1 17 ? -6.125  -8.958  1.137   1.00 22.81 ? 164 TYR A CZ  1 
ATOM   127 O OH  . TYR A 1 17 ? -7.476  -8.741  1.231   1.00 24.40 ? 164 TYR A OH  1 
ATOM   128 N N   . GLY A 1 18 ? 0.825   -11.300 1.432   1.00 21.41 ? 165 GLY A N   1 
ATOM   129 C CA  . GLY A 1 18 ? 2.240   -11.370 1.216   1.00 22.32 ? 165 GLY A CA  1 
ATOM   130 C C   . GLY A 1 18 ? 2.976   -10.040 1.122   1.00 20.98 ? 165 GLY A C   1 
ATOM   131 O O   . GLY A 1 18 ? 3.951   -9.915  0.341   1.00 22.20 ? 165 GLY A O   1 
ATOM   132 N N   . PHE A 1 19 ? 2.555   -9.063  1.913   1.00 20.81 ? 166 PHE A N   1 
ATOM   133 C CA  . PHE A 1 19 ? 3.355   -7.853  2.046   1.00 20.48 ? 166 PHE A CA  1 
ATOM   134 C C   . PHE A 1 19 ? 3.348   -7.352  3.467   1.00 20.64 ? 166 PHE A C   1 
ATOM   135 O O   . PHE A 1 19 ? 2.404   -7.638  4.230   1.00 21.34 ? 166 PHE A O   1 
ATOM   136 C CB  . PHE A 1 19 ? 2.883   -6.738  1.105   1.00 19.95 ? 166 PHE A CB  1 
ATOM   137 C CG  . PHE A 1 19 ? 1.546   -6.156  1.383   1.00 19.27 ? 166 PHE A CG  1 
ATOM   138 C CD1 . PHE A 1 19 ? 1.403   -5.017  2.209   1.00 20.68 ? 166 PHE A CD1 1 
ATOM   139 C CD2 . PHE A 1 19 ? 0.393   -6.747  0.911   1.00 20.09 ? 166 PHE A CD2 1 
ATOM   140 C CE1 . PHE A 1 19 ? 0.155   -4.474  2.447   1.00 22.61 ? 166 PHE A CE1 1 
ATOM   141 C CE2 . PHE A 1 19 ? -0.867  -6.219  1.182   1.00 20.69 ? 166 PHE A CE2 1 
ATOM   142 C CZ  . PHE A 1 19 ? -0.974  -5.067  1.948   1.00 23.08 ? 166 PHE A CZ  1 
ATOM   143 N N   . ASN A 1 20 ? 4.370   -6.555  3.785   1.00 20.57 ? 167 ASN A N   1 
ATOM   144 C CA  . ASN A 1 20 ? 4.464   -5.880  5.073   1.00 21.28 ? 167 ASN A CA  1 
ATOM   145 C C   . ASN A 1 20 ? 4.285   -4.387  4.826   1.00 21.24 ? 167 ASN A C   1 
ATOM   146 O O   . ASN A 1 20 ? 4.841   -3.860  3.884   1.00 22.10 ? 167 ASN A O   1 
ATOM   147 C CB  . ASN A 1 20 ? 5.810   -6.150  5.757   1.00 23.03 ? 167 ASN A CB  1 
ATOM   148 C CG  . ASN A 1 20 ? 5.790   -7.405  6.579   1.00 28.57 ? 167 ASN A CG  1 
ATOM   149 O OD1 . ASN A 1 20 ? 5.240   -8.423  6.144   1.00 33.24 ? 167 ASN A OD1 1 
ATOM   150 N ND2 . ASN A 1 20 ? 6.393   -7.354  7.771   1.00 36.58 ? 167 ASN A ND2 1 
ATOM   151 N N   . LEU A 1 21 ? 3.468   -3.755  5.656   1.00 22.51 ? 168 LEU A N   1 
ATOM   152 C CA  . LEU A 1 21 ? 3.138   -2.321  5.596   1.00 23.04 ? 168 LEU A CA  1 
ATOM   153 C C   . LEU A 1 21 ? 3.764   -1.613  6.799   1.00 21.57 ? 168 LEU A C   1 
ATOM   154 O O   . LEU A 1 21 ? 3.739   -2.179  7.880   1.00 22.50 ? 168 LEU A O   1 
ATOM   155 C CB  . LEU A 1 21 ? 1.598   -2.168  5.714   1.00 24.13 ? 168 LEU A CB  1 
ATOM   156 C CG  . LEU A 1 21 ? 0.994   -0.816  5.484   1.00 25.18 ? 168 LEU A CG  1 
ATOM   157 C CD1 . LEU A 1 21 ? 1.248   -0.374  3.994   1.00 26.84 ? 168 LEU A CD1 1 
ATOM   158 C CD2 . LEU A 1 21 ? -0.468  -0.759  5.790   1.00 25.16 ? 168 LEU A CD2 1 
ATOM   159 N N   . HIS A 1 22 ? 4.324   -0.418  6.619   1.00 20.00 ? 169 HIS A N   1 
ATOM   160 C CA  . HIS A 1 22 ? 4.932   0.287   7.723   1.00 20.77 ? 169 HIS A CA  1 
ATOM   161 C C   . HIS A 1 22 ? 4.922   1.787   7.612   1.00 22.06 ? 169 HIS A C   1 
ATOM   162 O O   . HIS A 1 22 ? 4.848   2.363   6.554   1.00 21.91 ? 169 HIS A O   1 
ATOM   163 C CB  . HIS A 1 22 ? 6.350   -0.187  7.999   1.00 22.65 ? 169 HIS A CB  1 
ATOM   164 C CG  . HIS A 1 22 ? 7.392   0.241   7.020   1.00 23.89 ? 169 HIS A CG  1 
ATOM   165 N ND1 . HIS A 1 22 ? 8.726   0.313   7.376   1.00 32.55 ? 169 HIS A ND1 1 
ATOM   166 C CD2 . HIS A 1 22 ? 7.354   0.432   5.684   1.00 23.71 ? 169 HIS A CD2 1 
ATOM   167 C CE1 . HIS A 1 22 ? 9.441   0.630   6.304   1.00 32.85 ? 169 HIS A CE1 1 
ATOM   168 N NE2 . HIS A 1 22 ? 8.628   0.717   5.258   1.00 27.48 ? 169 HIS A NE2 1 
ATOM   169 N N   . SER A 1 23 ? 4.992   2.402   8.789   1.00 22.87 ? 170 SER A N   1 
ATOM   170 C CA  . SER A 1 23 ? 5.163   3.830   8.900   1.00 23.76 ? 170 SER A CA  1 
ATOM   171 C C   . SER A 1 23 ? 6.616   4.200   8.669   1.00 25.00 ? 170 SER A C   1 
ATOM   172 O O   . SER A 1 23 ? 7.514   3.397   8.913   1.00 28.43 ? 170 SER A O   1 
ATOM   173 C CB  . SER A 1 23 ? 4.775   4.268   10.303  1.00 24.14 ? 170 SER A CB  1 
ATOM   174 O OG  . SER A 1 23 ? 3.448   3.950   10.551  1.00 27.50 ? 170 SER A OG  1 
ATOM   175 N N   . ASP A 1 24 ? 6.836   5.468   8.338   1.00 27.32 ? 171 ASP A N   1 
ATOM   176 C CA  . ASP A 1 24 ? 8.179   6.023   8.210   1.00 28.64 ? 171 ASP A CA  1 
ATOM   177 C C   . ASP A 1 24 ? 8.390   7.039   9.324   1.00 30.72 ? 171 ASP A C   1 
ATOM   178 O O   . ASP A 1 24 ? 7.489   7.766   9.649   1.00 31.14 ? 171 ASP A O   1 
ATOM   179 C CB  . ASP A 1 24 ? 8.356   6.625   6.817   1.00 28.91 ? 171 ASP A CB  1 
ATOM   180 C CG  . ASP A 1 24 ? 9.758   7.028   6.536   1.00 32.34 ? 171 ASP A CG  1 
ATOM   181 O OD1 . ASP A 1 24 ? 10.474  6.250   5.901   1.00 37.96 ? 171 ASP A OD1 1 
ATOM   182 O OD2 . ASP A 1 24 ? 10.130  8.125   6.975   1.00 35.31 ? 171 ASP A OD2 1 
ATOM   183 N N   . LYS A 1 25 ? 9.582   7.084   9.890   1.00 33.54 ? 172 LYS A N   1 
ATOM   184 C CA  A LYS A 1 25 ? 9.852   7.935   11.044  0.50 35.12 ? 172 LYS A CA  1 
ATOM   185 C CA  B LYS A 1 25 ? 9.787   7.949   11.042  0.50 34.59 ? 172 LYS A CA  1 
ATOM   186 C C   . LYS A 1 25 ? 9.891   9.405   10.614  1.00 36.51 ? 172 LYS A C   1 
ATOM   187 O O   . LYS A 1 25 ? 9.657   10.298  11.432  1.00 38.17 ? 172 LYS A O   1 
ATOM   188 C CB  A LYS A 1 25 ? 11.181  7.521   11.720  0.50 35.64 ? 172 LYS A CB  1 
ATOM   189 C CB  B LYS A 1 25 ? 11.034  7.547   11.811  0.50 34.85 ? 172 LYS A CB  1 
ATOM   190 C CG  A LYS A 1 25 ? 11.143  6.208   12.537  0.50 36.12 ? 172 LYS A CG  1 
ATOM   191 C CG  B LYS A 1 25 ? 12.292  8.172   11.250  0.50 33.95 ? 172 LYS A CG  1 
ATOM   192 C CD  A LYS A 1 25 ? 12.492  5.916   13.250  0.50 35.99 ? 172 LYS A CD  1 
ATOM   193 C CD  B LYS A 1 25 ? 13.447  7.932   12.168  0.50 34.73 ? 172 LYS A CD  1 
ATOM   194 C CE  A LYS A 1 25 ? 13.387  4.987   12.445  0.50 36.82 ? 172 LYS A CE  1 
ATOM   195 C CE  B LYS A 1 25 ? 14.634  8.725   11.715  0.50 35.39 ? 172 LYS A CE  1 
ATOM   196 N NZ  A LYS A 1 25 ? 14.511  4.463   13.275  0.50 34.90 ? 172 LYS A NZ  1 
ATOM   197 N NZ  B LYS A 1 25 ? 15.664  8.767   12.777  0.50 32.92 ? 172 LYS A NZ  1 
ATOM   198 N N   . SER A 1 26 ? 10.204  9.634   9.323   1.00 38.79 ? 173 SER A N   1 
ATOM   199 C CA  . SER A 1 26 ? 10.460  10.978  8.774   1.00 40.61 ? 173 SER A CA  1 
ATOM   200 C C   . SER A 1 26 ? 9.415   11.519  7.812   1.00 41.42 ? 173 SER A C   1 
ATOM   201 O O   . SER A 1 26 ? 9.391   12.725  7.557   1.00 43.51 ? 173 SER A O   1 
ATOM   202 C CB  A SER A 1 26 ? 11.837  11.036  8.101   0.50 40.90 ? 173 SER A CB  1 
ATOM   203 C CB  B SER A 1 26 ? 11.827  10.996  8.075   0.50 40.85 ? 173 SER A CB  1 
ATOM   204 O OG  A SER A 1 26 ? 12.885  10.869  9.042   0.50 41.47 ? 173 SER A OG  1 
ATOM   205 O OG  B SER A 1 26 ? 11.909  9.998   7.059   0.50 41.14 ? 173 SER A OG  1 
ATOM   206 N N   . LYS A 1 27 ? 8.580   10.683  7.218   1.00 40.39 ? 174 LYS A N   1 
ATOM   207 C CA  . LYS A 1 27 ? 7.578   11.224  6.303   1.00 40.21 ? 174 LYS A CA  1 
ATOM   208 C C   . LYS A 1 27 ? 6.251   10.538  6.409   1.00 38.21 ? 174 LYS A C   1 
ATOM   209 O O   . LYS A 1 27 ? 6.200   9.407   6.879   1.00 38.67 ? 174 LYS A O   1 
ATOM   210 C CB  . LYS A 1 27 ? 8.088   11.194  4.896   1.00 41.42 ? 174 LYS A CB  1 
ATOM   211 C CG  . LYS A 1 27 ? 8.399   9.852   4.367   1.00 43.16 ? 174 LYS A CG  1 
ATOM   212 C CD  . LYS A 1 27 ? 9.375   10.009  3.197   1.00 44.53 ? 174 LYS A CD  1 
ATOM   213 C CE  . LYS A 1 27 ? 9.606   8.695   2.507   1.00 47.44 ? 174 LYS A CE  1 
ATOM   214 N NZ  . LYS A 1 27 ? 9.925   8.906   1.087   1.00 49.63 ? 174 LYS A NZ  1 
ATOM   215 N N   . PRO A 1 28 ? 5.167   11.250  6.054   1.00 36.29 ? 175 PRO A N   1 
ATOM   216 C CA  . PRO A 1 28 ? 3.841   10.759  6.309   1.00 34.90 ? 175 PRO A CA  1 
ATOM   217 C C   . PRO A 1 28 ? 3.510   9.642   5.326   1.00 32.16 ? 175 PRO A C   1 
ATOM   218 O O   . PRO A 1 28 ? 4.039   9.598   4.220   1.00 32.47 ? 175 PRO A O   1 
ATOM   219 C CB  . PRO A 1 28 ? 2.955   11.974  6.069   1.00 36.37 ? 175 PRO A CB  1 
ATOM   220 C CG  . PRO A 1 28 ? 3.725   12.831  5.143   1.00 36.51 ? 175 PRO A CG  1 
ATOM   221 C CD  . PRO A 1 28 ? 5.149   12.605  5.454   1.00 35.84 ? 175 PRO A CD  1 
ATOM   222 N N   . GLY A 1 29 ? 2.584   8.813   5.738   1.00 29.13 ? 176 GLY A N   1 
ATOM   223 C CA  . GLY A 1 29 ? 2.034   7.767   4.908   1.00 26.97 ? 176 GLY A CA  1 
ATOM   224 C C   . GLY A 1 29 ? 2.440   6.375   5.310   1.00 24.20 ? 176 GLY A C   1 
ATOM   225 O O   . GLY A 1 29 ? 3.285   6.141   6.152   1.00 25.52 ? 176 GLY A O   1 
ATOM   226 N N   . GLN A 1 30 ? 1.817   5.425   4.627   1.00 23.00 ? 177 GLN A N   1 
ATOM   227 C CA  . GLN A 1 30 ? 2.054   4.024   4.831   1.00 22.00 ? 177 GLN A CA  1 
ATOM   228 C C   . GLN A 1 30 ? 2.693   3.444   3.591   1.00 20.08 ? 177 GLN A C   1 
ATOM   229 O O   . GLN A 1 30 ? 2.205   3.604   2.475   1.00 20.75 ? 177 GLN A O   1 
ATOM   230 C CB  . GLN A 1 30 ? 0.794   3.289   5.161   1.00 22.76 ? 177 GLN A CB  1 
ATOM   231 C CG  . GLN A 1 30 ? 0.171   3.738   6.493   1.00 24.52 ? 177 GLN A CG  1 
ATOM   232 C CD  . GLN A 1 30 ? 1.081   3.423   7.602   1.00 26.06 ? 177 GLN A CD  1 
ATOM   233 O OE1 . GLN A 1 30 ? 1.603   2.285   7.709   1.00 28.97 ? 177 GLN A OE1 1 
ATOM   234 N NE2 . GLN A 1 30 ? 1.357   4.423   8.417   1.00 28.30 ? 177 GLN A NE2 1 
ATOM   235 N N   . PHE A 1 31 ? 3.822   2.771   3.832   1.00 19.69 ? 178 PHE A N   1 
ATOM   236 C CA  . PHE A 1 31 ? 4.719   2.296   2.781   1.00 19.10 ? 178 PHE A CA  1 
ATOM   237 C C   . PHE A 1 31 ? 4.844   0.794   2.809   1.00 18.88 ? 178 PHE A C   1 
ATOM   238 O O   . PHE A 1 31 ? 4.771   0.164   3.849   1.00 19.73 ? 178 PHE A O   1 
ATOM   239 C CB  . PHE A 1 31 ? 6.103   2.912   2.978   1.00 20.14 ? 178 PHE A CB  1 
ATOM   240 C CG  . PHE A 1 31 ? 6.091   4.397   2.892   1.00 19.29 ? 178 PHE A CG  1 
ATOM   241 C CD1 . PHE A 1 31 ? 6.367   5.007   1.694   1.00 20.47 ? 178 PHE A CD1 1 
ATOM   242 C CD2 . PHE A 1 31 ? 5.878   5.170   3.991   1.00 22.46 ? 178 PHE A CD2 1 
ATOM   243 C CE1 . PHE A 1 31 ? 6.400   6.388   1.563   1.00 22.38 ? 178 PHE A CE1 1 
ATOM   244 C CE2 . PHE A 1 31 ? 5.944   6.547   3.851   1.00 22.34 ? 178 PHE A CE2 1 
ATOM   245 C CZ  . PHE A 1 31 ? 6.194   7.145   2.624   1.00 21.29 ? 178 PHE A CZ  1 
ATOM   246 N N   . ILE A 1 32 ? 5.032   0.200   1.643   1.00 18.77 ? 179 ILE A N   1 
ATOM   247 C CA  A ILE A 1 32 ? 5.311   -1.238  1.538   0.70 18.47 ? 179 ILE A CA  1 
ATOM   248 C CA  B ILE A 1 32 ? 5.266   -1.236  1.619   0.30 19.82 ? 179 ILE A CA  1 
ATOM   249 C C   . ILE A 1 32 ? 6.748   -1.516  1.956   1.00 19.91 ? 179 ILE A C   1 
ATOM   250 O O   . ILE A 1 32 ? 7.686   -1.078  1.283   1.00 21.02 ? 179 ILE A O   1 
ATOM   251 C CB  A ILE A 1 32 ? 5.094   -1.741  0.103   0.70 17.24 ? 179 ILE A CB  1 
ATOM   252 C CB  B ILE A 1 32 ? 4.663   -1.875  0.341   0.30 20.46 ? 179 ILE A CB  1 
ATOM   253 C CG1 A ILE A 1 32 ? 3.691   -1.364  -0.376  0.70 17.85 ? 179 ILE A CG1 1 
ATOM   254 C CG1 B ILE A 1 32 ? 5.479   -2.962  -0.325  0.30 21.91 ? 179 ILE A CG1 1 
ATOM   255 C CG2 A ILE A 1 32 ? 5.193   -3.255  0.128   0.70 17.34 ? 179 ILE A CG2 1 
ATOM   256 C CG2 B ILE A 1 32 ? 3.287   -1.157  -0.097  0.30 20.05 ? 179 ILE A CG2 1 
ATOM   257 C CD1 A ILE A 1 32 ? 2.501   -1.740  0.593   0.70 17.81 ? 179 ILE A CD1 1 
ATOM   258 C CD1 B ILE A 1 32 ? 4.743   -3.565  -1.391  0.30 23.94 ? 179 ILE A CD1 1 
ATOM   259 N N   . ARG A 1 33 ? 6.949   -2.211  3.076   1.00 20.26 ? 180 ARG A N   1 
ATOM   260 C CA  . ARG A 1 33 ? 8.299   -2.562  3.469   1.00 20.98 ? 180 ARG A CA  1 
ATOM   261 C C   . ARG A 1 33 ? 8.906   -3.653  2.575   1.00 21.27 ? 180 ARG A C   1 
ATOM   262 O O   . ARG A 1 33 ? 10.090  -3.621  2.226   1.00 22.02 ? 180 ARG A O   1 
ATOM   263 C CB  . ARG A 1 33 ? 8.340   -2.986  4.942   1.00 22.69 ? 180 ARG A CB  1 
ATOM   264 C CG  . ARG A 1 33 ? 9.782   -3.252  5.412   1.00 28.21 ? 180 ARG A CG  1 
ATOM   265 C CD  . ARG A 1 33 ? 9.960   -3.038  6.866   1.00 35.17 ? 180 ARG A CD  1 
ATOM   266 N NE  . ARG A 1 33 ? 11.383  -2.886  7.183   1.00 38.94 ? 180 ARG A NE  1 
ATOM   267 C CZ  . ARG A 1 33 ? 11.910  -3.146  8.379   1.00 38.52 ? 180 ARG A CZ  1 
ATOM   268 N NH1 . ARG A 1 33 ? 11.140  -3.600  9.357   1.00 38.76 ? 180 ARG A NH1 1 
ATOM   269 N NH2 . ARG A 1 33 ? 13.216  -2.981  8.565   1.00 41.45 ? 180 ARG A NH2 1 
ATOM   270 N N   . SER A 1 34 ? 8.095   -4.656  2.259   1.00 20.13 ? 181 SER A N   1 
ATOM   271 C CA  . SER A 1 34 ? 8.540   -5.843  1.558   1.00 20.54 ? 181 SER A CA  1 
ATOM   272 C C   . SER A 1 34 ? 7.342   -6.514  0.901   1.00 20.31 ? 181 SER A C   1 
ATOM   273 O O   . SER A 1 34 ? 6.227   -6.370  1.349   1.00 20.16 ? 181 SER A O   1 
ATOM   274 C CB  . SER A 1 34 ? 9.220   -6.835  2.529   1.00 21.87 ? 181 SER A CB  1 
ATOM   275 O OG  . SER A 1 34 ? 8.376   -7.220  3.601   1.00 26.53 ? 181 SER A OG  1 
ATOM   276 N N   . VAL A 1 35 ? 7.619   -7.281  -0.149  1.00 20.19 ? 182 VAL A N   1 
ATOM   277 C CA  . VAL A 1 35 ? 6.665   -8.080  -0.892  1.00 21.80 ? 182 VAL A CA  1 
ATOM   278 C C   . VAL A 1 35 ? 7.254   -9.500  -1.058  1.00 21.61 ? 182 VAL A C   1 
ATOM   279 O O   . VAL A 1 35 ? 8.360   -9.666  -1.560  1.00 23.72 ? 182 VAL A O   1 
ATOM   280 C CB  . VAL A 1 35 ? 6.353   -7.464  -2.243  1.00 20.71 ? 182 VAL A CB  1 
ATOM   281 C CG1 . VAL A 1 35 ? 5.311   -8.268  -3.017  1.00 23.61 ? 182 VAL A CG1 1 
ATOM   282 C CG2 . VAL A 1 35 ? 5.876   -6.032  -2.111  1.00 22.20 ? 182 VAL A CG2 1 
ATOM   283 N N   . ASP A 1 36 ? 6.509   -10.503 -0.585  1.00 24.02 ? 183 ASP A N   1 
ATOM   284 C CA  . ASP A 1 36 ? 7.016   -11.830 -0.586  1.00 24.15 ? 183 ASP A CA  1 
ATOM   285 C C   . ASP A 1 36 ? 7.040   -12.387 -2.019  1.00 24.70 ? 183 ASP A C   1 
ATOM   286 O O   . ASP A 1 36 ? 6.100   -12.142 -2.811  1.00 24.20 ? 183 ASP A O   1 
ATOM   287 C CB  . ASP A 1 36 ? 6.111   -12.729 0.279   1.00 25.69 ? 183 ASP A CB  1 
ATOM   288 C CG  . ASP A 1 36 ? 6.133   -12.385 1.744   1.00 28.69 ? 183 ASP A CG  1 
ATOM   289 O OD1 . ASP A 1 36 ? 6.992   -11.611 2.225   1.00 36.45 ? 183 ASP A OD1 1 
ATOM   290 O OD2 . ASP A 1 36 ? 5.270   -12.940 2.456   1.00 34.06 ? 183 ASP A OD2 1 
ATOM   291 N N   . PRO A 1 37 ? 8.053   -13.202 -2.343  1.00 25.16 ? 184 PRO A N   1 
ATOM   292 C CA  A PRO A 1 37 ? 8.080   -13.904 -3.614  0.50 25.93 ? 184 PRO A CA  1 
ATOM   293 C CA  B PRO A 1 37 ? 8.040   -13.804 -3.651  0.50 26.16 ? 184 PRO A CA  1 
ATOM   294 C C   . PRO A 1 37 ? 6.868   -14.775 -3.810  1.00 25.81 ? 184 PRO A C   1 
ATOM   295 O O   . PRO A 1 37 ? 6.412   -15.422 -2.846  1.00 26.81 ? 184 PRO A O   1 
ATOM   296 C CB  A PRO A 1 37 ? 9.316   -14.783 -3.482  0.50 26.25 ? 184 PRO A CB  1 
ATOM   297 C CB  B PRO A 1 37 ? 9.379   -14.514 -3.703  0.50 26.47 ? 184 PRO A CB  1 
ATOM   298 C CG  A PRO A 1 37 ? 10.248  -13.986 -2.684  0.50 24.71 ? 184 PRO A CG  1 
ATOM   299 C CG  B PRO A 1 37 ? 9.658   -14.851 -2.267  0.50 26.18 ? 184 PRO A CG  1 
ATOM   300 C CD  A PRO A 1 37 ? 9.329   -13.403 -1.619  0.50 25.50 ? 184 PRO A CD  1 
ATOM   301 C CD  B PRO A 1 37 ? 9.214   -13.640 -1.543  0.50 25.98 ? 184 PRO A CD  1 
ATOM   302 N N   . ASP A 1 38 ? 6.379   -14.844 -5.021  1.00 26.60 ? 185 ASP A N   1 
ATOM   303 C CA  . ASP A 1 38 ? 5.325   -15.782 -5.368  1.00 26.68 ? 185 ASP A CA  1 
ATOM   304 C C   . ASP A 1 38 ? 4.018   -15.572 -4.633  1.00 25.08 ? 185 ASP A C   1 
ATOM   305 O O   . ASP A 1 38 ? 3.220   -16.491 -4.484  1.00 28.38 ? 185 ASP A O   1 
ATOM   306 C CB  . ASP A 1 38 ? 5.801   -17.231 -5.234  1.00 27.78 ? 185 ASP A CB  1 
ATOM   307 C CG  . ASP A 1 38 ? 7.148   -17.474 -5.953  1.00 30.89 ? 185 ASP A CG  1 
ATOM   308 O OD1 . ASP A 1 38 ? 7.203   -17.187 -7.171  1.00 35.19 ? 185 ASP A OD1 1 
ATOM   309 O OD2 . ASP A 1 38 ? 8.172   -17.856 -5.299  1.00 37.17 ? 185 ASP A OD2 1 
ATOM   310 N N   . SER A 1 39 ? 3.790   -14.336 -4.196  1.00 23.92 ? 186 SER A N   1 
ATOM   311 C CA  . SER A 1 39 ? 2.567   -13.946 -3.467  1.00 22.48 ? 186 SER A CA  1 
ATOM   312 C C   . SER A 1 39 ? 1.537   -13.237 -4.302  1.00 22.31 ? 186 SER A C   1 
ATOM   313 O O   . SER A 1 39 ? 1.877   -12.726 -5.380  1.00 22.14 ? 186 SER A O   1 
ATOM   314 C CB  . SER A 1 39 ? 2.929   -12.982 -2.338  1.00 21.95 ? 186 SER A CB  1 
ATOM   315 O OG  . SER A 1 39 ? 3.463   -11.762 -2.857  1.00 22.52 ? 186 SER A OG  1 
ATOM   316 N N   . PRO A 1 40 ? 0.293   -13.131 -3.810  1.00 22.12 ? 187 PRO A N   1 
ATOM   317 C CA  . PRO A 1 40 ? -0.705  -12.291 -4.472  1.00 22.01 ? 187 PRO A CA  1 
ATOM   318 C C   . PRO A 1 40 ? -0.213  -10.862 -4.630  1.00 21.05 ? 187 PRO A C   1 
ATOM   319 O O   . PRO A 1 40 ? -0.454  -10.223 -5.661  1.00 21.25 ? 187 PRO A O   1 
ATOM   320 C CB  . PRO A 1 40 ? -1.929  -12.367 -3.542  1.00 22.77 ? 187 PRO A CB  1 
ATOM   321 C CG  . PRO A 1 40 ? -1.782  -13.746 -2.987  1.00 23.59 ? 187 PRO A CG  1 
ATOM   322 C CD  . PRO A 1 40 ? -0.320  -13.916 -2.713  1.00 23.36 ? 187 PRO A CD  1 
ATOM   323 N N   . ALA A 1 41 ? 0.440   -10.348 -3.609  1.00 20.49 ? 188 ALA A N   1 
ATOM   324 C CA  . ALA A 1 41 ? 0.916   -8.960  -3.658  1.00 19.93 ? 188 ALA A CA  1 
ATOM   325 C C   . ALA A 1 41 ? 1.941   -8.835  -4.825  1.00 18.80 ? 188 ALA A C   1 
ATOM   326 O O   . ALA A 1 41 ? 1.903   -7.885  -5.610  1.00 19.14 ? 188 ALA A O   1 
ATOM   327 C CB  . ALA A 1 41 ? 1.555   -8.594  -2.338  1.00 20.37 ? 188 ALA A CB  1 
ATOM   328 N N   . GLU A 1 42 ? 2.878   -9.767  -4.953  1.00 19.21 ? 189 GLU A N   1 
ATOM   329 C CA  . GLU A 1 42 ? 3.866   -9.706  -6.017  1.00 20.67 ? 189 GLU A CA  1 
ATOM   330 C C   . GLU A 1 42 ? 3.141   -9.747  -7.384  1.00 20.29 ? 189 GLU A C   1 
ATOM   331 O O   . GLU A 1 42 ? 3.455   -8.955  -8.276  1.00 19.70 ? 189 GLU A O   1 
ATOM   332 C CB  . GLU A 1 42 ? 4.907   -10.825 -5.939  1.00 21.84 ? 189 GLU A CB  1 
ATOM   333 C CG  . GLU A 1 42 ? 5.949   -10.730 -7.020  1.00 23.32 ? 189 GLU A CG  1 
ATOM   334 C CD  . GLU A 1 42 ? 6.958   -11.831 -6.897  1.00 25.75 ? 189 GLU A CD  1 
ATOM   335 O OE1 . GLU A 1 42 ? 6.629   -12.978 -7.245  1.00 30.92 ? 189 GLU A OE1 1 
ATOM   336 O OE2 . GLU A 1 42 ? 8.078   -11.574 -6.397  1.00 30.75 ? 189 GLU A OE2 1 
ATOM   337 N N   . ALA A 1 43 ? 2.195   -10.668 -7.540  1.00 19.31 ? 190 ALA A N   1 
ATOM   338 C CA  . ALA A 1 43 ? 1.486   -10.794 -8.808  1.00 19.99 ? 190 ALA A CA  1 
ATOM   339 C C   . ALA A 1 43 ? 0.707   -9.540  -9.219  1.00 20.70 ? 190 ALA A C   1 
ATOM   340 O O   . ALA A 1 43 ? 0.484   -9.267  -10.398 1.00 23.53 ? 190 ALA A O   1 
ATOM   341 C CB  . ALA A 1 43 ? 0.560   -12.014 -8.776  1.00 20.63 ? 190 ALA A CB  1 
ATOM   342 N N   . SER A 1 44 ? 0.281   -8.758  -8.242  1.00 19.74 ? 191 SER A N   1 
ATOM   343 C CA  . SER A 1 44 ? -0.454  -7.520  -8.459  1.00 20.23 ? 191 SER A CA  1 
ATOM   344 C C   . SER A 1 44 ? 0.390   -6.381  -8.950  1.00 19.94 ? 191 SER A C   1 
ATOM   345 O O   . SER A 1 44 ? -0.160  -5.365  -9.385  1.00 20.92 ? 191 SER A O   1 
ATOM   346 C CB  . SER A 1 44 ? -1.174  -7.075  -7.184  1.00 20.81 ? 191 SER A CB  1 
ATOM   347 O OG  . SER A 1 44 ? -0.272  -6.430  -6.291  1.00 21.69 ? 191 SER A OG  1 
ATOM   348 N N   . GLY A 1 45 ? 1.706   -6.537  -8.853  1.00 18.78 ? 192 GLY A N   1 
ATOM   349 C CA  . GLY A 1 45 ? 2.672   -5.492  -9.251  1.00 18.70 ? 192 GLY A CA  1 
ATOM   350 C C   . GLY A 1 45 ? 3.105   -4.569  -8.135  1.00 19.24 ? 192 GLY A C   1 
ATOM   351 O O   . GLY A 1 45 ? 3.792   -3.602  -8.375  1.00 20.02 ? 192 GLY A O   1 
ATOM   352 N N   . LEU A 1 46 ? 2.755   -4.900  -6.898  1.00 18.65 ? 193 LEU A N   1 
ATOM   353 C CA  . LEU A 1 46 ? 3.147   -4.074  -5.718  1.00 18.24 ? 193 LEU A CA  1 
ATOM   354 C C   . LEU A 1 46 ? 4.682   -4.218  -5.543  1.00 19.37 ? 193 LEU A C   1 
ATOM   355 O O   . LEU A 1 46 ? 5.233   -5.281  -5.702  1.00 20.28 ? 193 LEU A O   1 
ATOM   356 C CB  . LEU A 1 46 ? 2.417   -4.593  -4.463  1.00 19.00 ? 193 LEU A CB  1 
ATOM   357 C CG  . LEU A 1 46 ? 2.437   -3.734  -3.211  1.00 18.01 ? 193 LEU A CG  1 
ATOM   358 C CD1 . LEU A 1 46 ? 1.589   -2.442  -3.395  1.00 19.46 ? 193 LEU A CD1 1 
ATOM   359 C CD2 . LEU A 1 46 ? 1.919   -4.555  -2.039  1.00 20.47 ? 193 LEU A CD2 1 
ATOM   360 N N   . ARG A 1 47 ? 5.336   -3.130  -5.155  1.00 18.87 ? 194 ARG A N   1 
ATOM   361 C CA  . ARG A 1 47 ? 6.772   -3.065  -4.939  1.00 18.21 ? 194 ARG A CA  1 
ATOM   362 C C   . ARG A 1 47 ? 7.116   -2.430  -3.613  1.00 17.43 ? 194 ARG A C   1 
ATOM   363 O O   . ARG A 1 47 ? 6.385   -1.542  -3.132  1.00 19.11 ? 194 ARG A O   1 
ATOM   364 C CB  . ARG A 1 47 ? 7.521   -2.334  -6.063  1.00 18.40 ? 194 ARG A CB  1 
ATOM   365 C CG  . ARG A 1 47 ? 7.369   -2.987  -7.399  1.00 20.56 ? 194 ARG A CG  1 
ATOM   366 C CD  . ARG A 1 47 ? 8.267   -2.287  -8.436  1.00 19.17 ? 194 ARG A CD  1 
ATOM   367 N NE  . ARG A 1 47 ? 8.075   -2.850  -9.776  1.00 17.98 ? 194 ARG A NE  1 
ATOM   368 C CZ  . ARG A 1 47 ? 8.781   -2.519  -10.840 1.00 19.92 ? 194 ARG A CZ  1 
ATOM   369 N NH1 . ARG A 1 47 ? 9.799   -1.692  -10.753 1.00 21.15 ? 194 ARG A NH1 1 
ATOM   370 N NH2 . ARG A 1 47 ? 8.537   -3.153  -11.985 1.00 20.60 ? 194 ARG A NH2 1 
ATOM   371 N N   . ALA A 1 48 ? 8.234   -2.844  -3.054  1.00 18.44 ? 195 ALA A N   1 
ATOM   372 C CA  . ALA A 1 48 ? 8.766   -2.186  -1.873  1.00 18.51 ? 195 ALA A CA  1 
ATOM   373 C C   . ALA A 1 48 ? 8.923   -0.686  -2.094  1.00 20.24 ? 195 ALA A C   1 
ATOM   374 O O   . ALA A 1 48 ? 9.355   -0.256  -3.180  1.00 20.29 ? 195 ALA A O   1 
ATOM   375 C CB  . ALA A 1 48 ? 10.066  -2.797  -1.445  1.00 21.00 ? 195 ALA A CB  1 
ATOM   376 N N   . GLN A 1 49 ? 8.572   0.072   -1.054  1.00 19.79 ? 196 GLN A N   1 
ATOM   377 C CA  . GLN A 1 49 ? 8.612   1.517   -1.003  1.00 21.88 ? 196 GLN A CA  1 
ATOM   378 C C   . GLN A 1 49 ? 7.441   2.198   -1.696  1.00 21.01 ? 196 GLN A C   1 
ATOM   379 O O   . GLN A 1 49 ? 7.316   3.427   -1.611  1.00 22.33 ? 196 GLN A O   1 
ATOM   380 C CB  . GLN A 1 49 ? 9.958   2.103   -1.421  1.00 23.64 ? 196 GLN A CB  1 
ATOM   381 C CG  . GLN A 1 49 ? 11.121  1.755   -0.514  1.00 26.49 ? 196 GLN A CG  1 
ATOM   382 C CD  . GLN A 1 49 ? 12.440  2.542   -0.863  1.00 30.38 ? 196 GLN A CD  1 
ATOM   383 N N   . ASP A 1 50 ? 6.538   1.413   -2.264  1.00 19.60 ? 197 ASP A N   1 
ATOM   384 C CA  . ASP A 1 50 ? 5.266   2.011   -2.706  1.00 18.42 ? 197 ASP A CA  1 
ATOM   385 C C   . ASP A 1 50 ? 4.530   2.625   -1.500  1.00 17.56 ? 197 ASP A C   1 
ATOM   386 O O   . ASP A 1 50 ? 4.585   2.077   -0.409  1.00 18.43 ? 197 ASP A O   1 
ATOM   387 C CB  . ASP A 1 50 ? 4.360   0.985   -3.357  1.00 18.16 ? 197 ASP A CB  1 
ATOM   388 C CG  . ASP A 1 50 ? 4.789   0.591   -4.787  1.00 20.25 ? 197 ASP A CG  1 
ATOM   389 O OD1 . ASP A 1 50 ? 5.616   1.277   -5.414  1.00 22.05 ? 197 ASP A OD1 1 
ATOM   390 O OD2 . ASP A 1 50 ? 4.212   -0.398  -5.328  1.00 21.66 ? 197 ASP A OD2 1 
ATOM   391 N N   . ARG A 1 51 ? 3.806   3.729   -1.698  1.00 19.01 ? 198 ARG A N   1 
ATOM   392 C CA  . ARG A 1 51 ? 3.010   4.410   -0.689  1.00 19.14 ? 198 ARG A CA  1 
ATOM   393 C C   . ARG A 1 51 ? 1.531   4.260   -1.019  1.00 18.22 ? 198 ARG A C   1 
ATOM   394 O O   . ARG A 1 51 ? 1.112   4.542   -2.149  1.00 19.37 ? 198 ARG A O   1 
ATOM   395 C CB  . ARG A 1 51 ? 3.419   5.850   -0.630  1.00 19.32 ? 198 ARG A CB  1 
ATOM   396 C CG  . ARG A 1 51 ? 2.579   6.617   0.353   1.00 21.07 ? 198 ARG A CG  1 
ATOM   397 C CD  . ARG A 1 51 ? 3.102   7.986   0.675   1.00 23.36 ? 198 ARG A CD  1 
ATOM   398 N NE  . ARG A 1 51 ? 3.445   8.773   -0.495  1.00 27.79 ? 198 ARG A NE  1 
ATOM   399 C CZ  . ARG A 1 51 ? 2.664   9.674   -1.077  1.00 26.67 ? 198 ARG A CZ  1 
ATOM   400 N NH1 . ARG A 1 51 ? 3.161   10.361  -2.083  1.00 27.83 ? 198 ARG A NH1 1 
ATOM   401 N NH2 . ARG A 1 51 ? 1.438   9.938   -0.627  1.00 28.87 ? 198 ARG A NH2 1 
ATOM   402 N N   . ILE A 1 52 ? 0.717   3.848   -0.037  1.00 19.60 ? 199 ILE A N   1 
ATOM   403 C CA  . ILE A 1 52 ? -0.700  3.624   -0.233  1.00 20.15 ? 199 ILE A CA  1 
ATOM   404 C C   . ILE A 1 52 ? -1.435  4.955   -0.199  1.00 20.62 ? 199 ILE A C   1 
ATOM   405 O O   . ILE A 1 52 ? -1.412  5.651   0.805   1.00 22.95 ? 199 ILE A O   1 
ATOM   406 C CB  . ILE A 1 52 ? -1.263  2.661   0.795   1.00 20.94 ? 199 ILE A CB  1 
ATOM   407 C CG1 . ILE A 1 52 ? -0.635  1.269   0.671   1.00 20.80 ? 199 ILE A CG1 1 
ATOM   408 C CG2 . ILE A 1 52 ? -2.771  2.600   0.681   1.00 22.76 ? 199 ILE A CG2 1 
ATOM   409 C CD1 . ILE A 1 52 ? -1.075  0.259   1.739   1.00 23.13 ? 199 ILE A CD1 1 
ATOM   410 N N   . VAL A 1 53 ? -2.159  5.273   -1.278  1.00 20.55 ? 200 VAL A N   1 
ATOM   411 C CA  . VAL A 1 53 ? -2.962  6.493   -1.310  1.00 22.02 ? 200 VAL A CA  1 
ATOM   412 C C   . VAL A 1 53 ? -4.460  6.206   -1.246  1.00 21.35 ? 200 VAL A C   1 
ATOM   413 O O   . VAL A 1 53 ? -5.207  7.050   -0.759  1.00 22.97 ? 200 VAL A O   1 
ATOM   414 C CB  . VAL A 1 53 ? -2.554  7.416   -2.426  1.00 24.20 ? 200 VAL A CB  1 
ATOM   415 C CG1 . VAL A 1 53 ? -1.067  7.900   -2.251  1.00 26.25 ? 200 VAL A CG1 1 
ATOM   416 C CG2 . VAL A 1 53 ? -2.753  6.761   -3.735  1.00 22.69 ? 200 VAL A CG2 1 
ATOM   417 N N   . GLU A 1 54 ? -4.909  5.021   -1.705  1.00 21.91 ? 201 GLU A N   1 
ATOM   418 C CA  . GLU A 1 54 ? -6.314  4.606   -1.530  1.00 22.59 ? 201 GLU A CA  1 
ATOM   419 C C   . GLU A 1 54 ? -6.372  3.120   -1.201  1.00 22.57 ? 201 GLU A C   1 
ATOM   420 O O   . GLU A 1 54 ? -5.553  2.347   -1.667  1.00 20.92 ? 201 GLU A O   1 
ATOM   421 C CB  . GLU A 1 54 ? -7.215  4.875   -2.746  1.00 23.06 ? 201 GLU A CB  1 
ATOM   422 C CG  . GLU A 1 54 ? -7.260  6.297   -3.228  1.00 24.47 ? 201 GLU A CG  1 
ATOM   423 C CD  . GLU A 1 54 ? -8.178  6.565   -4.410  1.00 26.55 ? 201 GLU A CD  1 
ATOM   424 O OE1 . GLU A 1 54 ? -8.792  5.602   -4.959  1.00 30.34 ? 201 GLU A OE1 1 
ATOM   425 O OE2 . GLU A 1 54 ? -8.233  7.751   -4.788  1.00 30.88 ? 201 GLU A OE2 1 
ATOM   426 N N   . VAL A 1 55 ? -7.358  2.732   -0.402  1.00 21.88 ? 202 VAL A N   1 
ATOM   427 C CA  . VAL A 1 55 ? -7.732  1.344   -0.155  1.00 21.38 ? 202 VAL A CA  1 
ATOM   428 C C   . VAL A 1 55 ? -9.181  1.165   -0.567  1.00 22.63 ? 202 VAL A C   1 
ATOM   429 O O   . VAL A 1 55 ? -10.039 1.831   -0.064  1.00 23.88 ? 202 VAL A O   1 
ATOM   430 C CB  . VAL A 1 55 ? -7.517  0.910   1.307   1.00 21.72 ? 202 VAL A CB  1 
ATOM   431 C CG1 . VAL A 1 55 ? -8.044  -0.504  1.504   1.00 22.63 ? 202 VAL A CG1 1 
ATOM   432 C CG2 . VAL A 1 55 ? -6.074  1.046   1.734   1.00 22.40 ? 202 VAL A CG2 1 
ATOM   433 N N   . ASN A 1 56 ? -9.427  0.305   -1.536  1.00 23.35 ? 203 ASN A N   1 
ATOM   434 C CA  . ASN A 1 56 ? -10.762 0.048   -2.009  1.00 23.93 ? 203 ASN A CA  1 
ATOM   435 C C   . ASN A 1 56 ? -11.479 1.358   -2.338  1.00 25.93 ? 203 ASN A C   1 
ATOM   436 O O   . ASN A 1 56 ? -12.676 1.546   -2.084  1.00 26.70 ? 203 ASN A O   1 
ATOM   437 C CB  . ASN A 1 56 ? -11.530 -0.797  -1.006  1.00 25.25 ? 203 ASN A CB  1 
ATOM   438 C CG  . ASN A 1 56 ? -10.862 -2.112  -0.715  1.00 25.67 ? 203 ASN A CG  1 
ATOM   439 O OD1 . ASN A 1 56 ? -10.206 -2.727  -1.606  1.00 26.08 ? 203 ASN A OD1 1 
ATOM   440 N ND2 . ASN A 1 56 ? -10.986 -2.566  0.557   1.00 26.44 ? 203 ASN A ND2 1 
ATOM   441 N N   . GLY A 1 57 ? -10.749 2.250   -2.974  1.00 26.83 ? 204 GLY A N   1 
ATOM   442 C CA  . GLY A 1 57 ? -11.283 3.501   -3.467  1.00 27.31 ? 204 GLY A CA  1 
ATOM   443 C C   . GLY A 1 57 ? -11.444 4.605   -2.454  1.00 28.61 ? 204 GLY A C   1 
ATOM   444 O O   . GLY A 1 57 ? -11.882 5.712   -2.810  1.00 31.13 ? 204 GLY A O   1 
ATOM   445 N N   . VAL A 1 58 ? -11.069 4.347   -1.206  1.00 26.80 ? 205 VAL A N   1 
ATOM   446 C CA  . VAL A 1 58 ? -11.193 5.340   -0.161  1.00 27.15 ? 205 VAL A CA  1 
ATOM   447 C C   . VAL A 1 58 ? -9.840  6.033   0.054   1.00 27.29 ? 205 VAL A C   1 
ATOM   448 O O   . VAL A 1 58 ? -8.798  5.365   0.225   1.00 26.68 ? 205 VAL A O   1 
ATOM   449 C CB  . VAL A 1 58 ? -11.674 4.678   1.123   1.00 26.89 ? 205 VAL A CB  1 
ATOM   450 C CG1 . VAL A 1 58 ? -11.861 5.702   2.238   1.00 27.48 ? 205 VAL A CG1 1 
ATOM   451 C CG2 . VAL A 1 58 ? -13.021 3.949   0.917   1.00 28.13 ? 205 VAL A CG2 1 
ATOM   452 N N   . CYS A 1 59 ? -9.841  7.360   0.077   1.00 27.69 ? 206 CYS A N   1 
ATOM   453 C CA  . CYS A 1 59 ? -8.639  8.126   0.328   1.00 27.59 ? 206 CYS A CA  1 
ATOM   454 C C   . CYS A 1 59 ? -8.007  7.842   1.693   1.00 26.19 ? 206 CYS A C   1 
ATOM   455 O O   . CYS A 1 59 ? -8.694  7.860   2.728   1.00 26.99 ? 206 CYS A O   1 
ATOM   456 C CB  . CYS A 1 59 ? -8.945  9.611   0.143   1.00 27.79 ? 206 CYS A CB  1 
ATOM   457 S SG  . CYS A 1 59 ? -7.600  10.693  0.477   1.00 33.16 ? 206 CYS A SG  1 
ATOM   458 N N   . MET A 1 60 ? -6.715  7.538   1.715   1.00 25.43 ? 207 MET A N   1 
ATOM   459 C CA  . MET A 1 60 ? -6.015  7.265   2.976   1.00 25.89 ? 207 MET A CA  1 
ATOM   460 C C   . MET A 1 60 ? -5.207  8.459   3.493   1.00 26.09 ? 207 MET A C   1 
ATOM   461 O O   . MET A 1 60 ? -4.429  8.321   4.408   1.00 26.43 ? 207 MET A O   1 
ATOM   462 C CB  . MET A 1 60 ? -5.093  6.073   2.819   1.00 25.59 ? 207 MET A CB  1 
ATOM   463 C CG  . MET A 1 60 ? -5.799  4.744   2.553   1.00 24.91 ? 207 MET A CG  1 
ATOM   464 S SD  . MET A 1 60 ? -6.748  4.152   4.001   1.00 26.96 ? 207 MET A SD  1 
ATOM   465 C CE  . MET A 1 60 ? -8.491  4.365   3.616   1.00 28.26 ? 207 MET A CE  1 
ATOM   466 N N   . GLU A 1 61 ? -5.376  9.639   2.925   1.00 28.24 ? 208 GLU A N   1 
ATOM   467 C CA  . GLU A 1 61 ? -4.621  10.800  3.406   1.00 30.44 ? 208 GLU A CA  1 
ATOM   468 C C   . GLU A 1 61 ? -4.981  11.076  4.862   1.00 30.58 ? 208 GLU A C   1 
ATOM   469 O O   . GLU A 1 61 ? -6.166  11.104  5.221   1.00 30.68 ? 208 GLU A O   1 
ATOM   470 C CB  . GLU A 1 61 ? -4.901  12.044  2.553   1.00 32.15 ? 208 GLU A CB  1 
ATOM   471 C CG  . GLU A 1 61 ? -4.171  13.286  3.076   1.00 36.35 ? 208 GLU A CG  1 
ATOM   472 C CD  . GLU A 1 61 ? -4.393  14.502  2.231   1.00 42.85 ? 208 GLU A CD  1 
ATOM   473 O OE1 . GLU A 1 61 ? -5.436  15.166  2.402   1.00 48.33 ? 208 GLU A OE1 1 
ATOM   474 O OE2 . GLU A 1 61 ? -3.489  14.819  1.443   1.00 46.93 ? 208 GLU A OE2 1 
ATOM   475 N N   . GLY A 1 62 ? -3.943  11.236  5.679   1.00 31.16 ? 209 GLY A N   1 
ATOM   476 C CA  . GLY A 1 62 ? -4.097  11.524  7.094   1.00 32.11 ? 209 GLY A CA  1 
ATOM   477 C C   . GLY A 1 62 ? -4.348  10.346  7.963   1.00 32.18 ? 209 GLY A C   1 
ATOM   478 O O   . GLY A 1 62 ? -4.373  10.476  9.196   1.00 34.92 ? 209 GLY A O   1 
ATOM   479 N N   . LYS A 1 63 ? -4.514  9.171   7.353   1.00 30.11 ? 210 LYS A N   1 
ATOM   480 C CA  . LYS A 1 63 ? -4.795  7.977   8.115   1.00 29.04 ? 210 LYS A CA  1 
ATOM   481 C C   . LYS A 1 63 ? -3.514  7.357   8.658   1.00 28.98 ? 210 LYS A C   1 
ATOM   482 O O   . LYS A 1 63 ? -2.506  7.184   7.935   1.00 31.08 ? 210 LYS A O   1 
ATOM   483 C CB  . LYS A 1 63 ? -5.598  6.984   7.303   1.00 28.38 ? 210 LYS A CB  1 
ATOM   484 C CG  . LYS A 1 63 ? -6.855  7.645   6.799   1.00 31.72 ? 210 LYS A CG  1 
ATOM   485 C CD  . LYS A 1 63 ? -7.919  6.767   6.639   1.00 34.05 ? 210 LYS A CD  1 
ATOM   486 C CE  . LYS A 1 63 ? -9.179  7.606   6.302   1.00 36.37 ? 210 LYS A CE  1 
ATOM   487 N NZ  . LYS A 1 63 ? -9.944  8.009   7.507   1.00 42.21 ? 210 LYS A NZ  1 
ATOM   488 N N   . GLN A 1 64 ? -3.597  6.979   9.926   1.00 27.42 ? 211 GLN A N   1 
ATOM   489 C CA  . GLN A 1 64 ? -2.480  6.386   10.593  1.00 26.99 ? 211 GLN A CA  1 
ATOM   490 C C   . GLN A 1 64 ? -2.400  4.887   10.310  1.00 24.84 ? 211 GLN A C   1 
ATOM   491 O O   . GLN A 1 64 ? -3.298  4.298   9.711   1.00 24.74 ? 211 GLN A O   1 
ATOM   492 C CB  . GLN A 1 64 ? -2.563  6.684   12.110  1.00 28.98 ? 211 GLN A CB  1 
ATOM   493 C CG  . GLN A 1 64 ? -2.570  8.175   12.388  1.00 32.57 ? 211 GLN A CG  1 
ATOM   494 C CD  . GLN A 1 64 ? -1.327  8.846   11.873  1.00 41.21 ? 211 GLN A CD  1 
ATOM   495 O OE1 . GLN A 1 64 ? -1.384  9.617   10.907  1.00 48.37 ? 211 GLN A OE1 1 
ATOM   496 N NE2 . GLN A 1 64 ? -0.192  8.543   12.490  1.00 41.41 ? 211 GLN A NE2 1 
ATOM   497 N N   . HIS A 1 65 ? -1.312  4.281   10.715  1.00 24.22 ? 212 HIS A N   1 
ATOM   498 C CA  . HIS A 1 65 ? -1.055  2.863   10.413  1.00 23.16 ? 212 HIS A CA  1 
ATOM   499 C C   . HIS A 1 65 ? -2.216  1.965   10.674  1.00 24.55 ? 212 HIS A C   1 
ATOM   500 O O   . HIS A 1 65 ? -2.622  1.169   9.840   1.00 25.09 ? 212 HIS A O   1 
ATOM   501 C CB  . HIS A 1 65 ? 0.177   2.359   11.194  1.00 21.96 ? 212 HIS A CB  1 
ATOM   502 C CG  . HIS A 1 65 ? 0.546   0.946   10.896  1.00 22.38 ? 212 HIS A CG  1 
ATOM   503 N ND1 . HIS A 1 65 ? 1.219   0.596   9.739   1.00 24.18 ? 212 HIS A ND1 1 
ATOM   504 C CD2 . HIS A 1 65 ? 0.320   -0.213  11.565  1.00 19.95 ? 212 HIS A CD2 1 
ATOM   505 C CE1 . HIS A 1 65 ? 1.403   -0.705  9.731   1.00 24.90 ? 212 HIS A CE1 1 
ATOM   506 N NE2 . HIS A 1 65 ? 0.874   -1.230  10.818  1.00 24.76 ? 212 HIS A NE2 1 
ATOM   507 N N   . GLY A 1 66 ? -2.753  2.038   11.891  1.00 25.49 ? 213 GLY A N   1 
ATOM   508 C CA  . GLY A 1 66 ? -3.831  1.140   12.290  1.00 25.01 ? 213 GLY A CA  1 
ATOM   509 C C   . GLY A 1 66 ? -5.096  1.355   11.488  1.00 25.78 ? 213 GLY A C   1 
ATOM   510 O O   . GLY A 1 66 ? -5.863  0.428   11.309  1.00 27.46 ? 213 GLY A O   1 
ATOM   511 N N   . ASP A 1 67 ? -5.349  2.596   11.066  1.00 26.59 ? 214 ASP A N   1 
ATOM   512 C CA  . ASP A 1 67 ? -6.556  2.928   10.291  1.00 26.53 ? 214 ASP A CA  1 
ATOM   513 C C   . ASP A 1 67 ? -6.411  2.330   8.865   1.00 25.64 ? 214 ASP A C   1 
ATOM   514 O O   . ASP A 1 67 ? -7.375  1.878   8.268   1.00 25.67 ? 214 ASP A O   1 
ATOM   515 C CB  . ASP A 1 67 ? -6.758  4.421   10.114  1.00 28.58 ? 214 ASP A CB  1 
ATOM   516 C CG  . ASP A 1 67 ? -7.060  5.147   11.383  1.00 35.42 ? 214 ASP A CG  1 
ATOM   517 O OD1 . ASP A 1 67 ? -7.820  4.595   12.184  1.00 37.53 ? 214 ASP A OD1 1 
ATOM   518 O OD2 . ASP A 1 67 ? -6.516  6.281   11.546  1.00 42.22 ? 214 ASP A OD2 1 
ATOM   519 N N   . VAL A 1 68 ? -5.210  2.404   8.275   1.00 23.05 ? 215 VAL A N   1 
ATOM   520 C CA  . VAL A 1 68 ? -4.997  1.784   6.953   1.00 22.37 ? 215 VAL A CA  1 
ATOM   521 C C   . VAL A 1 68 ? -5.082  0.277   7.054   1.00 23.58 ? 215 VAL A C   1 
ATOM   522 O O   . VAL A 1 68 ? -5.719  -0.349  6.204   1.00 23.84 ? 215 VAL A O   1 
ATOM   523 C CB  . VAL A 1 68 ? -3.670  2.251   6.357   1.00 22.98 ? 215 VAL A CB  1 
ATOM   524 C CG1 . VAL A 1 68 ? -3.465  1.588   5.009   1.00 22.78 ? 215 VAL A CG1 1 
ATOM   525 C CG2 . VAL A 1 68 ? -3.632  3.778   6.244   1.00 22.79 ? 215 VAL A CG2 1 
ATOM   526 N N   . VAL A 1 69 ? -4.489  -0.336  8.072   1.00 24.20 ? 216 VAL A N   1 
ATOM   527 C CA  . VAL A 1 69 ? -4.613  -1.799  8.280   1.00 23.72 ? 216 VAL A CA  1 
ATOM   528 C C   . VAL A 1 69 ? -6.093  -2.190  8.430   1.00 24.95 ? 216 VAL A C   1 
ATOM   529 O O   . VAL A 1 69 ? -6.552  -3.137  7.821   1.00 25.54 ? 216 VAL A O   1 
ATOM   530 C CB  . VAL A 1 69 ? -3.818  -2.232  9.547   1.00 25.32 ? 216 VAL A CB  1 
ATOM   531 C CG1 . VAL A 1 69 ? -4.165  -3.642  9.914   1.00 24.45 ? 216 VAL A CG1 1 
ATOM   532 C CG2 . VAL A 1 69 ? -2.354  -2.005  9.256   1.00 24.74 ? 216 VAL A CG2 1 
ATOM   533 N N   . SER A 1 70 ? -6.851  -1.421  9.207   1.00 25.54 ? 217 SER A N   1 
ATOM   534 C CA  . SER A 1 70 ? -8.279  -1.702  9.388   1.00 26.72 ? 217 SER A CA  1 
ATOM   535 C C   . SER A 1 70 ? -9.050  -1.619  8.087   1.00 26.59 ? 217 SER A C   1 
ATOM   536 O O   . SER A 1 70 ? -9.926  -2.466  7.818   1.00 27.97 ? 217 SER A O   1 
ATOM   537 C CB  . SER A 1 70 ? -8.882  -0.700  10.382  1.00 28.52 ? 217 SER A CB  1 
ATOM   538 O OG  . SER A 1 70 ? -8.399  -1.037  11.662  1.00 33.20 ? 217 SER A OG  1 
ATOM   539 N N   . ALA A 1 71 ? -8.760  -0.585  7.288   1.00 26.49 ? 218 ALA A N   1 
ATOM   540 C CA  . ALA A 1 71 ? -9.412  -0.441  6.004   1.00 24.83 ? 218 ALA A CA  1 
ATOM   541 C C   . ALA A 1 71 ? -9.105  -1.688  5.151   1.00 24.82 ? 218 ALA A C   1 
ATOM   542 O O   . ALA A 1 71 ? -9.976  -2.242  4.501   1.00 25.17 ? 218 ALA A O   1 
ATOM   543 C CB  . ALA A 1 71 ? -9.026  0.850   5.294   1.00 25.65 ? 218 ALA A CB  1 
ATOM   544 N N   . ILE A 1 72 ? -7.857  -2.144  5.143   1.00 23.86 ? 219 ILE A N   1 
ATOM   545 C CA  . ILE A 1 72 ? -7.497  -3.350  4.357   1.00 23.77 ? 219 ILE A CA  1 
ATOM   546 C C   . ILE A 1 72 ? -8.261  -4.576  4.858   1.00 25.05 ? 219 ILE A C   1 
ATOM   547 O O   . ILE A 1 72 ? -8.871  -5.320  4.092   1.00 24.99 ? 219 ILE A O   1 
ATOM   548 C CB  . ILE A 1 72 ? -5.962  -3.582  4.332   1.00 22.78 ? 219 ILE A CB  1 
ATOM   549 C CG1 . ILE A 1 72 ? -5.299  -2.429  3.553   1.00 20.84 ? 219 ILE A CG1 1 
ATOM   550 C CG2 . ILE A 1 72 ? -5.632  -4.980  3.714   1.00 22.57 ? 219 ILE A CG2 1 
ATOM   551 C CD1 . ILE A 1 72 ? -3.780  -2.385  3.748   1.00 21.90 ? 219 ILE A CD1 1 
ATOM   552 N N   . ARG A 1 73 ? -8.333  -4.721  6.182   1.00 25.83 ? 220 ARG A N   1 
ATOM   553 C CA  . ARG A 1 73 ? -8.943  -5.922  6.778   1.00 26.02 ? 220 ARG A CA  1 
ATOM   554 C C   . ARG A 1 73 ? -10.437 -5.939  6.505   1.00 27.62 ? 220 ARG A C   1 
ATOM   555 O O   . ARG A 1 73 ? -11.011 -7.026  6.276   1.00 27.54 ? 220 ARG A O   1 
ATOM   556 C CB  . ARG A 1 73 ? -8.665  -5.990  8.268   1.00 26.03 ? 220 ARG A CB  1 
ATOM   557 C CG  . ARG A 1 73 ? -7.231  -6.257  8.613   1.00 28.13 ? 220 ARG A CG  1 
ATOM   558 C CD  . ARG A 1 73 ? -7.130  -6.582  10.060  1.00 28.97 ? 220 ARG A CD  1 
ATOM   559 N NE  . ARG A 1 73 ? -5.793  -6.643  10.633  1.00 31.19 ? 220 ARG A NE  1 
ATOM   560 C CZ  . ARG A 1 73 ? -4.894  -7.574  10.426  1.00 31.71 ? 220 ARG A CZ  1 
ATOM   561 N NH1 . ARG A 1 73 ? -5.130  -8.573  9.572   1.00 34.40 ? 220 ARG A NH1 1 
ATOM   562 N NH2 . ARG A 1 73 ? -3.732  -7.508  11.068  1.00 32.41 ? 220 ARG A NH2 1 
ATOM   563 N N   . ALA A 1 74 ? -11.039 -4.754  6.490   1.00 27.74 ? 221 ALA A N   1 
ATOM   564 C CA  . ALA A 1 74 ? -12.496 -4.596  6.287   1.00 28.75 ? 221 ALA A CA  1 
ATOM   565 C C   . ALA A 1 74 ? -12.989 -5.083  4.932   1.00 30.04 ? 221 ALA A C   1 
ATOM   566 O O   . ALA A 1 74 ? -14.186 -5.383  4.781   1.00 32.21 ? 221 ALA A O   1 
ATOM   567 C CB  . ALA A 1 74 ? -12.918 -3.152  6.497   1.00 29.20 ? 221 ALA A CB  1 
ATOM   568 N N   . GLY A 1 75 ? -12.094 -5.142  3.945   1.00 30.02 ? 222 GLY A N   1 
ATOM   569 C CA  . GLY A 1 75 ? -12.427 -5.698  2.629   1.00 29.96 ? 222 GLY A CA  1 
ATOM   570 C C   . GLY A 1 75 ? -12.450 -7.226  2.550   1.00 30.02 ? 222 GLY A C   1 
ATOM   571 O O   . GLY A 1 75 ? -12.668 -7.808  1.483   1.00 30.84 ? 222 GLY A O   1 
ATOM   572 N N   . GLY A 1 76 ? -12.196 -7.910  3.649   1.00 29.63 ? 223 GLY A N   1 
ATOM   573 C CA  . GLY A 1 76 ? -12.346 -9.346  3.661   1.00 30.81 ? 223 GLY A CA  1 
ATOM   574 C C   . GLY A 1 76 ? -11.162 -10.052 3.041   1.00 31.15 ? 223 GLY A C   1 
ATOM   575 O O   . GLY A 1 76 ? -10.007 -9.875  3.501   1.00 31.74 ? 223 GLY A O   1 
ATOM   576 N N   . ASP A 1 77 ? -11.427 -10.842 1.993   1.00 29.89 ? 224 ASP A N   1 
ATOM   577 C CA  . ASP A 1 77 ? -10.391 -11.643 1.387   1.00 30.53 ? 224 ASP A CA  1 
ATOM   578 C C   . ASP A 1 77 ? -9.762  -10.968 0.170   1.00 28.71 ? 224 ASP A C   1 
ATOM   579 O O   . ASP A 1 77 ? -8.900  -11.555 -0.438  1.00 29.45 ? 224 ASP A O   1 
ATOM   580 C CB  . ASP A 1 77 ? -10.931 -13.014 0.968   1.00 32.86 ? 224 ASP A CB  1 
ATOM   581 C CG  . ASP A 1 77 ? -11.125 -13.940 2.138   1.00 37.10 ? 224 ASP A CG  1 
ATOM   582 O OD1 . ASP A 1 77 ? -10.437 -13.754 3.172   1.00 43.05 ? 224 ASP A OD1 1 
ATOM   583 O OD2 . ASP A 1 77 ? -11.980 -14.875 2.028   1.00 43.73 ? 224 ASP A OD2 1 
ATOM   584 N N   . GLU A 1 78 ? -10.201 -9.769  -0.165  1.00 26.08 ? 225 GLU A N   1 
ATOM   585 C CA  . GLU A 1 78 ? -9.624  -9.020  -1.316  1.00 26.55 ? 225 GLU A CA  1 
ATOM   586 C C   . GLU A 1 78 ? -9.273  -7.603  -0.918  1.00 25.96 ? 225 GLU A C   1 
ATOM   587 O O   . GLU A 1 78 ? -9.892  -7.041  -0.012  1.00 25.81 ? 225 GLU A O   1 
ATOM   588 C CB  . GLU A 1 78 ? -10.617 -8.995  -2.454  1.00 28.26 ? 225 GLU A CB  1 
ATOM   589 C CG  . GLU A 1 78 ? -10.868 -10.411 -2.994  1.00 30.80 ? 225 GLU A CG  1 
ATOM   590 N N   . THR A 1 79 ? -8.252  -7.018  -1.566  1.00 24.24 ? 226 THR A N   1 
ATOM   591 C CA  . THR A 1 79 ? -7.989  -5.592  -1.395  1.00 24.05 ? 226 THR A CA  1 
ATOM   592 C C   . THR A 1 79 ? -7.544  -4.999  -2.713  1.00 24.19 ? 226 THR A C   1 
ATOM   593 O O   . THR A 1 79 ? -6.930  -5.700  -3.503  1.00 24.61 ? 226 THR A O   1 
ATOM   594 C CB  . THR A 1 79 ? -6.959  -5.321  -0.278  1.00 22.59 ? 226 THR A CB  1 
ATOM   595 O OG1 . THR A 1 79 ? -7.058  -3.948  0.143   1.00 24.79 ? 226 THR A OG1 1 
ATOM   596 C CG2 . THR A 1 79 ? -5.582  -5.639  -0.650  1.00 23.55 ? 226 THR A CG2 1 
ATOM   597 N N   . LYS A 1 80 ? -7.808  -3.704  -2.886  1.00 23.93 ? 227 LYS A N   1 
ATOM   598 C CA  . LYS A 1 80 ? -7.380  -2.931  -4.057  1.00 24.23 ? 227 LYS A CA  1 
ATOM   599 C C   . LYS A 1 80 ? -6.606  -1.731  -3.543  1.00 21.58 ? 227 LYS A C   1 
ATOM   600 O O   . LYS A 1 80 ? -7.186  -0.829  -2.980  1.00 22.01 ? 227 LYS A O   1 
ATOM   601 C CB  . LYS A 1 80 ? -8.595  -2.503  -4.866  1.00 23.77 ? 227 LYS A CB  1 
ATOM   602 C CG  . LYS A 1 80 ? -9.299  -3.684  -5.494  1.00 27.25 ? 227 LYS A CG  1 
ATOM   603 C CD  . LYS A 1 80 ? -10.490 -3.316  -6.396  1.00 29.97 ? 227 LYS A CD  1 
ATOM   604 C CE  . LYS A 1 80 ? -11.003 -4.528  -7.128  1.00 36.72 ? 227 LYS A CE  1 
ATOM   605 N N   . LEU A 1 81 ? -5.281  -1.730  -3.698  1.00 20.80 ? 228 LEU A N   1 
ATOM   606 C CA  . LEU A 1 81 ? -4.437  -0.638  -3.202  1.00 19.93 ? 228 LEU A CA  1 
ATOM   607 C C   . LEU A 1 81 ? -4.035  0.276   -4.352  1.00 20.99 ? 228 LEU A C   1 
ATOM   608 O O   . LEU A 1 81 ? -3.448  -0.196  -5.316  1.00 22.29 ? 228 LEU A O   1 
ATOM   609 C CB  . LEU A 1 81 ? -3.135  -1.263  -2.626  1.00 20.35 ? 228 LEU A CB  1 
ATOM   610 C CG  . LEU A 1 81 ? -3.279  -2.280  -1.500  1.00 21.09 ? 228 LEU A CG  1 
ATOM   611 C CD1 . LEU A 1 81 ? -1.909  -2.653  -0.930  1.00 23.83 ? 228 LEU A CD1 1 
ATOM   612 C CD2 . LEU A 1 81 ? -4.234  -1.727  -0.398  1.00 23.98 ? 228 LEU A CD2 1 
ATOM   613 N N   . LEU A 1 82 ? -4.366  1.556   -4.275  1.00 19.93 ? 229 LEU A N   1 
ATOM   614 C CA  . LEU A 1 82 ? -3.841  2.561   -5.205  1.00 20.56 ? 229 LEU A CA  1 
ATOM   615 C C   . LEU A 1 82 ? -2.566  3.078   -4.579  1.00 20.44 ? 229 LEU A C   1 
ATOM   616 O O   . LEU A 1 82 ? -2.585  3.543   -3.433  1.00 20.20 ? 229 LEU A O   1 
ATOM   617 C CB  . LEU A 1 82 ? -4.813  3.714   -5.470  1.00 21.46 ? 229 LEU A CB  1 
ATOM   618 C CG  . LEU A 1 82 ? -4.483  4.580   -6.683  1.00 22.02 ? 229 LEU A CG  1 
ATOM   619 C CD1 . LEU A 1 82 ? -4.664  3.825   -7.994  1.00 23.48 ? 229 LEU A CD1 1 
ATOM   620 C CD2 . LEU A 1 82 ? -5.370  5.820   -6.639  1.00 23.77 ? 229 LEU A CD2 1 
ATOM   621 N N   . VAL A 1 83 ? -1.467  2.945   -5.319  1.00 18.82 ? 230 VAL A N   1 
ATOM   622 C CA  . VAL A 1 83 ? -0.143  3.275   -4.797  1.00 18.55 ? 230 VAL A CA  1 
ATOM   623 C C   . VAL A 1 83 ? 0.615   4.243   -5.686  1.00 19.05 ? 230 VAL A C   1 
ATOM   624 O O   . VAL A 1 83 ? 0.421   4.284   -6.911  1.00 20.50 ? 230 VAL A O   1 
ATOM   625 C CB  . VAL A 1 83 ? 0.692   2.019   -4.536  1.00 18.88 ? 230 VAL A CB  1 
ATOM   626 C CG1 . VAL A 1 83 ? -0.050  1.078   -3.567  1.00 20.39 ? 230 VAL A CG1 1 
ATOM   627 C CG2 . VAL A 1 83 ? 1.100   1.303   -5.835  1.00 18.68 ? 230 VAL A CG2 1 
ATOM   628 N N   . VAL A 1 84 ? 1.514   4.973   -5.075  1.00 18.66 ? 231 VAL A N   1 
ATOM   629 C CA  . VAL A 1 84 ? 2.464   5.807   -5.804  1.00 18.78 ? 231 VAL A CA  1 
ATOM   630 C C   . VAL A 1 84 ? 3.879   5.468   -5.359  1.00 19.10 ? 231 VAL A C   1 
ATOM   631 O O   . VAL A 1 84 ? 4.074   4.899   -4.284  1.00 20.01 ? 231 VAL A O   1 
ATOM   632 C CB  . VAL A 1 84 ? 2.168   7.328   -5.568  1.00 19.20 ? 231 VAL A CB  1 
ATOM   633 C CG1 . VAL A 1 84 ? 0.790   7.686   -6.147  1.00 22.44 ? 231 VAL A CG1 1 
ATOM   634 C CG2 . VAL A 1 84 ? 2.276   7.715   -4.097  1.00 20.52 ? 231 VAL A CG2 1 
ATOM   635 N N   . ASP A 1 85 ? 4.881   5.926   -6.103  1.00 20.94 ? 232 ASP A N   1 
ATOM   636 C CA  . ASP A 1 85 ? 6.236   5.604   -5.819  1.00 23.87 ? 232 ASP A CA  1 
ATOM   637 C C   . ASP A 1 85 ? 7.135   6.805   -5.608  1.00 26.34 ? 232 ASP A C   1 
ATOM   638 O O   . ASP A 1 85 ? 8.332   6.648   -5.466  1.00 28.42 ? 232 ASP A O   1 
ATOM   639 C CB  . ASP A 1 85 ? 6.787   4.724   -6.944  1.00 24.86 ? 232 ASP A CB  1 
ATOM   640 C CG  . ASP A 1 85 ? 6.878   5.474   -8.265  1.00 28.05 ? 232 ASP A CG  1 
ATOM   641 O OD1 . ASP A 1 85 ? 6.430   6.649   -8.292  1.00 35.43 ? 232 ASP A OD1 1 
ATOM   642 O OD2 . ASP A 1 85 ? 7.436   4.896   -9.218  1.00 37.25 ? 232 ASP A OD2 1 
ATOM   643 N N   . ARG A 1 86 ? 6.563   7.994   -5.458  1.00 27.70 ? 233 ARG A N   1 
ATOM   644 C CA  . ARG A 1 86 ? 7.356   9.209   -5.225  1.00 30.37 ? 233 ARG A CA  1 
ATOM   645 C C   . ARG A 1 86 ? 6.522   10.197  -4.476  1.00 28.48 ? 233 ARG A C   1 
ATOM   646 O O   . ARG A 1 86 ? 5.318   10.003  -4.349  1.00 25.48 ? 233 ARG A O   1 
ATOM   647 C CB  . ARG A 1 86 ? 7.703   9.834   -6.549  1.00 31.37 ? 233 ARG A CB  1 
ATOM   648 C CG  . ARG A 1 86 ? 8.856   9.201   -7.294  1.00 35.97 ? 233 ARG A CG  1 
ATOM   649 C CD  . ARG A 1 86 ? 10.183  9.257   -6.523  1.00 40.47 ? 233 ARG A CD  1 
ATOM   650 N NE  . ARG A 1 86 ? 11.261  8.764   -7.375  1.00 43.83 ? 233 ARG A NE  1 
ATOM   651 C CZ  . ARG A 1 86 ? 11.528  7.471   -7.584  1.00 46.41 ? 233 ARG A CZ  1 
ATOM   652 N NH1 . ARG A 1 86 ? 10.803  6.491   -7.026  1.00 45.01 ? 233 ARG A NH1 1 
ATOM   653 N N   . GLU A 1 87 ? 7.121   11.314  -4.032  1.00 30.88 ? 234 GLU A N   1 
ATOM   654 C CA  . GLU A 1 87 ? 6.315   12.346  -3.362  1.00 29.71 ? 234 GLU A CA  1 
ATOM   655 C C   . GLU A 1 87 ? 5.363   12.971  -4.367  1.00 26.56 ? 234 GLU A C   1 
ATOM   656 O O   . GLU A 1 87 ? 5.621   13.049  -5.555  1.00 25.97 ? 234 GLU A O   1 
ATOM   657 C CB  . GLU A 1 87 ? 7.151   13.431  -2.659  1.00 31.22 ? 234 GLU A CB  1 
ATOM   658 C CG  . GLU A 1 87 ? 7.629   13.024  -1.193  1.00 31.15 ? 234 GLU A CG  1 
ATOM   659 C CD  . GLU A 1 87 ? 8.635   11.847  -1.199  1.00 37.09 ? 234 GLU A CD  1 
ATOM   660 N N   . THR A 1 88 ? 4.199   13.323  -3.853  1.00 24.83 ? 235 THR A N   1 
ATOM   661 C CA  . THR A 1 88 ? 3.145   13.900  -4.648  1.00 23.79 ? 235 THR A CA  1 
ATOM   662 C C   . THR A 1 88 ? 2.734   15.265  -4.139  1.00 23.37 ? 235 THR A C   1 
ATOM   663 O O   . THR A 1 88 ? 1.907   15.902  -4.766  1.00 24.09 ? 235 THR A O   1 
ATOM   664 C CB  . THR A 1 88 ? 1.924   12.968  -4.583  1.00 24.03 ? 235 THR A CB  1 
ATOM   665 O OG1 . THR A 1 88 ? 1.614   12.689  -3.227  1.00 26.48 ? 235 THR A OG1 1 
ATOM   666 C CG2 . THR A 1 88 ? 2.195   11.680  -5.317  1.00 26.48 ? 235 THR A CG2 1 
ATOM   667 N N   . GLU A 1 89 ? 3.269   15.727  -3.023  1.00 23.06 ? 236 GLU A N   1 
ATOM   668 C CA  . GLU A 1 89 ? 2.925   17.078  -2.530  1.00 24.35 ? 236 GLU A CA  1 
ATOM   669 C C   . GLU A 1 89 ? 4.120   17.664  -1.800  1.00 23.92 ? 236 GLU A C   1 
ATOM   670 O O   . GLU A 1 89 ? 4.787   16.990  -1.020  1.00 25.05 ? 236 GLU A O   1 
ATOM   671 C CB  . GLU A 1 89 ? 1.696   17.055  -1.633  1.00 25.04 ? 236 GLU A CB  1 
ATOM   672 C CG  . GLU A 1 89 ? 1.303   18.432  -1.086  1.00 28.57 ? 236 GLU A CG  1 
ATOM   673 C CD  . GLU A 1 89 ? -0.057  18.514  -0.429  1.00 32.03 ? 236 GLU A CD  1 
ATOM   674 O OE1 . GLU A 1 89 ? -0.867  17.562  -0.522  1.00 35.99 ? 236 GLU A OE1 1 
ATOM   675 O OE2 . GLU A 1 89 ? -0.342  19.589  0.180   1.00 39.70 ? 236 GLU A OE2 1 
ATOM   676 N N   . THR A 1 90 ? 4.344   18.965  -1.990  1.00 22.79 ? 237 THR A N   1 
ATOM   677 C CA  . THR A 1 90 ? 5.440   19.670  -1.342  1.00 23.70 ? 237 THR A CA  1 
ATOM   678 C C   . THR A 1 90 ? 5.011   21.071  -1.010  1.00 23.37 ? 237 THR A C   1 
ATOM   679 O O   . THR A 1 90 ? 4.372   21.723  -1.822  1.00 23.48 ? 237 THR A O   1 
ATOM   680 C CB  . THR A 1 90 ? 6.690   19.732  -2.226  1.00 23.68 ? 237 THR A CB  1 
ATOM   681 O OG1 . THR A 1 90 ? 7.110   18.390  -2.587  1.00 26.21 ? 237 THR A OG1 1 
ATOM   682 C CG2 . THR A 1 90 ? 7.869   20.418  -1.500  1.00 25.71 ? 237 THR A CG2 1 
ATOM   683 N N   . SER A 1 91 ? 5.366   21.514  0.185   1.00 23.12 ? 238 SER A N   1 
ATOM   684 C CA  A SER A 1 91 ? 5.166   22.896  0.616   0.50 23.61 ? 238 SER A CA  1 
ATOM   685 C CA  B SER A 1 91 ? 5.160   22.888  0.641   0.50 23.90 ? 238 SER A CA  1 
ATOM   686 C C   . SER A 1 91 ? 6.391   23.702  0.245   1.00 24.37 ? 238 SER A C   1 
ATOM   687 O O   . SER A 1 91 ? 7.534   23.310  0.551   1.00 25.34 ? 238 SER A O   1 
ATOM   688 C CB  A SER A 1 91 ? 5.006   22.945  2.128   0.50 23.76 ? 238 SER A CB  1 
ATOM   689 C CB  B SER A 1 91 ? 5.025   22.891  2.169   0.50 24.12 ? 238 SER A CB  1 
ATOM   690 O OG  A SER A 1 91 ? 3.742   22.448  2.492   0.50 27.50 ? 238 SER A OG  1 
ATOM   691 O OG  B SER A 1 91 ? 4.704   24.177  2.673   0.50 29.29 ? 238 SER A OG  1 
ATOM   692 N N   . LEU A 1 92 ? 6.164   24.883  -0.341  1.00 23.55 ? 239 LEU A N   1 
ATOM   693 C CA  . LEU A 1 92 ? 7.232   25.743  -0.844  1.00 23.59 ? 239 LEU A CA  1 
ATOM   694 C C   . LEU A 1 92 ? 7.052   27.203  -0.341  1.00 25.77 ? 239 LEU A C   1 
ATOM   695 O O   . LEU A 1 92 ? 5.963   27.554  0.133   1.00 26.21 ? 239 LEU A O   1 
ATOM   696 C CB  . LEU A 1 92 ? 7.254   25.665  -2.378  1.00 23.72 ? 239 LEU A CB  1 
ATOM   697 C CG  . LEU A 1 92 ? 7.688   24.287  -2.942  1.00 24.17 ? 239 LEU A CG  1 
ATOM   698 C CD1 . LEU A 1 92 ? 7.425   24.218  -4.434  1.00 28.95 ? 239 LEU A CD1 1 
ATOM   699 C CD2 . LEU A 1 92 ? 9.159   23.956  -2.594  1.00 29.91 ? 239 LEU A CD2 1 
ATOM   700 O OXT . LEU A 1 92 ? 8.038   27.972  -0.431  1.00 27.23 ? 239 LEU A OXT 1 
HETATM 701 O O   . HOH B 2 .  ? -9.503  -4.731  1.403   1.00 24.84 ? 240 HOH A O   1 
HETATM 702 O O   . HOH B 2 .  ? -2.007  7.297   5.149   1.00 30.17 ? 241 HOH A O   1 
HETATM 703 O O   . HOH B 2 .  ? -11.168 1.305   2.494   1.00 29.14 ? 242 HOH A O   1 
HETATM 704 O O   . HOH B 2 .  ? -3.052  -5.593  -9.883  1.00 25.93 ? 243 HOH A O   1 
HETATM 705 O O   . HOH B 2 .  ? -8.323  -7.875  3.716   1.00 25.80 ? 244 HOH A O   1 
HETATM 706 O O   . HOH B 2 .  ? -2.738  -10.539 -7.287  1.00 32.81 ? 245 HOH A O   1 
HETATM 707 O O   . HOH B 2 .  ? 1.664   0.669   -13.090 1.00 31.09 ? 246 HOH A O   1 
HETATM 708 O O   . HOH B 2 .  ? 4.728   7.348   7.962   1.00 27.42 ? 247 HOH A O   1 
HETATM 709 O O   . HOH B 2 .  ? -4.690  -12.033 -6.371  1.00 27.93 ? 248 HOH A O   1 
HETATM 710 O O   . HOH B 2 .  ? 0.972   5.777   11.754  1.00 33.19 ? 249 HOH A O   1 
HETATM 711 O O   . HOH B 2 .  ? -8.132  1.700   -4.051  1.00 26.85 ? 250 HOH A O   1 
HETATM 712 O O   . HOH B 2 .  ? -5.665  -1.784  13.039  1.00 34.20 ? 251 HOH A O   1 
HETATM 713 O O   . HOH B 2 .  ? 5.848   -4.615  -10.284 1.00 29.14 ? 252 HOH A O   1 
HETATM 714 O O   . HOH B 2 .  ? 8.308   1.764   -4.947  1.00 25.57 ? 253 HOH A O   1 
HETATM 715 O O   . HOH B 2 .  ? -11.902 -1.216  2.947   1.00 29.89 ? 254 HOH A O   1 
HETATM 716 O O   . HOH B 2 .  ? -1.751  3.504   14.245  1.00 29.80 ? 255 HOH A O   1 
HETATM 717 O O   . HOH B 2 .  ? 4.381   13.607  -0.990  1.00 31.10 ? 256 HOH A O   1 
HETATM 718 O O   . HOH B 2 .  ? 3.732   7.292   -8.650  1.00 33.93 ? 257 HOH A O   1 
HETATM 719 O O   . HOH B 2 .  ? -11.399 -3.636  9.881   1.00 34.42 ? 258 HOH A O   1 
HETATM 720 O O   . HOH B 2 .  ? 6.723   19.705  1.983   1.00 34.18 ? 259 HOH A O   1 
HETATM 721 O O   . HOH B 2 .  ? -4.699  -15.725 -4.015  1.00 35.15 ? 260 HOH A O   1 
HETATM 722 O O   . HOH B 2 .  ? -3.098  0.714   -12.508 1.00 30.98 ? 261 HOH A O   1 
HETATM 723 O O   . HOH B 2 .  ? 4.582   -13.598 -8.644  1.00 36.89 ? 262 HOH A O   1 
HETATM 724 O O   . HOH B 2 .  ? 8.192   2.595   -9.135  1.00 38.97 ? 263 HOH A O   1 
HETATM 725 O O   . HOH B 2 .  ? -11.102 4.450   6.272   1.00 39.92 ? 264 HOH A O   1 
HETATM 726 O O   . HOH B 2 .  ? 11.589  -1.379  1.956   1.00 36.68 ? 265 HOH A O   1 
HETATM 727 O O   . HOH B 2 .  ? 1.748   4.260   -15.186 1.00 45.29 ? 266 HOH A O   1 
HETATM 728 O O   . HOH B 2 .  ? -0.669  -16.163 0.347   1.00 34.71 ? 267 HOH A O   1 
HETATM 729 O O   . HOH B 2 .  ? -6.301  -8.472  5.749   1.00 32.50 ? 268 HOH A O   1 
HETATM 730 O O   . HOH B 2 .  ? -11.530 -5.066  -2.632  1.00 32.13 ? 269 HOH A O   1 
HETATM 731 O O   . HOH B 2 .  ? 0.179   7.010   7.854   1.00 32.75 ? 270 HOH A O   1 
HETATM 732 O O   . HOH B 2 .  ? -9.909  2.625   8.736   1.00 35.91 ? 271 HOH A O   1 
HETATM 733 O O   . HOH B 2 .  ? 7.275   -16.370 -0.438  1.00 42.04 ? 272 HOH A O   1 
HETATM 734 O O   . HOH B 2 .  ? 7.617   -6.849  -5.780  1.00 30.75 ? 273 HOH A O   1 
HETATM 735 O O   . HOH B 2 .  ? -11.020 8.953   3.702   1.00 40.65 ? 274 HOH A O   1 
HETATM 736 O O   . HOH B 2 .  ? -12.280 8.792   -0.230  1.00 37.73 ? 275 HOH A O   1 
HETATM 737 O O   . HOH B 2 .  ? 6.682   7.248   -18.714 1.00 36.94 ? 276 HOH A O   1 
HETATM 738 O O   . HOH B 2 .  ? 5.147   10.985  2.079   1.00 33.99 ? 277 HOH A O   1 
HETATM 739 O O   . HOH B 2 .  ? 9.596   4.214   -4.390  1.00 34.63 ? 278 HOH A O   1 
HETATM 740 O O   . HOH B 2 .  ? -6.966  -4.136  12.273  1.00 43.73 ? 279 HOH A O   1 
HETATM 741 O O   . HOH B 2 .  ? 9.567   1.096   2.719   1.00 33.46 ? 280 HOH A O   1 
HETATM 742 O O   . HOH B 2 .  ? -2.141  -2.015  -12.276 1.00 38.11 ? 281 HOH A O   1 
HETATM 743 O O   . HOH B 2 .  ? -8.414  3.182   -6.285  1.00 30.51 ? 282 HOH A O   1 
HETATM 744 O O   . HOH B 2 .  ? -4.182  5.422   -11.897 1.00 36.31 ? 283 HOH A O   1 
HETATM 745 O O   . HOH B 2 .  ? -8.734  -17.534 -5.042  1.00 55.63 ? 284 HOH A O   1 
HETATM 746 O O   A HOH B 2 .  ? -0.201  6.653   3.085   0.50 20.51 ? 285 HOH A O   1 
HETATM 747 O O   B HOH B 2 .  ? -0.937  5.496   3.483   0.50 27.10 ? 285 HOH A O   1 
HETATM 748 O O   . HOH B 2 .  ? -15.934 -5.291  6.495   1.00 51.55 ? 286 HOH A O   1 
HETATM 749 O O   . HOH B 2 .  ? -4.111  -10.230 5.752   1.00 34.14 ? 287 HOH A O   1 
HETATM 750 O O   . HOH B 2 .  ? 4.508   5.352   -18.399 1.00 29.91 ? 288 HOH A O   1 
HETATM 751 O O   . HOH B 2 .  ? 4.395   26.746  2.213   1.00 35.03 ? 289 HOH A O   1 
HETATM 752 O O   . HOH B 2 .  ? -12.417 2.661   4.623   1.00 33.29 ? 290 HOH A O   1 
HETATM 753 O O   . HOH B 2 .  ? -8.207  3.698   -9.139  1.00 33.63 ? 291 HOH A O   1 
HETATM 754 O O   . HOH B 2 .  ? 3.873   5.068   -15.798 1.00 34.19 ? 292 HOH A O   1 
HETATM 755 O O   . HOH B 2 .  ? -4.558  -14.741 -6.416  1.00 36.17 ? 293 HOH A O   1 
HETATM 756 O O   A HOH B 2 .  ? 6.680   9.653   -0.005  0.50 27.44 ? 294 HOH A O   1 
HETATM 757 O O   B HOH B 2 .  ? 6.133   8.327   -1.629  0.50 23.09 ? 294 HOH A O   1 
HETATM 758 O O   . HOH B 2 .  ? -11.854 0.710   8.784   1.00 40.27 ? 295 HOH A O   1 
HETATM 759 O O   . HOH B 2 .  ? 9.169   -0.476  10.249  1.00 41.72 ? 296 HOH A O   1 
HETATM 760 O O   . HOH B 2 .  ? 14.165  1.971   14.650  1.00 40.85 ? 297 HOH A O   1 
HETATM 761 O O   . HOH B 2 .  ? -1.689  2.799   -13.598 1.00 35.44 ? 298 HOH A O   1 
HETATM 762 O O   . HOH B 2 .  ? -5.556  -3.726  -10.517 1.00 31.81 ? 299 HOH A O   1 
HETATM 763 O O   . HOH B 2 .  ? -13.162 -6.164  -0.722  1.00 36.35 ? 300 HOH A O   1 
HETATM 764 O O   . HOH B 2 .  ? 2.791   -14.508 -7.388  1.00 37.45 ? 301 HOH A O   1 
HETATM 765 O O   . HOH B 2 .  ? -0.080  8.801   1.586   1.00 36.72 ? 302 HOH A O   1 
HETATM 766 O O   . HOH B 2 .  ? 6.546   -9.224  2.929   1.00 31.83 ? 303 HOH A O   1 
HETATM 767 O O   . HOH B 2 .  ? 2.152   -15.172 0.131   1.00 45.13 ? 304 HOH A O   1 
HETATM 768 O O   . HOH B 2 .  ? -14.804 0.694   -0.712  1.00 40.38 ? 305 HOH A O   1 
HETATM 769 O O   . HOH B 2 .  ? 2.627   4.188   13.209  1.00 36.34 ? 306 HOH A O   1 
HETATM 770 O O   . HOH B 2 .  ? 2.780   9.765   -8.933  1.00 45.13 ? 307 HOH A O   1 
HETATM 771 O O   . HOH B 2 .  ? 8.436   -14.746 -8.034  1.00 46.32 ? 308 HOH A O   1 
HETATM 772 O O   . HOH B 2 .  ? 6.668   9.116   -20.847 1.00 55.80 ? 309 HOH A O   1 
HETATM 773 O O   . HOH B 2 .  ? -3.113  -17.523 -3.707  1.00 42.58 ? 310 HOH A O   1 
HETATM 774 O O   . HOH B 2 .  ? -2.761  -4.013  -13.823 1.00 38.20 ? 311 HOH A O   1 
HETATM 775 O O   . HOH B 2 .  ? -12.639 -6.004  9.600   1.00 45.32 ? 312 HOH A O   1 
HETATM 776 O O   . HOH B 2 .  ? 6.855   20.612  4.504   1.00 55.29 ? 313 HOH A O   1 
HETATM 777 O O   . HOH B 2 .  ? 1.444   9.284   8.495   1.00 44.50 ? 314 HOH A O   1 
HETATM 778 O O   . HOH B 2 .  ? 7.555   16.227  -0.560  1.00 40.03 ? 315 HOH A O   1 
HETATM 779 O O   . HOH B 2 .  ? -13.982 -11.341 0.952   1.00 44.92 ? 316 HOH A O   1 
HETATM 780 O O   . HOH B 2 .  ? 11.357  10.682  13.902  1.00 37.77 ? 317 HOH A O   1 
HETATM 781 O O   . HOH B 2 .  ? -7.665  -9.741  7.836   1.00 39.04 ? 318 HOH A O   1 
HETATM 782 O O   . HOH B 2 .  ? -5.210  14.535  -0.975  1.00 67.06 ? 319 HOH A O   1 
HETATM 783 O O   A HOH B 2 .  ? -8.880  -15.666 -0.726  0.50 30.98 ? 320 HOH A O   1 
HETATM 784 O O   B HOH B 2 .  ? -9.208  -18.242 -0.315  0.50 42.62 ? 320 HOH A O   1 
HETATM 785 O O   . HOH B 2 .  ? -10.191 5.782   9.897   1.00 48.13 ? 321 HOH A O   1 
HETATM 786 O O   . HOH B 2 .  ? -9.558  -4.254  -9.659  1.00 43.71 ? 322 HOH A O   1 
HETATM 787 O O   . HOH B 2 .  ? -5.729  0.528   -13.232 1.00 39.97 ? 323 HOH A O   1 
HETATM 788 O O   . HOH B 2 .  ? 2.429   -13.851 4.430   1.00 41.62 ? 324 HOH A O   1 
HETATM 789 O O   . HOH B 2 .  ? 2.962   7.506   9.953   1.00 43.58 ? 325 HOH A O   1 
HETATM 790 O O   . HOH B 2 .  ? 9.825   22.105  1.106   1.00 44.06 ? 326 HOH A O   1 
HETATM 791 O O   . HOH B 2 .  ? 0.794   3.091   -12.934 1.00 38.96 ? 327 HOH A O   1 
HETATM 792 O O   . HOH B 2 .  ? 9.425   17.281  -2.448  1.00 39.68 ? 328 HOH A O   1 
HETATM 793 O O   . HOH B 2 .  ? -12.857 0.455   6.358   1.00 40.43 ? 329 HOH A O   1 
HETATM 794 O O   . HOH B 2 .  ? -4.608  -12.986 6.297   1.00 46.90 ? 330 HOH A O   1 
HETATM 795 O O   . HOH B 2 .  ? 2.404   6.308   -20.011 1.00 42.61 ? 331 HOH A O   1 
HETATM 796 O O   . HOH B 2 .  ? -1.868  -14.336 -7.261  1.00 43.54 ? 332 HOH A O   1 
HETATM 797 O O   . HOH B 2 .  ? 13.134  -0.971  -0.406  1.00 46.89 ? 333 HOH A O   1 
HETATM 798 O O   . HOH B 2 .  ? -13.068 -1.500  10.125  1.00 50.52 ? 334 HOH A O   1 
HETATM 799 O O   . HOH B 2 .  ? 9.852   -7.252  5.919   1.00 43.33 ? 335 HOH A O   1 
HETATM 800 O O   . HOH B 2 .  ? 6.402   6.084   12.958  1.00 43.84 ? 336 HOH A O   1 
HETATM 801 O O   . HOH B 2 .  ? 11.329  4.921   9.604   1.00 44.19 ? 337 HOH A O   1 
HETATM 802 O O   . HOH B 2 .  ? 8.293   13.582  -6.001  1.00 36.62 ? 338 HOH A O   1 
HETATM 803 O O   . HOH B 2 .  ? -7.886  6.311   -9.391  1.00 43.65 ? 339 HOH A O   1 
HETATM 804 O O   . HOH B 2 .  ? 6.908   6.043   -2.394  1.00 38.81 ? 340 HOH A O   1 
HETATM 805 O O   . HOH B 2 .  ? -2.741  -1.771  13.704  1.00 48.72 ? 341 HOH A O   1 
HETATM 806 O O   . HOH B 2 .  ? -10.905 5.978   -6.472  1.00 42.00 ? 342 HOH A O   1 
HETATM 807 O O   . HOH B 2 .  ? 8.077   4.428   12.587  1.00 46.37 ? 343 HOH A O   1 
HETATM 808 O O   . HOH B 2 .  ? 3.005   -15.004 6.541   1.00 55.50 ? 344 HOH A O   1 
HETATM 809 O O   . HOH B 2 .  ? 6.803   10.823  -9.713  1.00 50.06 ? 345 HOH A O   1 
HETATM 810 O O   . HOH B 2 .  ? -2.458  10.125  0.791   1.00 54.70 ? 346 HOH A O   1 
HETATM 811 O O   . HOH B 2 .  ? 4.930   -10.292 4.334   1.00 48.17 ? 347 HOH A O   1 
HETATM 812 O O   . HOH B 2 .  ? -15.008 3.415   4.147   1.00 46.98 ? 348 HOH A O   1 
HETATM 813 O O   . HOH B 2 .  ? -6.464  3.064   -11.658 1.00 50.15 ? 349 HOH A O   1 
HETATM 814 O O   . HOH B 2 .  ? -3.029  11.893  10.723  1.00 49.79 ? 350 HOH A O   1 
HETATM 815 O O   . HOH B 2 .  ? -1.123  10.529  5.447   1.00 51.35 ? 351 HOH A O   1 
HETATM 816 O O   . HOH B 2 .  ? -1.810  -14.617 -9.931  1.00 37.08 ? 352 HOH A O   1 
HETATM 817 O O   . HOH B 2 .  ? 1.422   -7.288  -12.105 0.50 39.05 ? 353 HOH A O   1 
HETATM 818 O O   . HOH B 2 .  ? 8.881   -18.949 -8.345  1.00 49.80 ? 354 HOH A O   1 
HETATM 819 O O   . HOH B 2 .  ? -10.666 0.760   -6.281  1.00 41.08 ? 355 HOH A O   1 
HETATM 820 O O   A HOH B 2 .  ? -4.016  -8.299  -9.938  0.50 31.79 ? 356 HOH A O   1 
HETATM 821 O O   B HOH B 2 .  ? -3.185  -9.623  -9.651  0.50 41.66 ? 356 HOH A O   1 
HETATM 822 O O   . HOH B 2 .  ? -2.144  20.013  2.129   1.00 47.59 ? 357 HOH A O   1 
HETATM 823 O O   . HOH B 2 .  ? -12.644 -0.210  -4.906  1.00 39.11 ? 358 HOH A O   1 
HETATM 824 O O   . HOH B 2 .  ? -10.440 -2.096  13.871  1.00 66.86 ? 359 HOH A O   1 
HETATM 825 O O   . HOH B 2 .  ? -3.326  -5.771  13.292  1.00 45.44 ? 360 HOH A O   1 
HETATM 826 O O   . HOH B 2 .  ? -16.326 -7.217  2.396   1.00 61.05 ? 361 HOH A O   1 
HETATM 827 O O   . HOH B 2 .  ? -0.007  -15.690 -6.186  1.00 44.63 ? 362 HOH A O   1 
HETATM 828 O O   . HOH B 2 .  ? -14.366 -1.534  2.904   1.00 52.77 ? 363 HOH A O   1 
HETATM 829 O O   . HOH B 2 .  ? -6.784  -17.445 -3.473  1.00 42.01 ? 364 HOH A O   1 
HETATM 830 O O   . HOH B 2 .  ? 3.622   -14.937 1.963   1.00 41.53 ? 365 HOH A O   1 
HETATM 831 O O   . HOH B 2 .  ? -6.834  -11.231 -7.611  1.00 50.60 ? 366 HOH A O   1 
HETATM 832 O O   . HOH B 2 .  ? -10.191 -12.745 5.541   1.00 62.39 ? 367 HOH A O   1 
HETATM 833 O O   . HOH B 2 .  ? -0.585  -12.546 7.066   1.00 59.59 ? 368 HOH A O   1 
HETATM 834 O O   . HOH B 2 .  ? -8.443  11.124  3.727   1.00 44.32 ? 369 HOH A O   1 
HETATM 835 O O   . HOH B 2 .  ? -9.588  -3.819  12.104  1.00 44.60 ? 370 HOH A O   1 
HETATM 836 O O   . HOH B 2 .  ? -14.514 -9.136  6.118   1.00 54.15 ? 371 HOH A O   1 
HETATM 837 O O   . HOH B 2 .  ? -6.595  -19.622 -0.484  1.00 56.21 ? 372 HOH A O   1 
HETATM 838 O O   . HOH B 2 .  ? -8.162  11.249  7.654   1.00 61.01 ? 373 HOH A O   1 
HETATM 839 O O   . HOH B 2 .  ? 0.712   -19.758 0.362   1.00 58.79 ? 374 HOH A O   1 
HETATM 840 O O   . HOH B 2 .  ? 9.807   4.809   3.382   1.00 52.17 ? 375 HOH A O   1 
HETATM 841 O O   . HOH B 2 .  ? -6.195  -16.949 3.686   1.00 56.92 ? 376 HOH A O   1 
HETATM 842 O O   . HOH B 2 .  ? -4.889  -19.775 -2.862  1.00 49.88 ? 377 HOH A O   1 
HETATM 843 O O   . HOH B 2 .  ? -13.611 -2.876  -4.065  1.00 62.28 ? 378 HOH A O   1 
HETATM 844 O O   . HOH B 2 .  ? -10.149 -9.328  7.115   1.00 49.54 ? 379 HOH A O   1 
HETATM 845 O O   . HOH B 2 .  ? 3.464   19.038  2.204   1.00 51.24 ? 380 HOH A O   1 
HETATM 846 O O   . HOH B 2 .  ? 5.264   -6.867  -7.914  1.00 34.44 ? 381 HOH A O   1 
HETATM 847 O O   . HOH B 2 .  ? 9.652   1.825   -7.250  1.00 44.60 ? 382 HOH A O   1 
HETATM 848 O O   . HOH B 2 .  ? 9.589   -5.106  -4.272  1.00 27.95 ? 383 HOH A O   1 
HETATM 849 O O   . HOH B 2 .  ? 0.239   7.688   -17.987 1.00 55.95 ? 384 HOH A O   1 
HETATM 850 O O   . HOH B 2 .  ? -6.783  -2.028  -12.626 1.00 43.31 ? 385 HOH A O   1 
# 
loop_
_atom_site_anisotrop.id 
_atom_site_anisotrop.type_symbol 
_atom_site_anisotrop.pdbx_label_atom_id 
_atom_site_anisotrop.pdbx_label_alt_id 
_atom_site_anisotrop.pdbx_label_comp_id 
_atom_site_anisotrop.pdbx_label_asym_id 
_atom_site_anisotrop.pdbx_label_seq_id 
_atom_site_anisotrop.pdbx_PDB_ins_code 
_atom_site_anisotrop.U[1][1] 
_atom_site_anisotrop.U[2][2] 
_atom_site_anisotrop.U[3][3] 
_atom_site_anisotrop.U[1][2] 
_atom_site_anisotrop.U[1][3] 
_atom_site_anisotrop.U[2][3] 
_atom_site_anisotrop.pdbx_auth_seq_id 
_atom_site_anisotrop.pdbx_auth_comp_id 
_atom_site_anisotrop.pdbx_auth_asym_id 
_atom_site_anisotrop.pdbx_auth_atom_id 
1   N N   . SER A 1  ? 0.5143 0.5264 0.5138 0.0083  0.0088  -0.0181 148 SER A N   
2   C CA  . SER A 1  ? 0.5009 0.5096 0.5105 0.0018  0.0051  -0.0073 148 SER A CA  
3   C C   . SER A 1  ? 0.4939 0.4908 0.4892 -0.0024 0.0051  -0.0103 148 SER A C   
4   O O   . SER A 1  ? 0.5105 0.4895 0.4842 -0.0268 0.0064  -0.0126 148 SER A O   
5   C CB  . SER A 1  ? 0.4970 0.5212 0.5043 0.0032  0.0123  -0.0242 148 SER A CB  
6   N N   . MET A 2  ? 0.4612 0.4465 0.4495 -0.0028 0.0061  -0.0003 149 MET A N   
7   C CA  . MET A 2  ? 0.4443 0.4225 0.4260 0.0034  0.0018  0.0029  149 MET A CA  
8   C C   . MET A 2  ? 0.4592 0.4050 0.4298 0.0004  -0.0047 -0.0011 149 MET A C   
9   O O   . MET A 2  ? 0.4905 0.4430 0.4101 0.0011  -0.0121 -0.0153 149 MET A O   
10  C CB  . MET A 2  ? 0.4421 0.4260 0.4300 -0.0056 0.0016  0.0008  149 MET A CB  
11  C CG  . MET A 2  ? 0.4293 0.4191 0.4335 0.0033  0.0018  -0.0119 149 MET A CG  
12  S SD  . MET A 2  ? 0.3765 0.3835 0.4088 0.0425  0.0063  0.0015  149 MET A SD  
13  C CE  . MET A 2  ? 0.4110 0.4160 0.3791 0.0285  0.0473  -0.0508 149 MET A CE  
14  N N   . LEU A 3  ? 0.4673 0.4025 0.4192 -0.0061 -0.0089 0.0006  150 LEU A N   
15  C CA  . LEU A 3  ? 0.4685 0.4020 0.4226 -0.0038 -0.0067 0.0107  150 LEU A CA  
16  C C   . LEU A 3  ? 0.4622 0.3978 0.4434 0.0075  -0.0074 0.0078  150 LEU A C   
17  O O   . LEU A 3  ? 0.4981 0.4151 0.5002 0.0024  -0.0188 0.0146  150 LEU A O   
18  C CB  . LEU A 3  ? 0.4938 0.4093 0.4199 -0.0106 -0.0172 0.0026  150 LEU A CB  
19  N N   . ARG A 4  ? 0.4422 0.3846 0.4021 0.0113  -0.0049 0.0261  151 ARG A N   
20  C CA  . ARG A 4  ? 0.4182 0.3794 0.3946 0.0189  -0.0014 0.0120  151 ARG A CA  
21  C C   . ARG A 4  ? 0.3815 0.3465 0.3652 0.0241  0.0042  0.0098  151 ARG A C   
22  O O   . ARG A 4  ? 0.3879 0.3282 0.3624 0.0440  0.0293  -0.0074 151 ARG A O   
23  C CB  . ARG A 4  ? 0.4241 0.4122 0.4231 0.0161  0.0002  0.0011  151 ARG A CB  
24  C CG  . ARG A 4  ? 0.4700 0.4482 0.4614 0.0047  -0.0080 -0.0051 151 ARG A CG  
25  C CD  . ARG A 4  ? 0.4759 0.4785 0.4757 -0.0003 -0.0065 -0.0097 151 ARG A CD  
26  N NE  . ARG A 4  ? 0.4887 0.5070 0.4728 0.0167  0.0022  -0.0271 151 ARG A NE  
27  C CZ  . ARG A 4  ? 0.5033 0.5124 0.5004 -0.0024 0.0121  -0.0117 151 ARG A CZ  
28  N NH1 . ARG A 4  ? 0.4779 0.4699 0.4187 -0.0121 -0.0048 -0.0345 151 ARG A NH1 
29  N NH2 . ARG A 4  ? 0.5404 0.5401 0.4951 -0.0239 0.0048  0.0085  151 ARG A NH2 
30  N N   . PRO A 5  ? 0.3512 0.3213 0.3365 0.0157  -0.0007 0.0105  152 PRO A N   
31  C CA  . PRO A 5  ? 0.3314 0.2920 0.3056 0.0249  -0.0077 0.0045  152 PRO A CA  
32  C C   . PRO A 5  ? 0.3171 0.2942 0.2697 0.0189  -0.0135 -0.0059 152 PRO A C   
33  O O   . PRO A 5  ? 0.3551 0.3055 0.3062 0.0350  -0.0457 0.0019  152 PRO A O   
34  C CB  . PRO A 5  ? 0.3314 0.2929 0.3158 0.0145  -0.0048 -0.0040 152 PRO A CB  
35  C CG  . PRO A 5  ? 0.3292 0.3123 0.3487 0.0327  0.0029  -0.0031 152 PRO A CG  
36  C CD  . PRO A 5  ? 0.3511 0.3366 0.3438 0.0147  -0.0090 0.0097  152 PRO A CD  
37  N N   . ARG A 6  ? 0.2902 0.2684 0.2359 0.0183  -0.0032 -0.0100 153 ARG A N   
38  C CA  . ARG A 6  ? 0.2694 0.2629 0.2447 0.0077  0.0030  -0.0193 153 ARG A CA  
39  C C   . ARG A 6  ? 0.2642 0.2462 0.2314 0.0044  -0.0068 -0.0162 153 ARG A C   
40  O O   . ARG A 6  ? 0.2768 0.2690 0.2465 0.0105  -0.0146 -0.0305 153 ARG A O   
41  C CB  . ARG A 6  ? 0.2695 0.2795 0.2400 -0.0014 0.0004  -0.0123 153 ARG A CB  
42  C CG  . ARG A 6  ? 0.2845 0.2914 0.3077 0.0265  0.0130  -0.0170 153 ARG A CG  
43  C CD  . ARG A 6  ? 0.3081 0.3210 0.3269 0.0187  0.0116  -0.0113 153 ARG A CD  
44  N NE  . ARG A 6  ? 0.2983 0.2990 0.2725 0.0135  0.0071  -0.0252 153 ARG A NE  
45  C CZ  . ARG A 6  ? 0.3617 0.3415 0.3197 0.0024  -0.0035 0.0056  153 ARG A CZ  
46  N NH1 . ARG A 6  ? 0.3460 0.3527 0.3503 0.0182  0.0254  0.0085  153 ARG A NH1 
47  N NH2 . ARG A 6  ? 0.3291 0.3553 0.3034 -0.0272 0.0141  0.0001  153 ARG A NH2 
48  N N   . LEU A 7  ? 0.2552 0.2789 0.2363 0.0030  -0.0162 -0.0167 154 LEU A N   
49  C CA  . LEU A 7  ? 0.2682 0.2914 0.2476 0.0029  -0.0034 -0.0205 154 LEU A CA  
50  C C   . LEU A 7  ? 0.2571 0.2745 0.2282 0.0079  0.0169  -0.0234 154 LEU A C   
51  O O   . LEU A 7  ? 0.3345 0.2880 0.2371 0.0119  -0.0058 -0.0295 154 LEU A O   
52  C CB  . LEU A 7  ? 0.2581 0.2817 0.2567 0.0240  0.0068  -0.0130 154 LEU A CB  
53  C CG  . LEU A 7  ? 0.2551 0.3242 0.2987 -0.0118 -0.0062 -0.0244 154 LEU A CG  
54  C CD1 . LEU A 7  ? 0.2897 0.3422 0.3112 0.0208  0.0307  -0.0206 154 LEU A CD1 
55  C CD2 . LEU A 7  ? 0.2680 0.4242 0.3472 -0.0234 -0.0181 -0.0054 154 LEU A CD2 
56  N N   . CYS A 8  ? 0.2719 0.2824 0.2384 -0.0003 0.0093  -0.0247 155 CYS A N   
57  C CA  . CYS A 8  ? 0.2685 0.2645 0.2357 -0.0138 0.0103  -0.0244 155 CYS A CA  
58  C C   . CYS A 8  ? 0.2738 0.2811 0.2546 -0.0348 0.0178  -0.0263 155 CYS A C   
59  O O   . CYS A 8  ? 0.3030 0.2837 0.2587 -0.0276 0.0058  -0.0337 155 CYS A O   
60  C CB  . CYS A 8  ? 0.2736 0.2600 0.2551 -0.0080 -0.0179 -0.0119 155 CYS A CB  
61  S SG  . CYS A 8  ? 0.2950 0.2915 0.2688 -0.0109 -0.0038 -0.0052 155 CYS A SG  
62  N N   . THR A 9  ? 0.2954 0.2827 0.2423 -0.0267 0.0109  -0.0297 156 THR A N   
63  C CA  . THR A 9  ? 0.2835 0.3065 0.2745 -0.0266 0.0015  -0.0281 156 THR A CA  
64  C C   . THR A 9  ? 0.3023 0.3123 0.2871 -0.0306 0.0039  -0.0166 156 THR A C   
65  O O   . THR A 9  ? 0.2923 0.3300 0.2744 -0.0512 0.0012  -0.0160 156 THR A O   
66  C CB  . THR A 9  ? 0.2613 0.3137 0.3116 -0.0208 -0.0110 -0.0217 156 THR A CB  
67  O OG1 . THR A 9  ? 0.3024 0.3582 0.3327 -0.0047 -0.0142 -0.0174 156 THR A OG1 
68  C CG2 . THR A 9  ? 0.3368 0.3322 0.3587 -0.0367 0.0043  -0.0070 156 THR A CG2 
69  N N   . MET A 10 ? 0.2812 0.3121 0.2677 -0.0391 0.0098  -0.0191 157 MET A N   
70  C CA  . MET A 10 ? 0.3115 0.3110 0.2783 -0.0379 0.0072  -0.0072 157 MET A CA  
71  C C   . MET A 10 ? 0.3132 0.3153 0.3077 -0.0380 0.0078  -0.0095 157 MET A C   
72  O O   . MET A 10 ? 0.3361 0.3114 0.2991 -0.0534 0.0180  -0.0282 157 MET A O   
73  C CB  . MET A 10 ? 0.3393 0.3256 0.3379 -0.0249 0.0019  0.0018  157 MET A CB  
74  C CG  . MET A 10 ? 0.3578 0.3598 0.3165 -0.0178 -0.0069 -0.0026 157 MET A CG  
75  S SD  . MET A 10 ? 0.3487 0.3174 0.2688 -0.0499 -0.0266 -0.0062 157 MET A SD  
76  C CE  . MET A 10 ? 0.3555 0.3411 0.3413 -0.0446 -0.0283 0.0071  157 MET A CE  
77  N N   . LYS A 11 ? 0.3469 0.3155 0.3017 -0.0437 0.0185  -0.0125 158 LYS A N   
78  C CA  . LYS A 11 ? 0.3378 0.3147 0.3221 -0.0474 0.0143  -0.0114 158 LYS A CA  
79  C C   . LYS A 11 ? 0.3368 0.3033 0.3198 -0.0524 0.0175  -0.0128 158 LYS A C   
80  O O   . LYS A 11 ? 0.3425 0.2935 0.3253 -0.0431 0.0101  0.0117  158 LYS A O   
81  C CB  . LYS A 11 ? 0.3665 0.3294 0.3298 -0.0320 0.0104  -0.0166 158 LYS A CB  
82  C CG  . LYS A 11 ? 0.3974 0.3981 0.3771 -0.0261 0.0049  -0.0111 158 LYS A CG  
83  C CD  . LYS A 11 ? 0.4545 0.4363 0.4605 -0.0375 -0.0105 -0.0149 158 LYS A CD  
84  C CE  . LYS A 11 ? 0.4907 0.4624 0.5111 -0.0309 0.0065  -0.0052 158 LYS A CE  
85  N NZ  . LYS A 11 ? 0.5559 0.5569 0.5535 -0.0252 0.0068  -0.0232 158 LYS A NZ  
86  N N   . LYS A 12 ? 0.3400 0.3118 0.3334 -0.0569 0.0164  -0.0062 159 LYS A N   
87  C CA  . LYS A 12 ? 0.3619 0.3458 0.3580 -0.0437 0.0174  0.0035  159 LYS A CA  
88  C C   . LYS A 12 ? 0.3811 0.3660 0.3683 -0.0387 0.0007  -0.0074 159 LYS A C   
89  O O   . LYS A 12 ? 0.3967 0.3531 0.4120 -0.0557 -0.0097 0.0077  159 LYS A O   
90  C CB  . LYS A 12 ? 0.3622 0.3792 0.3685 -0.0318 0.0210  -0.0093 159 LYS A CB  
91  C CG  . LYS A 12 ? 0.3387 0.3580 0.3489 -0.0215 0.0457  -0.0023 159 LYS A CG  
92  C CD  . LYS A 12 ? 0.3670 0.4045 0.3714 0.0089  0.0210  0.0173  159 LYS A CD  
93  C CE  . LYS A 12 ? 0.4340 0.4212 0.3864 -0.0170 0.0046  0.0162  159 LYS A CE  
94  N NZ  . LYS A 12 ? 0.4873 0.4711 0.4094 0.0046  0.0347  0.0090  159 LYS A NZ  
95  N N   . GLY A 13 ? 0.3944 0.3524 0.3821 -0.0342 -0.0022 -0.0034 160 GLY A N   
96  C CA  . GLY A 13 ? 0.4176 0.3788 0.4067 -0.0142 -0.0060 -0.0045 160 GLY A CA  
97  C C   . GLY A 13 ? 0.4484 0.3980 0.4268 -0.0258 -0.0050 0.0021  160 GLY A C   
98  O O   . GLY A 13 ? 0.4697 0.3775 0.4267 -0.0349 0.0070  0.0211  160 GLY A O   
99  N N   . PRO A 14 ? 0.4838 0.4282 0.4426 -0.0115 -0.0069 0.0089  161 PRO A N   
100 C CA  . PRO A 14 ? 0.5016 0.4502 0.4558 -0.0160 -0.0074 0.0116  161 PRO A CA  
101 C C   . PRO A 14 ? 0.5025 0.4525 0.4450 -0.0209 -0.0043 0.0124  161 PRO A C   
102 O O   . PRO A 14 ? 0.5438 0.4635 0.4633 -0.0326 -0.0100 0.0319  161 PRO A O   
103 C CB  . PRO A 14 ? 0.5129 0.4603 0.4662 -0.0103 -0.0067 0.0108  161 PRO A CB  
104 C CG  . PRO A 14 ? 0.5097 0.4603 0.4706 -0.0076 -0.0025 0.0093  161 PRO A CG  
105 C CD  . PRO A 14 ? 0.4972 0.4363 0.4527 -0.0202 -0.0128 0.0062  161 PRO A CD  
106 N N   . SER A 15 ? 0.4858 0.4185 0.4293 -0.0181 -0.0102 0.0194  162 SER A N   
107 C CA  . SER A 15 ? 0.4688 0.4205 0.4353 -0.0127 -0.0006 0.0127  162 SER A CA  
108 C C   . SER A 15 ? 0.4342 0.3880 0.4001 -0.0189 0.0045  0.0111  162 SER A C   
109 O O   . SER A 15 ? 0.4627 0.4003 0.4624 -0.0265 0.0023  0.0043  162 SER A O   
110 C CB  . SER A 15 ? 0.4751 0.4367 0.4391 -0.0113 -0.0034 0.0167  162 SER A CB  
111 O OG  . SER A 15 ? 0.5328 0.4786 0.5052 0.0034  -0.0041 -0.0025 162 SER A OG  
112 N N   . GLY A 16 ? 0.4096 0.3397 0.3515 -0.0362 0.0155  0.0125  163 GLY A N   
113 C CA  . GLY A 16 ? 0.3836 0.3317 0.3202 -0.0332 0.0053  0.0086  163 GLY A CA  
114 C C   . GLY A 16 ? 0.3718 0.2849 0.3034 -0.0266 0.0160  0.0041  163 GLY A C   
115 O O   . GLY A 16 ? 0.3842 0.2851 0.3135 -0.0511 0.0135  -0.0002 163 GLY A O   
116 N N   . TYR A 17 ? 0.3369 0.2621 0.2709 -0.0378 0.0149  -0.0020 164 TYR A N   
117 C CA  . TYR A 17 ? 0.3089 0.2437 0.2492 -0.0287 0.0228  -0.0128 164 TYR A CA  
118 C C   . TYR A 17 ? 0.3169 0.2618 0.2612 -0.0252 0.0036  0.0040  164 TYR A C   
119 O O   . TYR A 17 ? 0.3247 0.2899 0.2526 -0.0300 0.0277  -0.0031 164 TYR A O   
120 C CB  . TYR A 17 ? 0.3006 0.2517 0.2430 -0.0203 0.0158  -0.0021 164 TYR A CB  
121 C CG  . TYR A 17 ? 0.2795 0.2698 0.2300 -0.0275 0.0320  -0.0275 164 TYR A CG  
122 C CD1 . TYR A 17 ? 0.3010 0.2897 0.2682 -0.0321 0.0380  -0.0339 164 TYR A CD1 
123 C CD2 . TYR A 17 ? 0.2928 0.2893 0.2368 -0.0146 0.0192  -0.0215 164 TYR A CD2 
124 C CE1 . TYR A 17 ? 0.3058 0.2519 0.2595 -0.0425 -0.0079 -0.0357 164 TYR A CE1 
125 C CE2 . TYR A 17 ? 0.2809 0.2880 0.2848 -0.0384 0.0192  -0.0331 164 TYR A CE2 
126 C CZ  . TYR A 17 ? 0.3108 0.2665 0.2892 -0.0068 0.0140  -0.0234 164 TYR A CZ  
127 O OH  . TYR A 17 ? 0.3110 0.3181 0.2976 -0.0518 0.0422  -0.0334 164 TYR A OH  
128 N N   . GLY A 18 ? 0.2989 0.2446 0.2699 -0.0210 0.0110  0.0053  165 GLY A N   
129 C CA  . GLY A 18 ? 0.3095 0.2538 0.2847 -0.0158 0.0111  0.0066  165 GLY A CA  
130 C C   . GLY A 18 ? 0.2937 0.2388 0.2645 -0.0186 0.0169  -0.0121 165 GLY A C   
131 O O   . GLY A 18 ? 0.3009 0.2662 0.2762 -0.0234 0.0229  -0.0317 165 GLY A O   
132 N N   . PHE A 19 ? 0.3016 0.2492 0.2398 -0.0131 0.0247  -0.0010 166 PHE A N   
133 C CA  . PHE A 19 ? 0.3013 0.2416 0.2350 -0.0207 0.0145  -0.0132 166 PHE A CA  
134 C C   . PHE A 19 ? 0.2966 0.2487 0.2388 -0.0150 0.0253  -0.0276 166 PHE A C   
135 O O   . PHE A 19 ? 0.2958 0.2534 0.2613 -0.0309 0.0193  -0.0127 166 PHE A O   
136 C CB  . PHE A 19 ? 0.2918 0.2433 0.2227 -0.0333 0.0166  -0.0136 166 PHE A CB  
137 C CG  . PHE A 19 ? 0.2917 0.2346 0.2058 -0.0120 0.0075  0.0107  166 PHE A CG  
138 C CD1 . PHE A 19 ? 0.2916 0.2552 0.2388 -0.0153 -0.0088 -0.0135 166 PHE A CD1 
139 C CD2 . PHE A 19 ? 0.3142 0.2568 0.1919 -0.0259 0.0292  -0.0181 166 PHE A CD2 
140 C CE1 . PHE A 19 ? 0.3053 0.2931 0.2605 -0.0205 -0.0150 0.0032  166 PHE A CE1 
141 C CE2 . PHE A 19 ? 0.2949 0.2229 0.2684 -0.0248 0.0071  -0.0150 166 PHE A CE2 
142 C CZ  . PHE A 19 ? 0.3244 0.2986 0.2536 -0.0183 0.0030  0.0098  166 PHE A CZ  
143 N N   . ASN A 20 ? 0.3054 0.2457 0.2301 -0.0189 0.0203  -0.0125 167 ASN A N   
144 C CA  . ASN A 20 ? 0.3093 0.2540 0.2449 -0.0134 -0.0014 -0.0171 167 ASN A CA  
145 C C   . ASN A 20 ? 0.3168 0.2517 0.2385 -0.0264 -0.0103 -0.0081 167 ASN A C   
146 O O   . ASN A 20 ? 0.3410 0.2518 0.2466 -0.0256 0.0213  -0.0006 167 ASN A O   
147 C CB  . ASN A 20 ? 0.3276 0.2687 0.2785 -0.0205 -0.0109 -0.0096 167 ASN A CB  
148 C CG  . ASN A 20 ? 0.3837 0.3371 0.3644 -0.0045 -0.0197 -0.0005 167 ASN A CG  
149 O OD1 . ASN A 20 ? 0.4502 0.3741 0.4385 -0.0262 -0.0134 -0.0027 167 ASN A OD1 
150 N ND2 . ASN A 20 ? 0.4945 0.4601 0.4353 -0.0280 -0.0440 0.0219  167 ASN A ND2 
151 N N   . LEU A 21 ? 0.3364 0.2621 0.2566 -0.0195 -0.0181 -0.0109 168 LEU A N   
152 C CA  . LEU A 21 ? 0.3263 0.2791 0.2699 -0.0132 -0.0260 -0.0183 168 LEU A CA  
153 C C   . LEU A 21 ? 0.3272 0.2625 0.2297 -0.0177 -0.0208 -0.0179 168 LEU A C   
154 O O   . LEU A 21 ? 0.3444 0.2639 0.2465 -0.0213 -0.0316 -0.0100 168 LEU A O   
155 C CB  . LEU A 21 ? 0.3346 0.3049 0.2770 -0.0297 -0.0406 -0.0268 168 LEU A CB  
156 C CG  . LEU A 21 ? 0.3415 0.3265 0.2884 -0.0176 -0.0165 -0.0185 168 LEU A CG  
157 C CD1 . LEU A 21 ? 0.3792 0.3268 0.3136 -0.0194 -0.0032 0.0179  168 LEU A CD1 
158 C CD2 . LEU A 21 ? 0.3080 0.3221 0.3256 -0.0229 -0.0195 0.0014  168 LEU A CD2 
159 N N   . HIS A 22 ? 0.2952 0.2686 0.1961 -0.0177 -0.0201 -0.0279 169 HIS A N   
160 C CA  . HIS A 22 ? 0.3017 0.2675 0.2198 -0.0014 -0.0043 -0.0366 169 HIS A CA  
161 C C   . HIS A 22 ? 0.3122 0.2753 0.2503 -0.0085 -0.0159 -0.0213 169 HIS A C   
162 O O   . HIS A 22 ? 0.3242 0.2656 0.2426 0.0055  -0.0063 -0.0354 169 HIS A O   
163 C CB  . HIS A 22 ? 0.3173 0.3041 0.2389 -0.0039 -0.0229 -0.0366 169 HIS A CB  
164 C CG  . HIS A 22 ? 0.2915 0.3141 0.3020 -0.0076 -0.0253 -0.0289 169 HIS A CG  
165 N ND1 . HIS A 22 ? 0.3665 0.4736 0.3964 -0.0250 -0.0048 -0.0151 169 HIS A ND1 
166 C CD2 . HIS A 22 ? 0.2874 0.3014 0.3121 -0.0015 -0.0239 0.0088  169 HIS A CD2 
167 C CE1 . HIS A 22 ? 0.3775 0.4544 0.4164 -0.0266 0.0026  -0.0058 169 HIS A CE1 
168 N NE2 . HIS A 22 ? 0.3144 0.3930 0.3364 0.0316  0.0051  -0.0676 169 HIS A NE2 
169 N N   . SER A 23 ? 0.3326 0.2851 0.2511 -0.0122 -0.0155 -0.0203 170 SER A N   
170 C CA  . SER A 23 ? 0.3428 0.2849 0.2747 0.0047  -0.0076 -0.0328 170 SER A CA  
171 C C   . SER A 23 ? 0.3538 0.2986 0.2973 0.0010  -0.0160 -0.0384 170 SER A C   
172 O O   . SER A 23 ? 0.3594 0.3531 0.3675 -0.0115 -0.0240 -0.0434 170 SER A O   
173 C CB  . SER A 23 ? 0.3473 0.2754 0.2945 0.0034  -0.0128 -0.0556 170 SER A CB  
174 O OG  . SER A 23 ? 0.3867 0.3703 0.2879 -0.0191 0.0057  -0.0565 170 SER A OG  
175 N N   . ASP A 24 ? 0.3692 0.3536 0.3151 -0.0182 -0.0120 -0.0107 171 ASP A N   
176 C CA  . ASP A 24 ? 0.3813 0.3651 0.3416 -0.0111 -0.0061 -0.0075 171 ASP A CA  
177 C C   . ASP A 24 ? 0.4074 0.3995 0.3603 -0.0103 -0.0023 -0.0076 171 ASP A C   
178 O O   . ASP A 24 ? 0.4360 0.3961 0.3511 -0.0402 -0.0048 -0.0286 171 ASP A O   
179 C CB  . ASP A 24 ? 0.3831 0.3744 0.3407 -0.0121 -0.0021 -0.0074 171 ASP A CB  
180 C CG  . ASP A 24 ? 0.4253 0.4068 0.3966 -0.0116 0.0120  -0.0029 171 ASP A CG  
181 O OD1 . ASP A 24 ? 0.4414 0.4884 0.5125 0.0179  0.0245  -0.0097 171 ASP A OD1 
182 O OD2 . ASP A 24 ? 0.4446 0.4740 0.4229 -0.0491 0.0306  -0.0090 171 ASP A OD2 
183 N N   . LYS A 25 ? 0.4337 0.4371 0.4036 -0.0179 0.0061  -0.0122 172 LYS A N   
184 C CA  A LYS A 25 ? 0.4534 0.4485 0.4325 -0.0118 0.0045  -0.0079 172 LYS A CA  
185 C CA  B LYS A 25 ? 0.4467 0.4421 0.4255 -0.0137 0.0067  -0.0089 172 LYS A CA  
186 C C   . LYS A 25 ? 0.4771 0.4575 0.4526 -0.0183 0.0077  -0.0100 172 LYS A C   
187 O O   . LYS A 25 ? 0.5098 0.4734 0.4669 -0.0349 0.0076  -0.0089 172 LYS A O   
188 C CB  A LYS A 25 ? 0.4607 0.4562 0.4373 -0.0149 -0.0025 -0.0070 172 LYS A CB  
189 C CB  B LYS A 25 ? 0.4501 0.4457 0.4281 -0.0188 0.0013  -0.0060 172 LYS A CB  
190 C CG  A LYS A 25 ? 0.4605 0.4644 0.4472 -0.0004 -0.0013 -0.0083 172 LYS A CG  
191 C CG  B LYS A 25 ? 0.4282 0.4410 0.4205 -0.0092 0.0125  -0.0082 172 LYS A CG  
192 C CD  A LYS A 25 ? 0.4598 0.4626 0.4447 -0.0059 0.0034  0.0015  172 LYS A CD  
193 C CD  B LYS A 25 ? 0.4356 0.4437 0.4401 -0.0022 0.0052  -0.0020 172 LYS A CD  
194 C CE  A LYS A 25 ? 0.4655 0.4624 0.4708 -0.0009 -0.0056 0.0012  172 LYS A CE  
195 C CE  B LYS A 25 ? 0.4433 0.4417 0.4596 -0.0141 -0.0041 0.0075  172 LYS A CE  
196 N NZ  A LYS A 25 ? 0.4555 0.4332 0.4373 0.0000  -0.0101 0.0005  172 LYS A NZ  
197 N NZ  B LYS A 25 ? 0.4473 0.4224 0.3808 -0.0043 -0.0028 0.0256  172 LYS A NZ  
198 N N   . SER A 26 ? 0.5065 0.4864 0.4810 -0.0230 0.0035  -0.0080 173 SER A N   
199 C CA  . SER A 26 ? 0.5261 0.5075 0.5092 -0.0128 0.0016  -0.0014 173 SER A CA  
200 C C   . SER A 26 ? 0.5429 0.5104 0.5204 -0.0164 0.0004  -0.0008 173 SER A C   
201 O O   . SER A 26 ? 0.5811 0.5282 0.5436 -0.0238 0.0040  0.0053  173 SER A O   
202 C CB  A SER A 26 ? 0.5275 0.5138 0.5123 -0.0134 0.0023  -0.0027 173 SER A CB  
203 C CB  B SER A 26 ? 0.5266 0.5135 0.5120 -0.0127 0.0016  -0.0026 173 SER A CB  
204 O OG  A SER A 26 ? 0.5353 0.5263 0.5137 -0.0178 0.0006  -0.0040 173 SER A OG  
205 O OG  B SER A 26 ? 0.5298 0.5166 0.5166 -0.0095 0.0005  -0.0049 173 SER A OG  
206 N N   . LYS A 27 ? 0.5249 0.4938 0.5160 -0.0210 0.0028  0.0035  174 LYS A N   
207 C CA  . LYS A 27 ? 0.5227 0.4836 0.5213 -0.0101 0.0050  0.0014  174 LYS A CA  
208 C C   . LYS A 27 ? 0.5081 0.4453 0.4983 -0.0053 0.0048  -0.0048 174 LYS A C   
209 O O   . LYS A 27 ? 0.5340 0.4289 0.5062 -0.0095 0.0202  -0.0017 174 LYS A O   
210 C CB  . LYS A 27 ? 0.5359 0.5102 0.5274 -0.0049 -0.0019 0.0012  174 LYS A CB  
211 C CG  . LYS A 27 ? 0.5596 0.5300 0.5499 -0.0041 -0.0043 -0.0037 174 LYS A CG  
212 C CD  . LYS A 27 ? 0.5728 0.5595 0.5595 -0.0049 0.0001  0.0172  174 LYS A CD  
213 C CE  . LYS A 27 ? 0.6035 0.6011 0.5978 -0.0017 0.0006  -0.0048 174 LYS A CE  
214 N NZ  . LYS A 27 ? 0.6211 0.6459 0.6183 -0.0085 0.0031  0.0032  174 LYS A NZ  
215 N N   . PRO A 28 ? 0.4857 0.4135 0.4797 -0.0076 0.0102  -0.0073 175 PRO A N   
216 C CA  . PRO A 28 ? 0.4721 0.3958 0.4578 0.0001  0.0084  -0.0136 175 PRO A CA  
217 C C   . PRO A 28 ? 0.4441 0.3615 0.4162 -0.0065 0.0110  -0.0163 175 PRO A C   
218 O O   . PRO A 28 ? 0.4626 0.3199 0.4509 0.0004  0.0271  0.0011  175 PRO A O   
219 C CB  . PRO A 28 ? 0.4680 0.4349 0.4787 0.0006  0.0155  -0.0070 175 PRO A CB  
220 C CG  . PRO A 28 ? 0.4896 0.4192 0.4782 0.0079  0.0130  -0.0016 175 PRO A CG  
221 C CD  . PRO A 28 ? 0.4821 0.4071 0.4723 -0.0061 0.0105  -0.0030 175 PRO A CD  
222 N N   . GLY A 29 ? 0.4094 0.3287 0.3688 0.0056  0.0098  -0.0165 176 GLY A N   
223 C CA  . GLY A 29 ? 0.3797 0.3206 0.3242 0.0075  0.0096  -0.0181 176 GLY A CA  
224 C C   . GLY A 29 ? 0.3260 0.3037 0.2897 0.0086  0.0025  -0.0096 176 GLY A C   
225 O O   . GLY A 29 ? 0.3159 0.3170 0.3365 -0.0303 0.0051  -0.0228 176 GLY A O   
226 N N   . GLN A 30 ? 0.2926 0.2829 0.2984 0.0131  -0.0086 -0.0141 177 GLN A N   
227 C CA  . GLN A 30 ? 0.2894 0.2730 0.2733 0.0121  0.0022  -0.0053 177 GLN A CA  
228 C C   . GLN A 30 ? 0.2730 0.2468 0.2430 0.0004  -0.0119 -0.0096 177 GLN A C   
229 O O   . GLN A 30 ? 0.2760 0.2694 0.2428 0.0148  -0.0037 0.0046  177 GLN A O   
230 C CB  . GLN A 30 ? 0.2957 0.2997 0.2693 -0.0041 -0.0063 -0.0241 177 GLN A CB  
231 C CG  . GLN A 30 ? 0.3047 0.3436 0.2831 0.0054  0.0439  0.0156  177 GLN A CG  
232 C CD  . GLN A 30 ? 0.3398 0.3553 0.2947 0.0187  0.0283  0.0002  177 GLN A CD  
233 O OE1 . GLN A 30 ? 0.4075 0.4120 0.2811 0.0184  0.0171  0.0009  177 GLN A OE1 
234 N NE2 . GLN A 30 ? 0.3754 0.3961 0.3037 -0.0424 0.0378  -0.0087 177 GLN A NE2 
235 N N   . PHE A 31 ? 0.2878 0.2273 0.2328 0.0020  -0.0159 -0.0124 178 PHE A N   
236 C CA  . PHE A 31 ? 0.2725 0.2271 0.2262 0.0113  -0.0105 -0.0047 178 PHE A CA  
237 C C   . PHE A 31 ? 0.2954 0.2197 0.2020 -0.0059 -0.0218 0.0032  178 PHE A C   
238 O O   . PHE A 31 ? 0.3211 0.2262 0.2021 0.0130  -0.0105 -0.0062 178 PHE A O   
239 C CB  . PHE A 31 ? 0.2993 0.2247 0.2411 0.0010  0.0018  -0.0028 178 PHE A CB  
240 C CG  . PHE A 31 ? 0.2668 0.2132 0.2527 0.0027  0.0077  -0.0109 178 PHE A CG  
241 C CD1 . PHE A 31 ? 0.2992 0.2366 0.2418 -0.0081 -0.0242 0.0037  178 PHE A CD1 
242 C CD2 . PHE A 31 ? 0.3219 0.2711 0.2604 -0.0070 -0.0233 -0.0297 178 PHE A CD2 
243 C CE1 . PHE A 31 ? 0.3106 0.2670 0.2725 -0.0315 -0.0472 0.0035  178 PHE A CE1 
244 C CE2 . PHE A 31 ? 0.3039 0.2641 0.2808 0.0120  0.0018  -0.0027 178 PHE A CE2 
245 C CZ  . PHE A 31 ? 0.2962 0.2216 0.2908 -0.0201 -0.0123 -0.0032 178 PHE A CZ  
246 N N   . ILE A 32 ? 0.2886 0.2127 0.2117 0.0055  0.0043  0.0016  179 ILE A N   
247 C CA  A ILE A 32 ? 0.2697 0.2192 0.2127 -0.0109 -0.0162 -0.0027 179 ILE A CA  
248 C CA  B ILE A 32 ? 0.2822 0.2383 0.2323 -0.0047 -0.0089 0.0009  179 ILE A CA  
249 C C   . ILE A 32 ? 0.2786 0.2425 0.2350 -0.0128 -0.0036 0.0110  179 ILE A C   
250 O O   . ILE A 32 ? 0.2854 0.2646 0.2485 -0.0024 -0.0117 0.0127  179 ILE A O   
251 C CB  A ILE A 32 ? 0.2440 0.2107 0.2002 -0.0110 0.0071  0.0003  179 ILE A CB  
252 C CB  B ILE A 32 ? 0.2881 0.2501 0.2389 -0.0032 -0.0044 -0.0019 179 ILE A CB  
253 C CG1 A ILE A 32 ? 0.2492 0.2013 0.2277 -0.0128 -0.0009 0.0113  179 ILE A CG1 
254 C CG1 B ILE A 32 ? 0.2889 0.2662 0.2774 -0.0058 0.0077  0.0037  179 ILE A CG1 
255 C CG2 A ILE A 32 ? 0.2559 0.1899 0.2128 0.0119  -0.0024 0.0068  179 ILE A CG2 
256 C CG2 B ILE A 32 ? 0.2815 0.2530 0.2274 0.0016  0.0027  -0.0080 179 ILE A CG2 
257 C CD1 A ILE A 32 ? 0.2202 0.2084 0.2479 -0.0148 -0.0190 0.0317  179 ILE A CD1 
258 C CD1 B ILE A 32 ? 0.3289 0.2854 0.2952 -0.0046 -0.0092 0.0177  179 ILE A CD1 
259 N N   . ARG A 33 ? 0.2730 0.2487 0.2478 -0.0107 -0.0154 0.0086  180 ARG A N   
260 C CA  . ARG A 33 ? 0.2736 0.2699 0.2535 -0.0188 -0.0134 0.0151  180 ARG A CA  
261 C C   . ARG A 33 ? 0.2700 0.2740 0.2641 -0.0006 -0.0160 0.0166  180 ARG A C   
262 O O   . ARG A 33 ? 0.2801 0.2908 0.2656 -0.0068 -0.0107 -0.0147 180 ARG A O   
263 C CB  . ARG A 33 ? 0.3122 0.2890 0.2609 -0.0077 -0.0118 0.0115  180 ARG A CB  
264 C CG  . ARG A 33 ? 0.3651 0.3630 0.3436 0.0089  -0.0067 0.0147  180 ARG A CG  
265 C CD  . ARG A 33 ? 0.4484 0.4685 0.4194 0.0111  -0.0018 0.0051  180 ARG A CD  
266 N NE  . ARG A 33 ? 0.4797 0.5477 0.4520 0.0053  -0.0106 0.0140  180 ARG A NE  
267 C CZ  . ARG A 33 ? 0.4679 0.5314 0.4643 -0.0013 -0.0231 0.0143  180 ARG A CZ  
268 N NH1 . ARG A 33 ? 0.4917 0.5245 0.4564 0.0167  -0.0183 -0.0034 180 ARG A NH1 
269 N NH2 . ARG A 33 ? 0.4920 0.5879 0.4949 0.0000  -0.0192 0.0096  180 ARG A NH2 
270 N N   . SER A 34 ? 0.2627 0.2476 0.2546 0.0044  -0.0207 -0.0037 181 SER A N   
271 C CA  . SER A 34 ? 0.2673 0.2577 0.2555 0.0101  -0.0090 0.0075  181 SER A CA  
272 C C   . SER A 34 ? 0.2638 0.2455 0.2624 0.0060  -0.0116 0.0007  181 SER A C   
273 O O   . SER A 34 ? 0.2801 0.2376 0.2480 -0.0082 0.0086  -0.0058 181 SER A O   
274 C CB  . SER A 34 ? 0.2819 0.2738 0.2752 0.0313  -0.0101 -0.0001 181 SER A CB  
275 O OG  . SER A 34 ? 0.3792 0.3217 0.3070 0.0029  -0.0064 0.0414  181 SER A OG  
276 N N   . VAL A 35 ? 0.2619 0.2433 0.2616 0.0067  0.0045  0.0022  182 VAL A N   
277 C CA  . VAL A 35 ? 0.2894 0.2536 0.2852 -0.0032 -0.0061 0.0076  182 VAL A CA  
278 C C   . VAL A 35 ? 0.2805 0.2603 0.2800 -0.0132 0.0089  0.0019  182 VAL A C   
279 O O   . VAL A 35 ? 0.3106 0.2554 0.3354 0.0121  0.0282  0.0068  182 VAL A O   
280 C CB  . VAL A 35 ? 0.2770 0.2399 0.2696 -0.0171 0.0011  0.0053  182 VAL A CB  
281 C CG1 . VAL A 35 ? 0.3164 0.2864 0.2943 -0.0421 -0.0173 -0.0130 182 VAL A CG1 
282 C CG2 . VAL A 35 ? 0.3081 0.2276 0.3076 0.0162  -0.0244 0.0177  182 VAL A CG2 
283 N N   . ASP A 36 ? 0.3330 0.2752 0.3043 -0.0034 -0.0053 0.0068  183 ASP A N   
284 C CA  . ASP A 36 ? 0.3264 0.2848 0.3064 -0.0020 -0.0069 0.0087  183 ASP A CA  
285 C C   . ASP A 36 ? 0.3368 0.2923 0.3094 0.0072  -0.0026 0.0122  183 ASP A C   
286 O O   . ASP A 36 ? 0.3455 0.2852 0.2886 0.0063  -0.0014 0.0027  183 ASP A O   
287 C CB  . ASP A 36 ? 0.3524 0.3055 0.3180 -0.0103 -0.0121 0.0258  183 ASP A CB  
288 C CG  . ASP A 36 ? 0.3727 0.3612 0.3561 -0.0177 0.0164  0.0004  183 ASP A CG  
289 O OD1 . ASP A 36 ? 0.4750 0.4588 0.4512 -0.0659 -0.0091 0.0349  183 ASP A OD1 
290 O OD2 . ASP A 36 ? 0.4783 0.4233 0.3926 -0.0412 0.0265  0.0586  183 ASP A OD2 
291 N N   . PRO A 37 ? 0.3440 0.2983 0.3137 0.0089  0.0002  -0.0019 184 PRO A N   
292 C CA  A PRO A 37 ? 0.3493 0.3058 0.3298 0.0115  0.0040  -0.0021 184 PRO A CA  
293 C CA  B PRO A 37 ? 0.3524 0.3070 0.3342 0.0120  0.0037  -0.0052 184 PRO A CA  
294 C C   . PRO A 37 ? 0.3556 0.2881 0.3370 0.0169  0.0058  -0.0128 184 PRO A C   
295 O O   . PRO A 37 ? 0.3927 0.2707 0.3549 0.0186  0.0196  -0.0171 184 PRO A O   
296 C CB  A PRO A 37 ? 0.3505 0.3159 0.3309 0.0149  0.0057  -0.0092 184 PRO A CB  
297 C CB  B PRO A 37 ? 0.3551 0.3100 0.3404 0.0175  0.0064  -0.0142 184 PRO A CB  
298 C CG  A PRO A 37 ? 0.3271 0.2981 0.3137 0.0157  -0.0029 0.0085  184 PRO A CG  
299 C CG  B PRO A 37 ? 0.3460 0.3083 0.3402 0.0137  -0.0035 -0.0102 184 PRO A CG  
300 C CD  A PRO A 37 ? 0.3377 0.3036 0.3272 0.0059  0.0041  -0.0052 184 PRO A CD  
301 C CD  B PRO A 37 ? 0.3458 0.3096 0.3315 0.0080  0.0014  -0.0064 184 PRO A CD  
302 N N   . ASP A 38 ? 0.3659 0.2962 0.3484 0.0152  0.0119  -0.0107 185 ASP A N   
303 C CA  . ASP A 38 ? 0.3629 0.3061 0.3448 -0.0010 0.0123  -0.0133 185 ASP A CA  
304 C C   . ASP A 38 ? 0.3375 0.2750 0.3402 -0.0105 0.0138  -0.0092 185 ASP A C   
305 O O   . ASP A 38 ? 0.3986 0.3143 0.3652 -0.0365 0.0221  -0.0090 185 ASP A O   
306 C CB  . ASP A 38 ? 0.3822 0.3092 0.3638 -0.0006 0.0084  -0.0040 185 ASP A CB  
307 C CG  . ASP A 38 ? 0.4073 0.3458 0.4204 0.0182  0.0010  -0.0155 185 ASP A CG  
308 O OD1 . ASP A 38 ? 0.5009 0.3833 0.4530 0.0142  0.0210  -0.0443 185 ASP A OD1 
309 O OD2 . ASP A 38 ? 0.5001 0.3960 0.5159 0.0330  -0.0102 0.0328  185 ASP A OD2 
310 N N   . SER A 39 ? 0.3455 0.2393 0.3239 -0.0085 0.0180  0.0034  186 SER A N   
311 C CA  . SER A 39 ? 0.3230 0.2418 0.2894 -0.0245 0.0138  0.0075  186 SER A CA  
312 C C   . SER A 39 ? 0.3241 0.2410 0.2826 -0.0352 0.0016  -0.0069 186 SER A C   
313 O O   . SER A 39 ? 0.3254 0.2487 0.2669 -0.0270 0.0102  0.0050  186 SER A O   
314 C CB  . SER A 39 ? 0.3305 0.2435 0.2600 -0.0130 -0.0075 0.0116  186 SER A CB  
315 O OG  . SER A 39 ? 0.3586 0.2320 0.2647 -0.0137 0.0002  -0.0174 186 SER A OG  
316 N N   . PRO A 40 ? 0.3212 0.2443 0.2749 -0.0279 0.0104  -0.0014 187 PRO A N   
317 C CA  . PRO A 40 ? 0.3122 0.2599 0.2639 -0.0299 0.0112  -0.0093 187 PRO A CA  
318 C C   . PRO A 40 ? 0.3082 0.2376 0.2537 -0.0271 0.0061  -0.0035 187 PRO A C   
319 O O   . PRO A 40 ? 0.3081 0.2685 0.2307 -0.0312 -0.0037 -0.0127 187 PRO A O   
320 C CB  . PRO A 40 ? 0.3214 0.2732 0.2707 -0.0453 0.0081  -0.0066 187 PRO A CB  
321 C CG  . PRO A 40 ? 0.3364 0.2803 0.2794 -0.0104 0.0160  -0.0196 187 PRO A CG  
322 C CD  . PRO A 40 ? 0.3361 0.2663 0.2853 -0.0032 0.0130  -0.0065 187 PRO A CD  
323 N N   . ALA A 41 ? 0.3082 0.2333 0.2370 -0.0149 0.0156  -0.0128 188 ALA A N   
324 C CA  . ALA A 41 ? 0.2876 0.2360 0.2333 -0.0291 0.0089  -0.0142 188 ALA A CA  
325 C C   . ALA A 41 ? 0.2771 0.2172 0.2198 -0.0142 0.0139  -0.0151 188 ALA A C   
326 O O   . ALA A 41 ? 0.2817 0.2261 0.2195 0.0040  0.0327  -0.0102 188 ALA A O   
327 C CB  . ALA A 41 ? 0.3110 0.2389 0.2237 -0.0173 0.0230  -0.0442 188 ALA A CB  
328 N N   . GLU A 42 ? 0.2734 0.2258 0.2307 -0.0180 0.0209  -0.0044 189 GLU A N   
329 C CA  . GLU A 42 ? 0.2815 0.2533 0.2504 -0.0154 0.0124  0.0027  189 GLU A CA  
330 C C   . GLU A 42 ? 0.2771 0.2572 0.2365 -0.0233 0.0062  -0.0093 189 GLU A C   
331 O O   . GLU A 42 ? 0.2525 0.2434 0.2524 -0.0153 0.0196  -0.0122 189 GLU A O   
332 C CB  . GLU A 42 ? 0.2948 0.2589 0.2758 -0.0132 0.0144  0.0007  189 GLU A CB  
333 C CG  . GLU A 42 ? 0.3081 0.2824 0.2952 -0.0021 0.0179  -0.0085 189 GLU A CG  
334 C CD  . GLU A 42 ? 0.3166 0.3203 0.3415 0.0146  0.0228  -0.0144 189 GLU A CD  
335 O OE1 . GLU A 42 ? 0.4396 0.3409 0.3944 0.0240  0.0425  -0.0052 189 GLU A OE1 
336 O OE2 . GLU A 42 ? 0.3798 0.3892 0.3993 -0.0040 0.0045  0.0114  189 GLU A OE2 
337 N N   . ALA A 43 ? 0.2754 0.2332 0.2251 -0.0222 0.0167  -0.0056 190 ALA A N   
338 C CA  . ALA A 43 ? 0.2761 0.2463 0.2371 -0.0333 0.0010  -0.0115 190 ALA A CA  
339 C C   . ALA A 43 ? 0.2908 0.2528 0.2427 -0.0298 0.0054  -0.0112 190 ALA A C   
340 O O   . ALA A 43 ? 0.3461 0.2896 0.2582 -0.0150 -0.0016 -0.0162 190 ALA A O   
341 C CB  . ALA A 43 ? 0.2867 0.2421 0.2547 -0.0443 -0.0035 -0.0100 190 ALA A CB  
342 N N   . SER A 44 ? 0.2753 0.2502 0.2242 -0.0357 0.0186  -0.0167 191 SER A N   
343 C CA  . SER A 44 ? 0.2692 0.2666 0.2329 -0.0120 0.0174  -0.0022 191 SER A CA  
344 C C   . SER A 44 ? 0.2781 0.2478 0.2315 0.0005  0.0140  -0.0155 191 SER A C   
345 O O   . SER A 44 ? 0.2705 0.2776 0.2465 0.0139  0.0043  0.0040  191 SER A O   
346 C CB  . SER A 44 ? 0.2729 0.2685 0.2492 -0.0001 0.0213  0.0026  191 SER A CB  
347 O OG  . SER A 44 ? 0.2729 0.2964 0.2547 -0.0021 0.0361  0.0043  191 SER A OG  
348 N N   . GLY A 45 ? 0.2591 0.2309 0.2236 -0.0021 0.0182  -0.0179 192 GLY A N   
349 C CA  . GLY A 45 ? 0.2468 0.2383 0.2252 0.0047  0.0258  -0.0297 192 GLY A CA  
350 C C   . GLY A 45 ? 0.2800 0.2234 0.2272 -0.0038 0.0112  -0.0122 192 GLY A C   
351 O O   . GLY A 45 ? 0.2879 0.2501 0.2225 -0.0198 -0.0013 -0.0058 192 GLY A O   
352 N N   . LEU A 46 ? 0.2552 0.2344 0.2191 -0.0024 0.0179  -0.0182 193 LEU A N   
353 C CA  . LEU A 46 ? 0.2571 0.2321 0.2036 -0.0129 0.0162  -0.0148 193 LEU A CA  
354 C C   . LEU A 46 ? 0.2702 0.2447 0.2207 -0.0055 0.0136  -0.0206 193 LEU A C   
355 O O   . LEU A 46 ? 0.2782 0.2426 0.2497 -0.0151 0.0012  -0.0169 193 LEU A O   
356 C CB  . LEU A 46 ? 0.2647 0.2343 0.2228 -0.0125 0.0246  -0.0130 193 LEU A CB  
357 C CG  . LEU A 46 ? 0.2407 0.2179 0.2258 0.0021  0.0003  -0.0167 193 LEU A CG  
358 C CD1 . LEU A 46 ? 0.2481 0.2327 0.2584 0.0300  0.0136  -0.0143 193 LEU A CD1 
359 C CD2 . LEU A 46 ? 0.2937 0.2774 0.2065 -0.0329 0.0220  0.0006  193 LEU A CD2 
360 N N   . ARG A 47 ? 0.2562 0.2329 0.2277 -0.0077 0.0030  -0.0143 194 ARG A N   
361 C CA  . ARG A 47 ? 0.2411 0.2269 0.2235 0.0023  -0.0035 0.0039  194 ARG A CA  
362 C C   . ARG A 47 ? 0.2266 0.2138 0.2217 0.0236  -0.0115 -0.0007 194 ARG A C   
363 O O   . ARG A 47 ? 0.2623 0.2183 0.2453 -0.0051 -0.0103 0.0064  194 ARG A O   
364 C CB  . ARG A 47 ? 0.2255 0.2297 0.2439 0.0107  -0.0041 0.0069  194 ARG A CB  
365 C CG  . ARG A 47 ? 0.2723 0.2784 0.2304 0.0058  -0.0154 0.0200  194 ARG A CG  
366 C CD  . ARG A 47 ? 0.2423 0.2633 0.2227 0.0306  0.0155  -0.0045 194 ARG A CD  
367 N NE  . ARG A 47 ? 0.2296 0.2443 0.2092 0.0206  0.0253  0.0071  194 ARG A NE  
368 C CZ  . ARG A 47 ? 0.2421 0.2737 0.2408 -0.0082 0.0040  0.0232  194 ARG A CZ  
369 N NH1 . ARG A 47 ? 0.2628 0.2787 0.2620 -0.0143 -0.0174 -0.0053 194 ARG A NH1 
370 N NH2 . ARG A 47 ? 0.2168 0.3206 0.2453 -0.0233 0.0189  -0.0144 194 ARG A NH2 
371 N N   . ALA A 48 ? 0.2284 0.2331 0.2389 0.0158  0.0082  -0.0066 195 ALA A N   
372 C CA  . ALA A 48 ? 0.2249 0.2428 0.2354 0.0069  -0.0169 0.0099  195 ALA A CA  
373 C C   . ALA A 48 ? 0.2539 0.2581 0.2571 0.0008  -0.0123 -0.0064 195 ALA A C   
374 O O   . ALA A 48 ? 0.2619 0.2445 0.2644 -0.0005 0.0106  0.0085  195 ALA A O   
375 C CB  . ALA A 48 ? 0.2400 0.2749 0.2829 0.0333  -0.0219 0.0015  195 ALA A CB  
376 N N   . GLN A 49 ? 0.2427 0.2593 0.2498 0.0092  -0.0076 -0.0058 196 GLN A N   
377 C CA  . GLN A 49 ? 0.2718 0.2724 0.2871 -0.0031 -0.0146 -0.0107 196 GLN A CA  
378 C C   . GLN A 49 ? 0.2642 0.2462 0.2878 -0.0062 -0.0141 -0.0108 196 GLN A C   
379 O O   . GLN A 49 ? 0.2935 0.2442 0.3105 -0.0050 0.0023  -0.0220 196 GLN A O   
380 C CB  . GLN A 49 ? 0.3026 0.2883 0.3071 -0.0144 -0.0113 -0.0022 196 GLN A CB  
381 C CG  . GLN A 49 ? 0.2824 0.3384 0.3855 0.0094  0.0056  -0.0038 196 GLN A CG  
382 C CD  . GLN A 49 ? 0.3434 0.3923 0.4186 -0.0393 -0.0035 -0.0055 196 GLN A CD  
383 N N   . ASP A 50 ? 0.2644 0.2226 0.2573 0.0002  -0.0090 -0.0198 197 ASP A N   
384 C CA  . ASP A 50 ? 0.2441 0.2261 0.2293 0.0043  0.0075  -0.0178 197 ASP A CA  
385 C C   . ASP A 50 ? 0.2647 0.1982 0.2040 0.0154  0.0021  -0.0155 197 ASP A C   
386 O O   . ASP A 50 ? 0.2892 0.2077 0.2032 0.0265  0.0108  0.0021  197 ASP A O   
387 C CB  . ASP A 50 ? 0.2380 0.2204 0.2314 0.0026  -0.0080 -0.0369 197 ASP A CB  
388 C CG  . ASP A 50 ? 0.2474 0.2568 0.2650 0.0040  0.0019  -0.0156 197 ASP A CG  
389 O OD1 . ASP A 50 ? 0.3088 0.2449 0.2839 -0.0185 -0.0063 -0.0179 197 ASP A OD1 
390 O OD2 . ASP A 50 ? 0.2909 0.2789 0.2529 0.0055  -0.0050 0.0172  197 ASP A OD2 
391 N N   . ARG A 51 ? 0.2800 0.2116 0.2306 -0.0027 -0.0014 -0.0120 198 ARG A N   
392 C CA  . ARG A 51 ? 0.2669 0.2236 0.2364 -0.0091 -0.0052 0.0002  198 ARG A CA  
393 C C   . ARG A 51 ? 0.2505 0.2136 0.2278 0.0135  0.0056  -0.0047 198 ARG A C   
394 O O   . ARG A 51 ? 0.2619 0.2452 0.2287 0.0049  0.0011  0.0028  198 ARG A O   
395 C CB  . ARG A 51 ? 0.2628 0.2356 0.2357 0.0012  -0.0026 0.0021  198 ARG A CB  
396 C CG  . ARG A 51 ? 0.2951 0.2330 0.2722 -0.0010 0.0091  -0.0158 198 ARG A CG  
397 C CD  . ARG A 51 ? 0.3466 0.2530 0.2878 0.0051  0.0004  -0.0290 198 ARG A CD  
398 N NE  . ARG A 51 ? 0.3843 0.3090 0.3623 -0.0043 -0.0072 -0.0318 198 ARG A NE  
399 C CZ  . ARG A 51 ? 0.3824 0.2857 0.3449 0.0076  0.0179  -0.0812 198 ARG A CZ  
400 N NH1 . ARG A 51 ? 0.3976 0.3247 0.3349 0.0190  0.0346  -0.0100 198 ARG A NH1 
401 N NH2 . ARG A 51 ? 0.3443 0.3248 0.4277 -0.0230 0.0282  -0.0479 198 ARG A NH2 
402 N N   . ILE A 52 ? 0.2657 0.2425 0.2362 -0.0046 -0.0016 -0.0093 199 ILE A N   
403 C CA  . ILE A 52 ? 0.2645 0.2661 0.2349 -0.0016 0.0059  -0.0132 199 ILE A CA  
404 C C   . ILE A 52 ? 0.2677 0.2601 0.2556 -0.0056 -0.0035 -0.0210 199 ILE A C   
405 O O   . ILE A 52 ? 0.3124 0.2975 0.2617 0.0368  -0.0157 -0.0313 199 ILE A O   
406 C CB  . ILE A 52 ? 0.2645 0.2815 0.2497 -0.0128 0.0036  -0.0127 199 ILE A CB  
407 C CG1 . ILE A 52 ? 0.2684 0.2710 0.2508 -0.0357 -0.0016 -0.0006 199 ILE A CG1 
408 C CG2 . ILE A 52 ? 0.2513 0.3207 0.2925 -0.0185 0.0051  -0.0022 199 ILE A CG2 
409 C CD1 . ILE A 52 ? 0.3042 0.3110 0.2634 -0.0092 0.0254  0.0225  199 ILE A CD1 
410 N N   . VAL A 53 ? 0.2750 0.2550 0.2509 0.0329  0.0077  -0.0297 200 VAL A N   
411 C CA  . VAL A 53 ? 0.2883 0.2584 0.2898 0.0174  -0.0029 -0.0183 200 VAL A CA  
412 C C   . VAL A 53 ? 0.2781 0.2707 0.2623 0.0303  0.0180  -0.0315 200 VAL A C   
413 O O   . VAL A 53 ? 0.2750 0.2950 0.3026 0.0362  0.0217  -0.0443 200 VAL A O   
414 C CB  . VAL A 53 ? 0.3011 0.2878 0.3303 0.0205  0.0071  -0.0126 200 VAL A CB  
415 C CG1 . VAL A 53 ? 0.3144 0.3034 0.3793 0.0083  0.0324  0.0058  200 VAL A CG1 
416 C CG2 . VAL A 53 ? 0.3043 0.2734 0.2844 0.0052  -0.0186 0.0114  200 VAL A CG2 
417 N N   . GLU A 54 ? 0.2738 0.2823 0.2763 0.0218  0.0162  -0.0302 201 GLU A N   
418 C CA  . GLU A 54 ? 0.2856 0.2996 0.2729 0.0211  0.0198  -0.0310 201 GLU A CA  
419 C C   . GLU A 54 ? 0.2867 0.2981 0.2728 0.0133  0.0200  -0.0239 201 GLU A C   
420 O O   . GLU A 54 ? 0.2574 0.2776 0.2599 0.0165  0.0341  -0.0135 201 GLU A O   
421 C CB  . GLU A 54 ? 0.2818 0.3175 0.2766 0.0274  0.0364  -0.0197 201 GLU A CB  
422 C CG  . GLU A 54 ? 0.3069 0.3280 0.2947 0.0288  0.0197  -0.0289 201 GLU A CG  
423 C CD  . GLU A 54 ? 0.3217 0.3413 0.3457 0.0233  0.0064  -0.0138 201 GLU A CD  
424 O OE1 . GLU A 54 ? 0.3767 0.3921 0.3839 0.0098  -0.0115 -0.0081 201 GLU A OE1 
425 O OE2 . GLU A 54 ? 0.3679 0.4006 0.4049 0.0351  -0.0003 0.0178  201 GLU A OE2 
426 N N   . VAL A 55 ? 0.2617 0.2939 0.2754 0.0101  0.0247  -0.0355 202 VAL A N   
427 C CA  . VAL A 55 ? 0.2431 0.2969 0.2722 0.0231  0.0249  -0.0257 202 VAL A CA  
428 C C   . VAL A 55 ? 0.2568 0.3043 0.2986 0.0173  0.0196  -0.0379 202 VAL A C   
429 O O   . VAL A 55 ? 0.2680 0.3505 0.2887 0.0258  0.0271  -0.0458 202 VAL A O   
430 C CB  . VAL A 55 ? 0.2601 0.2939 0.2708 0.0165  0.0157  -0.0378 202 VAL A CB  
431 C CG1 . VAL A 55 ? 0.2845 0.2913 0.2839 0.0052  0.0476  0.0052  202 VAL A CG1 
432 C CG2 . VAL A 55 ? 0.2365 0.3268 0.2877 0.0256  -0.0019 -0.0292 202 VAL A CG2 
433 N N   . ASN A 56 ? 0.2600 0.3481 0.2791 0.0181  0.0188  -0.0319 203 ASN A N   
434 C CA  . ASN A 56 ? 0.2728 0.3387 0.2976 0.0002  0.0134  -0.0350 203 ASN A CA  
435 C C   . ASN A 56 ? 0.2938 0.3609 0.3303 0.0030  0.0098  -0.0274 203 ASN A C   
436 O O   . ASN A 56 ? 0.2710 0.3798 0.3634 0.0168  0.0024  -0.0487 203 ASN A O   
437 C CB  . ASN A 56 ? 0.2945 0.3380 0.3266 -0.0139 0.0084  -0.0201 203 ASN A CB  
438 C CG  . ASN A 56 ? 0.2958 0.3529 0.3264 -0.0076 0.0218  -0.0306 203 ASN A CG  
439 O OD1 . ASN A 56 ? 0.3052 0.3584 0.3273 -0.0329 0.0420  -0.0420 203 ASN A OD1 
440 N ND2 . ASN A 56 ? 0.2761 0.3981 0.3303 -0.0521 0.0253  -0.0253 203 ASN A ND2 
441 N N   . GLY A 57 ? 0.3087 0.3643 0.3460 0.0036  0.0016  -0.0113 204 GLY A N   
442 C CA  . GLY A 57 ? 0.3154 0.3693 0.3529 0.0225  0.0044  -0.0115 204 GLY A CA  
443 C C   . GLY A 57 ? 0.3474 0.3755 0.3638 0.0366  0.0087  -0.0130 204 GLY A C   
444 O O   . GLY A 57 ? 0.4142 0.3962 0.3722 0.0388  0.0110  -0.0048 204 GLY A O   
445 N N   . VAL A 58 ? 0.3152 0.3622 0.3407 0.0491  0.0311  -0.0276 205 VAL A N   
446 C CA  . VAL A 58 ? 0.3157 0.3527 0.3631 0.0524  0.0183  -0.0333 205 VAL A CA  
447 C C   . VAL A 58 ? 0.3251 0.3512 0.3605 0.0442  0.0212  -0.0300 205 VAL A C   
448 O O   . VAL A 58 ? 0.2937 0.3679 0.3519 0.0493  0.0416  -0.0412 205 VAL A O   
449 C CB  . VAL A 58 ? 0.3027 0.3465 0.3724 0.0412  0.0215  -0.0285 205 VAL A CB  
450 C CG1 . VAL A 58 ? 0.3063 0.3838 0.3539 0.0509  0.0224  -0.0452 205 VAL A CG1 
451 C CG2 . VAL A 58 ? 0.2936 0.4169 0.3582 0.0329  0.0283  -0.0301 205 VAL A CG2 
452 N N   . CYS A 59 ? 0.3261 0.3554 0.3706 0.0489  0.0289  -0.0244 206 CYS A N   
453 C CA  . CYS A 59 ? 0.3490 0.3481 0.3511 0.0432  0.0264  -0.0271 206 CYS A CA  
454 C C   . CYS A 59 ? 0.3298 0.3380 0.3275 0.0374  0.0286  -0.0200 206 CYS A C   
455 O O   . CYS A 59 ? 0.3183 0.3672 0.3401 0.0376  0.0367  -0.0285 206 CYS A O   
456 C CB  . CYS A 59 ? 0.3367 0.3554 0.3633 0.0529  0.0412  -0.0256 206 CYS A CB  
457 S SG  . CYS A 59 ? 0.4384 0.3588 0.4626 0.0407  -0.0245 -0.0189 206 CYS A SG  
458 N N   . MET A 60 ? 0.3313 0.3340 0.3008 0.0268  0.0282  -0.0150 207 MET A N   
459 C CA  . MET A 60 ? 0.3330 0.3349 0.3157 0.0185  0.0226  -0.0076 207 MET A CA  
460 C C   . MET A 60 ? 0.3314 0.3358 0.3239 0.0170  0.0270  -0.0110 207 MET A C   
461 O O   . MET A 60 ? 0.3656 0.3234 0.3150 0.0143  0.0300  -0.0256 207 MET A O   
462 C CB  . MET A 60 ? 0.3189 0.3470 0.3063 0.0092  0.0301  -0.0081 207 MET A CB  
463 C CG  . MET A 60 ? 0.3024 0.3205 0.3233 0.0120  0.0044  0.0110  207 MET A CG  
464 S SD  . MET A 60 ? 0.3336 0.3554 0.3351 0.0195  0.0252  -0.0197 207 MET A SD  
465 C CE  . MET A 60 ? 0.3056 0.3930 0.3752 0.0353  0.0288  -0.0719 207 MET A CE  
466 N N   . GLU A 61 ? 0.3656 0.3461 0.3611 0.0241  0.0145  -0.0134 208 GLU A N   
467 C CA  . GLU A 61 ? 0.4005 0.3732 0.3826 0.0103  0.0056  -0.0065 208 GLU A CA  
468 C C   . GLU A 61 ? 0.4101 0.3607 0.3912 0.0094  0.0028  -0.0099 208 GLU A C   
469 O O   . GLU A 61 ? 0.4382 0.3623 0.3651 0.0297  0.0169  -0.0160 208 GLU A O   
470 C CB  . GLU A 61 ? 0.4288 0.3862 0.4063 0.0016  -0.0012 -0.0059 208 GLU A CB  
471 C CG  . GLU A 61 ? 0.4919 0.4417 0.4474 -0.0010 0.0016  0.0050  208 GLU A CG  
472 C CD  . GLU A 61 ? 0.5604 0.5270 0.5405 0.0225  0.0144  0.0360  208 GLU A CD  
473 O OE1 . GLU A 61 ? 0.5961 0.6128 0.6274 0.0265  0.0067  0.0373  208 GLU A OE1 
474 O OE2 . GLU A 61 ? 0.5798 0.5994 0.6039 0.0326  0.0282  0.0335  208 GLU A OE2 
475 N N   . GLY A 62 ? 0.4325 0.3617 0.3896 0.0123  0.0001  -0.0143 209 GLY A N   
476 C CA  . GLY A 62 ? 0.4363 0.3871 0.3965 0.0019  0.0023  -0.0180 209 GLY A CA  
477 C C   . GLY A 62 ? 0.4483 0.3917 0.3827 0.0111  0.0059  -0.0216 209 GLY A C   
478 O O   . GLY A 62 ? 0.5028 0.4234 0.4007 0.0144  0.0005  -0.0427 209 GLY A O   
479 N N   . LYS A 63 ? 0.4131 0.3620 0.3689 0.0009  0.0145  -0.0235 210 LYS A N   
480 C CA  . LYS A 63 ? 0.3853 0.3675 0.3501 0.0125  0.0179  -0.0129 210 LYS A CA  
481 C C   . LYS A 63 ? 0.3850 0.3630 0.3531 0.0102  0.0174  -0.0034 210 LYS A C   
482 O O   . LYS A 63 ? 0.4298 0.3898 0.3611 0.0063  0.0102  -0.0294 210 LYS A O   
483 C CB  . LYS A 63 ? 0.3547 0.3685 0.3548 0.0092  0.0283  -0.0002 210 LYS A CB  
484 C CG  . LYS A 63 ? 0.3985 0.4110 0.3957 0.0148  0.0006  -0.0070 210 LYS A CG  
485 C CD  . LYS A 63 ? 0.4107 0.4415 0.4416 0.0183  0.0200  0.0002  210 LYS A CD  
486 C CE  . LYS A 63 ? 0.4528 0.4631 0.4660 0.0242  -0.0145 0.0034  210 LYS A CE  
487 N NZ  . LYS A 63 ? 0.5167 0.5512 0.5358 0.0092  -0.0005 -0.0098 210 LYS A NZ  
488 N N   . GLN A 64 ? 0.3759 0.3534 0.3123 0.0139  0.0087  -0.0401 211 GLN A N   
489 C CA  . GLN A 64 ? 0.3690 0.3568 0.2994 0.0020  0.0008  -0.0209 211 GLN A CA  
490 C C   . GLN A 64 ? 0.3416 0.3324 0.2695 0.0099  0.0122  -0.0265 211 GLN A C   
491 O O   . GLN A 64 ? 0.3313 0.3361 0.2726 0.0054  0.0274  -0.0470 211 GLN A O   
492 C CB  . GLN A 64 ? 0.3997 0.3785 0.3228 0.0050  0.0064  -0.0250 211 GLN A CB  
493 C CG  . GLN A 64 ? 0.4313 0.4114 0.3945 0.0191  -0.0021 -0.0260 211 GLN A CG  
494 C CD  . GLN A 64 ? 0.5229 0.5222 0.5207 -0.0018 0.0050  -0.0081 211 GLN A CD  
495 O OE1 . GLN A 64 ? 0.6444 0.5950 0.5984 -0.0213 -0.0021 0.0125  211 GLN A OE1 
496 N NE2 . GLN A 64 ? 0.5099 0.5314 0.5318 0.0003  -0.0169 -0.0208 211 GLN A NE2 
497 N N   . HIS A 65 ? 0.3403 0.3223 0.2576 -0.0045 0.0157  -0.0291 212 HIS A N   
498 C CA  . HIS A 65 ? 0.3318 0.3131 0.2351 0.0027  0.0187  -0.0310 212 HIS A CA  
499 C C   . HIS A 65 ? 0.3525 0.3272 0.2530 -0.0016 0.0091  -0.0340 212 HIS A C   
500 O O   . HIS A 65 ? 0.3801 0.3477 0.2253 -0.0286 -0.0163 -0.0452 212 HIS A O   
501 C CB  . HIS A 65 ? 0.3056 0.2896 0.2391 -0.0102 0.0210  -0.0211 212 HIS A CB  
502 C CG  . HIS A 65 ? 0.2970 0.2969 0.2564 0.0140  -0.0005 -0.0323 212 HIS A CG  
503 N ND1 . HIS A 65 ? 0.3416 0.3239 0.2533 0.0263  0.0137  -0.0597 212 HIS A ND1 
504 C CD2 . HIS A 65 ? 0.2690 0.3040 0.1848 0.0201  0.0535  -0.0376 212 HIS A CD2 
505 C CE1 . HIS A 65 ? 0.3461 0.3390 0.2608 -0.0111 0.0011  -0.0421 212 HIS A CE1 
506 N NE2 . HIS A 65 ? 0.3409 0.3030 0.2966 0.0093  0.0048  -0.0593 212 HIS A NE2 
507 N N   . GLY A 66 ? 0.3613 0.3525 0.2546 -0.0119 0.0189  -0.0297 213 GLY A N   
508 C CA  . GLY A 66 ? 0.3404 0.3496 0.2599 -0.0086 0.0315  -0.0160 213 GLY A CA  
509 C C   . GLY A 66 ? 0.3489 0.3477 0.2828 -0.0125 0.0229  -0.0204 213 GLY A C   
510 O O   . GLY A 66 ? 0.3719 0.3573 0.3139 -0.0377 0.0168  -0.0113 213 GLY A O   
511 N N   . ASP A 67 ? 0.3621 0.3474 0.3005 0.0000  0.0176  -0.0176 214 ASP A N   
512 C CA  . ASP A 67 ? 0.3331 0.3633 0.3114 -0.0132 0.0223  -0.0259 214 ASP A CA  
513 C C   . ASP A 67 ? 0.3185 0.3552 0.3005 -0.0139 0.0287  -0.0309 214 ASP A C   
514 O O   . ASP A 67 ? 0.3081 0.3641 0.3029 -0.0184 0.0297  -0.0374 214 ASP A O   
515 C CB  . ASP A 67 ? 0.3584 0.3918 0.3354 -0.0055 0.0254  -0.0295 214 ASP A CB  
516 C CG  . ASP A 67 ? 0.4573 0.4621 0.4263 -0.0111 0.0154  -0.0352 214 ASP A CG  
517 O OD1 . ASP A 67 ? 0.4418 0.5503 0.4335 0.0229  0.0786  -0.0495 214 ASP A OD1 
518 O OD2 . ASP A 67 ? 0.5741 0.4986 0.5315 0.0035  0.0170  -0.0455 214 ASP A OD2 
519 N N   . VAL A 68 ? 0.2957 0.3201 0.2596 -0.0054 0.0324  -0.0392 215 VAL A N   
520 C CA  . VAL A 68 ? 0.2735 0.3188 0.2575 -0.0048 0.0262  -0.0331 215 VAL A CA  
521 C C   . VAL A 68 ? 0.2951 0.3382 0.2624 -0.0243 0.0237  -0.0172 215 VAL A C   
522 O O   . VAL A 68 ? 0.3131 0.3280 0.2646 -0.0482 0.0338  -0.0283 215 VAL A O   
523 C CB  . VAL A 68 ? 0.2879 0.3221 0.2631 -0.0083 0.0120  -0.0181 215 VAL A CB  
524 C CG1 . VAL A 68 ? 0.3017 0.3169 0.2469 -0.0122 0.0104  -0.0406 215 VAL A CG1 
525 C CG2 . VAL A 68 ? 0.2932 0.3029 0.2696 -0.0228 0.0367  -0.0266 215 VAL A CG2 
526 N N   . VAL A 69 ? 0.3223 0.3402 0.2568 -0.0244 0.0195  -0.0196 216 VAL A N   
527 C CA  . VAL A 69 ? 0.3207 0.3260 0.2545 -0.0165 0.0077  -0.0166 216 VAL A CA  
528 C C   . VAL A 69 ? 0.3351 0.3383 0.2746 -0.0258 0.0194  -0.0186 216 VAL A C   
529 O O   . VAL A 69 ? 0.3539 0.3389 0.2773 -0.0376 0.0205  -0.0165 216 VAL A O   
530 C CB  . VAL A 69 ? 0.3549 0.3223 0.2846 -0.0310 0.0083  -0.0065 216 VAL A CB  
531 C CG1 . VAL A 69 ? 0.3480 0.3062 0.2746 -0.0304 0.0505  -0.0027 216 VAL A CG1 
532 C CG2 . VAL A 69 ? 0.3383 0.3312 0.2703 -0.0089 -0.0136 -0.0426 216 VAL A CG2 
533 N N   . SER A 70 ? 0.3369 0.3501 0.2831 -0.0226 0.0137  -0.0213 217 SER A N   
534 C CA  . SER A 70 ? 0.3392 0.3690 0.3069 -0.0213 0.0212  -0.0203 217 SER A CA  
535 C C   . SER A 70 ? 0.3268 0.3685 0.3149 -0.0302 0.0183  -0.0141 217 SER A C   
536 O O   . SER A 70 ? 0.3453 0.4070 0.3101 -0.0546 0.0457  -0.0153 217 SER A O   
537 C CB  . SER A 70 ? 0.3655 0.4028 0.3153 -0.0141 0.0136  -0.0254 217 SER A CB  
538 O OG  . SER A 70 ? 0.4310 0.4571 0.3734 -0.0070 -0.0013 -0.0170 217 SER A OG  
539 N N   . ALA A 71 ? 0.3116 0.3719 0.3229 -0.0385 0.0299  -0.0189 218 ALA A N   
540 C CA  . ALA A 71 ? 0.2791 0.3531 0.3110 -0.0232 0.0352  -0.0153 218 ALA A CA  
541 C C   . ALA A 71 ? 0.2837 0.3394 0.3200 -0.0246 0.0182  -0.0220 218 ALA A C   
542 O O   . ALA A 71 ? 0.2689 0.3775 0.3099 -0.0274 0.0269  -0.0233 218 ALA A O   
543 C CB  . ALA A 71 ? 0.3033 0.3575 0.3135 -0.0197 0.0154  -0.0070 218 ALA A CB  
544 N N   . ILE A 72 ? 0.2787 0.3249 0.3029 -0.0232 0.0277  -0.0180 219 ILE A N   
545 C CA  . ILE A 72 ? 0.2926 0.3241 0.2862 -0.0326 0.0298  -0.0202 219 ILE A CA  
546 C C   . ILE A 72 ? 0.3306 0.3319 0.2894 -0.0428 0.0225  -0.0126 219 ILE A C   
547 O O   . ILE A 72 ? 0.3336 0.3373 0.2785 -0.0721 0.0514  -0.0283 219 ILE A O   
548 C CB  . ILE A 72 ? 0.2877 0.3047 0.2729 -0.0285 0.0346  -0.0149 219 ILE A CB  
549 C CG1 . ILE A 72 ? 0.2775 0.2682 0.2459 -0.0072 0.0089  -0.0157 219 ILE A CG1 
550 C CG2 . ILE A 72 ? 0.3036 0.2994 0.2542 -0.0241 0.0428  -0.0285 219 ILE A CG2 
551 C CD1 . ILE A 72 ? 0.2510 0.3021 0.2789 -0.0136 0.0354  -0.0096 219 ILE A CD1 
552 N N   . ARG A 73 ? 0.3400 0.3514 0.2899 -0.0598 0.0258  -0.0180 220 ARG A N   
553 C CA  . ARG A 73 ? 0.3352 0.3435 0.3100 -0.0389 0.0273  -0.0093 220 ARG A CA  
554 C C   . ARG A 73 ? 0.3466 0.3711 0.3316 -0.0463 0.0217  -0.0043 220 ARG A C   
555 O O   . ARG A 73 ? 0.3237 0.3873 0.3351 -0.0783 0.0468  -0.0132 220 ARG A O   
556 C CB  . ARG A 73 ? 0.3506 0.3288 0.3095 -0.0404 0.0217  -0.0104 220 ARG A CB  
557 C CG  . ARG A 73 ? 0.3929 0.3440 0.3316 -0.0312 -0.0013 0.0034  220 ARG A CG  
558 C CD  . ARG A 73 ? 0.4116 0.3670 0.3217 -0.0385 0.0243  -0.0044 220 ARG A CD  
559 N NE  . ARG A 73 ? 0.4293 0.3799 0.3756 -0.0280 0.0389  0.0467  220 ARG A NE  
560 C CZ  . ARG A 73 ? 0.4085 0.4015 0.3947 -0.0318 0.0278  0.0323  220 ARG A CZ  
561 N NH1 . ARG A 73 ? 0.4456 0.4421 0.4190 -0.0130 0.0183  0.0079  220 ARG A NH1 
562 N NH2 . ARG A 73 ? 0.4602 0.4477 0.3233 -0.0236 0.0141  0.0517  220 ARG A NH2 
563 N N   . ALA A 74 ? 0.3212 0.3905 0.3421 -0.0372 0.0375  -0.0039 221 ALA A N   
564 C CA  . ALA A 74 ? 0.3198 0.4045 0.3678 -0.0457 0.0288  -0.0103 221 ALA A CA  
565 C C   . ALA A 74 ? 0.3294 0.4244 0.3875 -0.0431 0.0212  -0.0138 221 ALA A C   
566 O O   . ALA A 74 ? 0.3427 0.4629 0.4182 -0.0597 0.0278  -0.0338 221 ALA A O   
567 C CB  . ALA A 74 ? 0.3097 0.4087 0.3908 -0.0405 0.0315  -0.0056 221 ALA A CB  
568 N N   . GLY A 75 ? 0.3399 0.4216 0.3792 -0.0532 0.0282  -0.0186 222 GLY A N   
569 C CA  . GLY A 75 ? 0.3450 0.4168 0.3762 -0.0483 0.0223  -0.0122 222 GLY A CA  
570 C C   . GLY A 75 ? 0.3453 0.4099 0.3852 -0.0476 0.0195  -0.0122 222 GLY A C   
571 O O   . GLY A 75 ? 0.3555 0.4212 0.3951 -0.0829 0.0314  -0.0073 222 GLY A O   
572 N N   . GLY A 76 ? 0.3568 0.3937 0.3751 -0.0496 0.0244  -0.0107 223 GLY A N   
573 C CA  . GLY A 76 ? 0.3824 0.4025 0.3858 -0.0345 0.0128  -0.0003 223 GLY A CA  
574 C C   . GLY A 76 ? 0.3828 0.4081 0.3925 -0.0376 0.0152  -0.0014 223 GLY A C   
575 O O   . GLY A 76 ? 0.3886 0.4325 0.3846 -0.0461 0.0153  0.0033  223 GLY A O   
576 N N   . ASP A 77 ? 0.3648 0.3859 0.3846 -0.0604 0.0217  -0.0024 224 ASP A N   
577 C CA  . ASP A 77 ? 0.3923 0.3755 0.3919 -0.0429 0.0169  -0.0021 224 ASP A CA  
578 C C   . ASP A 77 ? 0.3568 0.3662 0.3677 -0.0460 0.0203  -0.0063 224 ASP A C   
579 O O   . ASP A 77 ? 0.3824 0.3502 0.3861 -0.0464 0.0346  -0.0098 224 ASP A O   
580 C CB  . ASP A 77 ? 0.4209 0.4028 0.4249 -0.0413 0.0213  -0.0144 224 ASP A CB  
581 C CG  . ASP A 77 ? 0.4914 0.4537 0.4642 -0.0343 -0.0054 0.0038  224 ASP A CG  
582 O OD1 . ASP A 77 ? 0.5592 0.5353 0.5411 -0.0449 -0.0449 0.0258  224 ASP A OD1 
583 O OD2 . ASP A 77 ? 0.5308 0.5439 0.5869 -0.0497 0.0226  -0.0032 224 ASP A OD2 
584 N N   . GLU A 78 ? 0.3043 0.3491 0.3373 -0.0596 0.0222  0.0016  225 GLU A N   
585 C CA  . GLU A 78 ? 0.3243 0.3515 0.3326 -0.0430 0.0177  -0.0074 225 GLU A CA  
586 C C   . GLU A 78 ? 0.3139 0.3416 0.3307 -0.0453 0.0261  -0.0147 225 GLU A C   
587 O O   . GLU A 78 ? 0.3105 0.3426 0.3272 -0.0735 0.0335  -0.0320 225 GLU A O   
588 C CB  . GLU A 78 ? 0.3592 0.3703 0.3439 -0.0352 0.0084  -0.0080 225 GLU A CB  
589 C CG  . GLU A 78 ? 0.3820 0.3948 0.3933 -0.0339 0.0151  -0.0304 225 GLU A CG  
590 N N   . THR A 79 ? 0.2987 0.3222 0.2998 -0.0316 0.0419  -0.0267 226 THR A N   
591 C CA  . THR A 79 ? 0.2957 0.3090 0.3092 -0.0288 0.0275  -0.0143 226 THR A CA  
592 C C   . THR A 79 ? 0.3022 0.3062 0.3106 -0.0307 0.0270  -0.0186 226 THR A C   
593 O O   . THR A 79 ? 0.3415 0.2857 0.3079 -0.0275 0.0408  -0.0115 226 THR A O   
594 C CB  . THR A 79 ? 0.2854 0.2916 0.2812 -0.0190 0.0339  -0.0095 226 THR A CB  
595 O OG1 . THR A 79 ? 0.3244 0.3019 0.3154 -0.0260 0.0191  -0.0566 226 THR A OG1 
596 C CG2 . THR A 79 ? 0.2890 0.3106 0.2952 -0.0012 0.0265  -0.0058 226 THR A CG2 
597 N N   . LYS A 80 ? 0.2825 0.3154 0.3111 -0.0354 0.0235  -0.0111 227 LYS A N   
598 C CA  . LYS A 80 ? 0.3074 0.3157 0.2974 -0.0151 0.0131  -0.0177 227 LYS A CA  
599 C C   . LYS A 80 ? 0.2550 0.2811 0.2835 -0.0009 0.0126  -0.0206 227 LYS A C   
600 O O   . LYS A 80 ? 0.2465 0.3159 0.2738 0.0078  0.0299  -0.0393 227 LYS A O   
601 C CB  . LYS A 80 ? 0.2731 0.3214 0.3086 -0.0066 0.0397  -0.0205 227 LYS A CB  
602 C CG  . LYS A 80 ? 0.3268 0.3376 0.3710 -0.0009 0.0188  -0.0138 227 LYS A CG  
603 C CD  . LYS A 80 ? 0.3766 0.3937 0.3684 -0.0146 -0.0135 -0.0233 227 LYS A CD  
604 C CE  . LYS A 80 ? 0.4569 0.4412 0.4968 -0.0175 0.0001  -0.0345 227 LYS A CE  
605 N N   . LEU A 81 ? 0.2530 0.2735 0.2637 -0.0015 0.0113  -0.0236 228 LEU A N   
606 C CA  . LEU A 81 ? 0.2445 0.2632 0.2495 0.0060  0.0135  -0.0198 228 LEU A CA  
607 C C   . LEU A 81 ? 0.2756 0.2549 0.2671 0.0067  0.0021  -0.0129 228 LEU A C   
608 O O   . LEU A 81 ? 0.2955 0.2715 0.2796 0.0087  0.0093  -0.0120 228 LEU A O   
609 C CB  . LEU A 81 ? 0.2682 0.2421 0.2630 0.0214  0.0163  -0.0207 228 LEU A CB  
610 C CG  . LEU A 81 ? 0.2612 0.2831 0.2569 -0.0246 0.0103  -0.0014 228 LEU A CG  
611 C CD1 . LEU A 81 ? 0.3194 0.3037 0.2822 0.0114  -0.0142 -0.0001 228 LEU A CD1 
612 C CD2 . LEU A 81 ? 0.3000 0.3241 0.2870 -0.0177 0.0194  -0.0151 228 LEU A CD2 
613 N N   . LEU A 82 ? 0.2360 0.2522 0.2691 0.0197  0.0119  -0.0167 229 LEU A N   
614 C CA  . LEU A 82 ? 0.2677 0.2513 0.2620 0.0206  -0.0012 -0.0192 229 LEU A CA  
615 C C   . LEU A 82 ? 0.2660 0.2471 0.2632 0.0176  -0.0026 -0.0111 229 LEU A C   
616 O O   . LEU A 82 ? 0.2584 0.2592 0.2497 0.0095  0.0070  -0.0268 229 LEU A O   
617 C CB  . LEU A 82 ? 0.2572 0.2685 0.2893 0.0129  -0.0043 0.0029  229 LEU A CB  
618 C CG  . LEU A 82 ? 0.2926 0.2676 0.2761 0.0162  0.0088  -0.0179 229 LEU A CG  
619 C CD1 . LEU A 82 ? 0.3366 0.3068 0.2486 0.0241  -0.0105 -0.0189 229 LEU A CD1 
620 C CD2 . LEU A 82 ? 0.3323 0.2799 0.2911 0.0354  0.0088  -0.0002 229 LEU A CD2 
621 N N   . VAL A 83 ? 0.2572 0.2319 0.2256 0.0108  -0.0042 -0.0094 230 VAL A N   
622 C CA  . VAL A 83 ? 0.2475 0.2179 0.2394 0.0063  0.0033  0.0058  230 VAL A CA  
623 C C   . VAL A 83 ? 0.2483 0.2271 0.2484 0.0033  0.0021  0.0006  230 VAL A C   
624 O O   . VAL A 83 ? 0.2732 0.2475 0.2582 -0.0139 0.0044  -0.0015 230 VAL A O   
625 C CB  . VAL A 83 ? 0.2505 0.2196 0.2473 0.0072  -0.0014 0.0019  230 VAL A CB  
626 C CG1 . VAL A 83 ? 0.2742 0.2227 0.2777 -0.0026 0.0252  0.0117  230 VAL A CG1 
627 C CG2 . VAL A 83 ? 0.2419 0.2295 0.2381 0.0259  0.0208  -0.0189 230 VAL A CG2 
628 N N   . VAL A 84 ? 0.2429 0.2416 0.2247 0.0005  0.0041  -0.0027 231 VAL A N   
629 C CA  . VAL A 84 ? 0.2482 0.2226 0.2425 0.0047  0.0038  0.0070  231 VAL A CA  
630 C C   . VAL A 84 ? 0.2458 0.2324 0.2473 -0.0074 0.0055  0.0110  231 VAL A C   
631 O O   . VAL A 84 ? 0.2451 0.2640 0.2509 0.0125  0.0101  0.0302  231 VAL A O   
632 C CB  . VAL A 84 ? 0.2619 0.2198 0.2478 0.0040  -0.0011 0.0090  231 VAL A CB  
633 C CG1 . VAL A 84 ? 0.2711 0.2636 0.3175 0.0246  -0.0164 0.0272  231 VAL A CG1 
634 C CG2 . VAL A 84 ? 0.2998 0.2142 0.2657 0.0156  -0.0197 -0.0116 231 VAL A CG2 
635 N N   . ASP A 85 ? 0.2807 0.2352 0.2797 -0.0116 0.0180  0.0191  232 ASP A N   
636 C CA  . ASP A 85 ? 0.2945 0.2686 0.3438 0.0013  0.0228  0.0094  232 ASP A CA  
637 C C   . ASP A 85 ? 0.3008 0.2949 0.4048 0.0006  0.0220  0.0003  232 ASP A C   
638 O O   . ASP A 85 ? 0.2941 0.3158 0.4698 0.0122  0.0269  -0.0012 232 ASP A O   
639 C CB  . ASP A 85 ? 0.3008 0.2909 0.3527 0.0025  0.0279  0.0101  232 ASP A CB  
640 C CG  . ASP A 85 ? 0.3582 0.3477 0.3600 0.0456  0.0533  -0.0044 232 ASP A CG  
641 O OD1 . ASP A 85 ? 0.4647 0.4621 0.4194 0.0334  0.0647  0.0315  232 ASP A OD1 
642 O OD2 . ASP A 85 ? 0.4855 0.5310 0.3985 0.0116  0.0516  -0.0651 232 ASP A OD2 
643 N N   . ARG A 86 ? 0.3317 0.2814 0.4392 -0.0103 0.0163  0.0110  233 ARG A N   
644 C CA  . ARG A 86 ? 0.3725 0.3434 0.4380 -0.0119 -0.0004 -0.0038 233 ARG A CA  
645 C C   . ARG A 86 ? 0.3629 0.2958 0.4231 -0.0082 -0.0069 -0.0037 233 ARG A C   
646 O O   . ARG A 86 ? 0.3581 0.2257 0.3841 -0.0095 -0.0224 0.0047  233 ARG A O   
647 C CB  . ARG A 86 ? 0.3947 0.3586 0.4385 0.0042  0.0063  0.0007  233 ARG A CB  
648 C CG  . ARG A 86 ? 0.4531 0.4428 0.4708 0.0095  0.0203  0.0025  233 ARG A CG  
649 C CD  . ARG A 86 ? 0.5107 0.5117 0.5152 0.0009  0.0049  -0.0023 233 ARG A CD  
650 N NE  . ARG A 86 ? 0.5536 0.5626 0.5490 0.0083  0.0269  -0.0096 233 ARG A NE  
651 C CZ  . ARG A 86 ? 0.5959 0.5723 0.5951 -0.0044 0.0087  -0.0050 233 ARG A CZ  
652 N NH1 . ARG A 86 ? 0.5521 0.5842 0.5738 0.0085  0.0157  0.0031  233 ARG A NH1 
653 N N   . GLU A 87 ? 0.3831 0.3337 0.4564 -0.0062 -0.0148 -0.0173 234 GLU A N   
654 C CA  . GLU A 87 ? 0.3765 0.3276 0.4246 -0.0016 -0.0177 -0.0111 234 GLU A CA  
655 C C   . GLU A 87 ? 0.3627 0.2632 0.3830 0.0028  -0.0127 -0.0037 234 GLU A C   
656 O O   . GLU A 87 ? 0.3577 0.1999 0.4291 0.0240  0.0144  -0.0080 234 GLU A O   
657 C CB  . GLU A 87 ? 0.4007 0.3450 0.4405 -0.0073 -0.0232 -0.0121 234 GLU A CB  
658 C CG  . GLU A 87 ? 0.3963 0.3461 0.4409 -0.0103 -0.0338 0.0083  234 GLU A CG  
659 C CD  . GLU A 87 ? 0.4315 0.4675 0.5103 0.0371  0.0129  -0.0145 234 GLU A CD  
660 N N   . THR A 88 ? 0.3430 0.2518 0.3485 0.0030  -0.0224 0.0096  235 THR A N   
661 C CA  . THR A 88 ? 0.3370 0.2402 0.3265 0.0115  -0.0261 0.0009  235 THR A CA  
662 C C   . THR A 88 ? 0.3317 0.2523 0.3040 0.0156  -0.0258 -0.0043 235 THR A C   
663 O O   . THR A 88 ? 0.3423 0.2459 0.3269 0.0232  -0.0369 -0.0002 235 THR A O   
664 C CB  . THR A 88 ? 0.3248 0.2720 0.3159 0.0086  -0.0214 -0.0170 235 THR A CB  
665 O OG1 . THR A 88 ? 0.3578 0.2555 0.3926 -0.0008 -0.0040 0.0040  235 THR A OG1 
666 C CG2 . THR A 88 ? 0.3526 0.2754 0.3776 0.0356  -0.0242 -0.0280 235 THR A CG2 
667 N N   . GLU A 89 ? 0.3254 0.2329 0.3178 0.0186  -0.0331 0.0032  236 GLU A N   
668 C CA  . GLU A 89 ? 0.3366 0.2577 0.3307 0.0166  -0.0235 0.0047  236 GLU A CA  
669 C C   . GLU A 89 ? 0.3354 0.2600 0.3131 0.0173  -0.0312 0.0135  236 GLU A C   
670 O O   . GLU A 89 ? 0.3688 0.2243 0.3584 0.0173  -0.0545 0.0356  236 GLU A O   
671 C CB  . GLU A 89 ? 0.3466 0.2685 0.3362 0.0122  -0.0148 0.0136  236 GLU A CB  
672 C CG  . GLU A 89 ? 0.3735 0.3370 0.3749 0.0038  -0.0130 -0.0054 236 GLU A CG  
673 C CD  . GLU A 89 ? 0.3995 0.3757 0.4415 0.0182  0.0053  -0.0094 236 GLU A CD  
674 O OE1 . GLU A 89 ? 0.4446 0.4055 0.5173 -0.0199 0.0099  -0.0026 236 GLU A OE1 
675 O OE2 . GLU A 89 ? 0.5319 0.4743 0.5022 0.0126  0.0421  -0.0478 236 GLU A OE2 
676 N N   . THR A 90 ? 0.3253 0.2241 0.3162 0.0066  -0.0374 0.0120  237 THR A N   
677 C CA  . THR A 90 ? 0.3323 0.2492 0.3187 0.0238  -0.0441 0.0057  237 THR A CA  
678 C C   . THR A 90 ? 0.3417 0.2357 0.3105 0.0113  -0.0510 0.0062  237 THR A C   
679 O O   . THR A 90 ? 0.3446 0.2203 0.3270 0.0308  -0.0828 0.0102  237 THR A O   
680 C CB  . THR A 90 ? 0.3298 0.2479 0.3220 0.0122  -0.0404 -0.0057 237 THR A CB  
681 O OG1 . THR A 90 ? 0.3627 0.2586 0.3744 0.0489  -0.0247 -0.0184 237 THR A OG1 
682 C CG2 . THR A 90 ? 0.3497 0.2671 0.3599 0.0115  -0.0544 -0.0153 237 THR A CG2 
683 N N   . SER A 91 ? 0.3432 0.2310 0.3043 0.0111  -0.0499 0.0051  238 SER A N   
684 C CA  A SER A 91 ? 0.3239 0.2598 0.3133 0.0152  -0.0368 0.0029  238 SER A CA  
685 C CA  B SER A 91 ? 0.3301 0.2588 0.3190 0.0143  -0.0397 0.0032  238 SER A CA  
686 C C   . SER A 91 ? 0.3213 0.2696 0.3349 0.0127  -0.0448 0.0050  238 SER A C   
687 O O   . SER A 91 ? 0.3148 0.2905 0.3574 0.0135  -0.0489 -0.0026 238 SER A O   
688 C CB  A SER A 91 ? 0.3254 0.2632 0.3138 0.0175  -0.0198 -0.0111 238 SER A CB  
689 C CB  B SER A 91 ? 0.3296 0.2671 0.3196 0.0123  -0.0252 -0.0090 238 SER A CB  
690 O OG  A SER A 91 ? 0.3617 0.3599 0.3231 -0.0007 0.0150  -0.0206 238 SER A OG  
691 O OG  B SER A 91 ? 0.4227 0.3186 0.3713 0.0039  -0.0132 -0.0218 238 SER A OG  
692 N N   . LEU A 92 ? 0.2914 0.2680 0.3352 0.0263  -0.0516 0.0125  239 LEU A N   
693 C CA  . LEU A 92 ? 0.3055 0.2566 0.3342 0.0219  -0.0337 0.0026  239 LEU A CA  
694 C C   . LEU A 92 ? 0.3307 0.2823 0.3659 0.0153  -0.0330 -0.0027 239 LEU A C   
695 O O   . LEU A 92 ? 0.3467 0.2873 0.3618 0.0107  -0.0523 -0.0050 239 LEU A O   
696 C CB  . LEU A 92 ? 0.2895 0.2664 0.3452 0.0160  -0.0239 -0.0002 239 LEU A CB  
697 C CG  . LEU A 92 ? 0.3361 0.2519 0.3302 0.0305  -0.0283 0.0141  239 LEU A CG  
698 C CD1 . LEU A 92 ? 0.4149 0.3172 0.3676 0.0374  -0.0271 -0.0004 239 LEU A CD1 
699 C CD2 . LEU A 92 ? 0.3532 0.3505 0.4325 0.0128  -0.0285 -0.0012 239 LEU A CD2 
700 O OXT . LEU A 92 ? 0.3597 0.2937 0.3810 0.0080  -0.0387 0.0003  239 LEU A OXT 
701 O O   . HOH B .  ? 0.2567 0.3723 0.3146 -0.0583 0.0874  -0.0506 240 HOH A O   
702 O O   . HOH B .  ? 0.3503 0.4367 0.3592 0.0705  0.0528  -0.0653 241 HOH A O   
703 O O   . HOH B .  ? 0.3482 0.4154 0.3436 0.0285  0.0552  -0.0041 242 HOH A O   
704 O O   . HOH B .  ? 0.3373 0.3771 0.2708 -0.0109 0.0232  -0.0312 243 HOH A O   
705 O O   . HOH B .  ? 0.3460 0.3559 0.2783 -0.0230 0.0569  -0.0690 244 HOH A O   
706 O O   . HOH B .  ? 0.3992 0.5001 0.3470 -0.0397 -0.0466 0.0234  245 HOH A O   
707 O O   . HOH B .  ? 0.4505 0.3619 0.3688 -0.0161 -0.0246 0.0059  246 HOH A O   
708 O O   . HOH B .  ? 0.3907 0.3287 0.3224 -0.0032 -0.0202 -0.0476 247 HOH A O   
709 O O   . HOH B .  ? 0.4311 0.3096 0.3205 -0.0252 0.0429  -0.0552 248 HOH A O   
710 O O   . HOH B .  ? 0.4252 0.4195 0.4164 -0.0218 -0.0086 -0.0733 249 HOH A O   
711 O O   . HOH B .  ? 0.3004 0.3572 0.3625 0.0445  0.0497  0.0034  250 HOH A O   
712 O O   . HOH B .  ? 0.4695 0.4860 0.3439 -0.0426 0.0167  0.0098  251 HOH A O   
713 O O   . HOH B .  ? 0.3230 0.4934 0.2908 -0.0876 0.0104  -0.0277 252 HOH A O   
714 O O   . HOH B .  ? 0.3246 0.2939 0.3531 -0.0171 0.0186  0.0311  253 HOH A O   
715 O O   . HOH B .  ? 0.2864 0.4331 0.4161 -0.0077 0.0716  -0.0455 254 HOH A O   
716 O O   . HOH B .  ? 0.4284 0.3834 0.3205 -0.0340 -0.0268 -0.0626 255 HOH A O   
717 O O   . HOH B .  ? 0.5110 0.2951 0.3756 0.0657  -0.0539 0.0405  256 HOH A O   
718 O O   . HOH B .  ? 0.4822 0.4347 0.3720 0.0533  0.0619  0.0009  257 HOH A O   
719 O O   . HOH B .  ? 0.4647 0.4811 0.3619 -0.0142 0.0823  -0.0109 258 HOH A O   
720 O O   . HOH B .  ? 0.5224 0.3583 0.4178 0.0870  -0.0758 0.0391  259 HOH A O   
721 O O   . HOH B .  ? 0.4815 0.3925 0.4613 -0.0470 -0.0028 -0.0313 260 HOH A O   
722 O O   . HOH B .  ? 0.4024 0.4841 0.2902 -0.0243 -0.0436 -0.0281 261 HOH A O   
723 O O   . HOH B .  ? 0.5120 0.4458 0.4436 -0.0258 -0.0309 -0.0153 262 HOH A O   
724 O O   . HOH B .  ? 0.4640 0.4924 0.5243 -0.1214 0.0483  -0.0319 263 HOH A O   
725 O O   . HOH B .  ? 0.4503 0.5758 0.4905 0.0023  0.0513  -0.0344 264 HOH A O   
726 O O   . HOH B .  ? 0.4794 0.4090 0.5052 -0.0933 -0.0125 -0.0226 265 HOH A O   
727 O O   . HOH B .  ? 0.5731 0.5733 0.5741 0.0156  0.0450  -0.0037 266 HOH A O   
728 O O   . HOH B .  ? 0.5246 0.4039 0.3902 0.0304  0.0087  0.0055  267 HOH A O   
729 O O   . HOH B .  ? 0.4327 0.4631 0.3388 -0.0452 0.0241  -0.0274 268 HOH A O   
730 O O   . HOH B .  ? 0.4626 0.4478 0.3102 -0.0660 0.0193  -0.0461 269 HOH A O   
731 O O   . HOH B .  ? 0.4354 0.4648 0.3440 0.0205  0.0898  -0.0319 270 HOH A O   
732 O O   . HOH B .  ? 0.4400 0.4832 0.4411 -0.0127 0.0453  -0.0421 271 HOH A O   
733 O O   . HOH B .  ? 0.6016 0.4958 0.4996 0.0076  -0.0196 0.0323  272 HOH A O   
734 O O   . HOH B .  ? 0.4172 0.3731 0.3776 0.0143  -0.0586 0.0045  273 HOH A O   
735 O O   . HOH B .  ? 0.4256 0.5786 0.5401 0.0472  0.0878  -0.0778 274 HOH A O   
736 O O   . HOH B .  ? 0.4710 0.3938 0.5685 0.0744  -0.0051 -0.0293 275 HOH A O   
737 O O   . HOH B .  ? 0.4578 0.4721 0.4732 -0.0370 -0.0252 0.0399  276 HOH A O   
738 O O   . HOH B .  ? 0.5290 0.3787 0.3835 -0.0347 0.0179  -0.0266 277 HOH A O   
739 O O   . HOH B .  ? 0.4583 0.3624 0.4950 -0.0180 -0.0456 0.0397  278 HOH A O   
740 O O   . HOH B .  ? 0.6249 0.5427 0.4939 -0.0543 0.0360  -0.0089 279 HOH A O   
741 O O   . HOH B .  ? 0.4591 0.3973 0.4148 0.0031  -0.0076 0.0420  280 HOH A O   
742 O O   . HOH B .  ? 0.5674 0.4914 0.3891 0.0043  0.0507  -0.0187 281 HOH A O   
743 O O   . HOH B .  ? 0.3349 0.4404 0.3839 0.0398  0.0343  0.0218  282 HOH A O   
744 O O   . HOH B .  ? 0.4249 0.5131 0.4415 0.0563  -0.0596 0.0075  283 HOH A O   
745 O O   . HOH B .  ? 0.7202 0.6890 0.7043 0.0042  -0.0185 0.0131  284 HOH A O   
746 O O   A HOH B .  ? 0.2757 0.2760 0.2275 0.0392  0.0130  -0.0430 285 HOH A O   
747 O O   B HOH B .  ? 0.3695 0.3544 0.3057 0.0217  -0.0427 -0.0326 285 HOH A O   
748 O O   . HOH B .  ? 0.6123 0.6625 0.6837 -0.0045 0.0343  -0.0216 286 HOH A O   
749 O O   . HOH B .  ? 0.4571 0.4422 0.3978 -0.0786 0.0050  -0.0402 287 HOH A O   
750 O O   . HOH B .  ? 0.3548 0.3713 0.4103 0.0399  0.0352  -0.0795 288 HOH A O   
751 O O   . HOH B .  ? 0.4688 0.3810 0.4810 0.0634  -0.0270 0.0217  289 HOH A O   
752 O O   . HOH B .  ? 0.3860 0.4853 0.3933 0.0420  0.0571  -0.0883 290 HOH A O   
753 O O   . HOH B .  ? 0.4021 0.4294 0.4462 0.0104  -0.0351 0.0003  291 HOH A O   
754 O O   . HOH B .  ? 0.4394 0.4326 0.4269 -0.0311 0.0184  0.0111  292 HOH A O   
755 O O   . HOH B .  ? 0.5227 0.3751 0.4765 -0.0194 0.0358  -0.0369 293 HOH A O   
756 O O   A HOH B .  ? 0.4290 0.3188 0.2947 0.0016  0.0206  0.0622  294 HOH A O   
757 O O   B HOH B .  ? 0.3069 0.2954 0.2749 0.0481  0.0673  0.0420  294 HOH A O   
758 O O   . HOH B .  ? 0.4770 0.5672 0.4856 0.0234  0.0413  0.0184  295 HOH A O   
759 O O   . HOH B .  ? 0.4963 0.5592 0.5297 0.0033  -0.0420 -0.0047 296 HOH A O   
760 O O   . HOH B .  ? 0.4857 0.5628 0.5034 0.0522  -0.0230 -0.0625 297 HOH A O   
761 O O   . HOH B .  ? 0.5084 0.4680 0.3700 -0.0498 0.0051  0.0044  298 HOH A O   
762 O O   . HOH B .  ? 0.4140 0.4631 0.3312 -0.0230 -0.0183 -0.0133 299 HOH A O   
763 O O   . HOH B .  ? 0.4138 0.4887 0.4784 -0.0503 0.0004  0.0264  300 HOH A O   
764 O O   . HOH B .  ? 0.5522 0.4791 0.3917 0.0657  0.0489  0.0052  301 HOH A O   
765 O O   . HOH B .  ? 0.4878 0.4688 0.4386 -0.0037 0.0100  0.0678  302 HOH A O   
766 O O   . HOH B .  ? 0.4473 0.3241 0.4379 -0.0094 -0.0068 -0.0040 303 HOH A O   
767 O O   . HOH B .  ? 0.6418 0.5350 0.5379 -0.0115 -0.0113 0.0417  304 HOH A O   
768 O O   . HOH B .  ? 0.4171 0.5608 0.5560 0.0260  0.0086  0.0049  305 HOH A O   
769 O O   . HOH B .  ? 0.4695 0.4827 0.4283 -0.0002 -0.0433 -0.0765 306 HOH A O   
770 O O   . HOH B .  ? 0.5721 0.5240 0.6185 -0.0392 -0.0203 0.0784  307 HOH A O   
771 O O   . HOH B .  ? 0.5895 0.5565 0.6139 0.0064  0.0336  -0.0093 308 HOH A O   
772 O O   . HOH B .  ? 0.7353 0.6581 0.7266 -0.0014 -0.0087 0.0156  309 HOH A O   
773 O O   . HOH B .  ? 0.5724 0.4970 0.5483 0.0409  0.0143  0.0063  310 HOH A O   
774 O O   . HOH B .  ? 0.4470 0.5171 0.4874 0.0211  0.0609  -0.0280 311 HOH A O   
775 O O   . HOH B .  ? 0.5939 0.5858 0.5423 -0.0286 0.0187  -0.0152 312 HOH A O   
776 O O   . HOH B .  ? 0.6954 0.7027 0.7025 0.0294  -0.0280 0.0026  313 HOH A O   
777 O O   . HOH B .  ? 0.6157 0.5208 0.5542 0.0027  -0.0031 -0.0034 314 HOH A O   
778 O O   . HOH B .  ? 0.5131 0.4775 0.5303 0.0422  -0.0494 0.0569  315 HOH A O   
779 O O   . HOH B .  ? 0.5022 0.5748 0.6294 -0.1284 -0.0754 -0.0755 316 HOH A O   
780 O O   . HOH B .  ? 0.5065 0.4785 0.4498 0.0088  0.0041  0.0486  317 HOH A O   
781 O O   . HOH B .  ? 0.4982 0.5218 0.4632 -0.0167 0.0739  0.0278  318 HOH A O   
782 O O   . HOH B .  ? 0.8586 0.8439 0.8454 0.0140  -0.0012 0.0043  319 HOH A O   
783 O O   A HOH B .  ? 0.3516 0.3952 0.4303 -0.0255 -0.0037 -0.0103 320 HOH A O   
784 O O   B HOH B .  ? 0.5224 0.5388 0.5578 -0.0200 -0.0049 -0.0039 320 HOH A O   
785 O O   . HOH B .  ? 0.5943 0.6315 0.6029 -0.0060 0.0289  0.0010  321 HOH A O   
786 O O   . HOH B .  ? 0.5489 0.5752 0.5368 -0.0141 -0.0187 0.0292  322 HOH A O   
787 O O   . HOH B .  ? 0.4973 0.5590 0.4621 -0.0068 -0.0080 0.0033  323 HOH A O   
788 O O   . HOH B .  ? 0.5446 0.5004 0.5362 0.0004  -0.0363 -0.0106 324 HOH A O   
789 O O   . HOH B .  ? 0.5751 0.5334 0.5472 0.0227  0.0397  -0.0033 325 HOH A O   
790 O O   . HOH B .  ? 0.5313 0.6257 0.5171 0.0670  -0.0741 0.0117  326 HOH A O   
791 O O   . HOH B .  ? 0.4714 0.5053 0.5035 -0.0021 -0.0328 0.0399  327 HOH A O   
792 O O   . HOH B .  ? 0.4663 0.4909 0.5502 0.0546  -0.0286 0.0116  328 HOH A O   
793 O O   . HOH B .  ? 0.4921 0.5572 0.4868 -0.0098 0.0401  -0.0349 329 HOH A O   
794 O O   . HOH B .  ? 0.6230 0.5800 0.5789 -0.0499 0.0171  0.0383  330 HOH A O   
795 O O   . HOH B .  ? 0.5182 0.5594 0.5413 0.0206  -0.0083 0.0155  331 HOH A O   
796 O O   . HOH B .  ? 0.5112 0.5262 0.6169 -0.1002 -0.0365 -0.0662 332 HOH A O   
797 O O   . HOH B .  ? 0.6212 0.5476 0.6127 -0.0275 -0.0303 -0.0094 333 HOH A O   
798 O O   . HOH B .  ? 0.6314 0.6627 0.6255 0.0159  0.0062  -0.0168 334 HOH A O   
799 O O   . HOH B .  ? 0.5581 0.5981 0.4902 -0.0325 -0.0403 -0.0227 335 HOH A O   
800 O O   . HOH B .  ? 0.5970 0.5394 0.5290 -0.0075 -0.0199 -0.0323 336 HOH A O   
801 O O   . HOH B .  ? 0.5205 0.5799 0.5788 -0.0036 -0.0297 -0.0026 337 HOH A O   
802 O O   . HOH B .  ? 0.4997 0.3182 0.5733 0.0166  -0.0231 0.0150  338 HOH A O   
803 O O   . HOH B .  ? 0.5064 0.6098 0.5421 0.0933  -0.0184 0.0117  339 HOH A O   
804 O O   . HOH B .  ? 0.5763 0.4218 0.4765 -0.0060 0.0440  0.0096  340 HOH A O   
805 O O   . HOH B .  ? 0.6010 0.6430 0.6069 -0.0199 0.0094  0.0450  341 HOH A O   
806 O O   . HOH B .  ? 0.5031 0.5168 0.5757 -0.0265 0.0001  0.0551  342 HOH A O   
807 O O   . HOH B .  ? 0.5921 0.5974 0.5723 0.0024  0.0160  0.0001  343 HOH A O   
808 O O   . HOH B .  ? 0.7218 0.7158 0.6710 0.0031  -0.0206 -0.0017 344 HOH A O   
809 O O   . HOH B .  ? 0.6317 0.6463 0.6239 -0.0044 -0.0249 0.0445  345 HOH A O   
810 O O   . HOH B .  ? 0.6831 0.7210 0.6743 0.0415  0.0303  -0.0193 346 HOH A O   
811 O O   . HOH B .  ? 0.6122 0.5969 0.6212 -0.0013 -0.0378 0.0169  347 HOH A O   
812 O O   . HOH B .  ? 0.5426 0.6505 0.5920 0.0281  0.0427  0.0275  348 HOH A O   
813 O O   . HOH B .  ? 0.6399 0.6395 0.6260 0.0576  -0.0107 0.0411  349 HOH A O   
814 O O   . HOH B .  ? 0.6561 0.6328 0.6029 -0.0402 -0.0184 -0.0377 350 HOH A O   
815 O O   . HOH B .  ? 0.6360 0.6370 0.6779 0.0098  0.0204  -0.0473 351 HOH A O   
816 O O   . HOH B .  ? 0.4512 0.4614 0.4962 -0.0462 -0.0288 -0.0731 352 HOH A O   
817 O O   . HOH B .  ? 0.5375 0.5116 0.4344 -0.0197 -0.0165 0.0444  353 HOH A O   
818 O O   . HOH B .  ? 0.6215 0.6240 0.6466 0.0184  -0.0034 -0.0199 354 HOH A O   
819 O O   . HOH B .  ? 0.4719 0.6065 0.4823 0.0152  0.0179  -0.0712 355 HOH A O   
820 O O   A HOH B .  ? 0.4001 0.3948 0.4126 -0.0087 0.0248  -0.0413 356 HOH A O   
821 O O   B HOH B .  ? 0.5420 0.5344 0.5061 -0.0196 -0.0336 0.0031  356 HOH A O   
822 O O   . HOH B .  ? 0.6456 0.6157 0.5469 -0.0095 0.0309  0.0294  357 HOH A O   
823 O O   . HOH B .  ? 0.4408 0.5686 0.4764 0.0294  0.0291  -0.0883 358 HOH A O   
824 O O   . HOH B .  ? 0.8441 0.8421 0.8539 -0.0122 0.0099  -0.0257 359 HOH A O   
825 O O   . HOH B .  ? 0.5548 0.5567 0.6147 -0.0417 0.0140  0.0100  360 HOH A O   
826 O O   . HOH B .  ? 0.7377 0.7935 0.7885 0.0046  0.0259  0.0137  361 HOH A O   
827 O O   . HOH B .  ? 0.5864 0.4914 0.6180 -0.0354 0.0177  -0.0300 362 HOH A O   
828 O O   . HOH B .  ? 0.6486 0.7065 0.6498 0.0012  0.0136  0.0020  363 HOH A O   
829 O O   . HOH B .  ? 0.5183 0.4806 0.5971 -0.0427 0.0100  -0.0529 364 HOH A O   
830 O O   . HOH B .  ? 0.5291 0.4944 0.5544 0.0197  0.0071  0.0458  365 HOH A O   
831 O O   . HOH B .  ? 0.6452 0.6587 0.6186 -0.0130 -0.0103 0.0116  366 HOH A O   
832 O O   . HOH B .  ? 0.7870 0.7909 0.7926 -0.0031 0.0197  -0.0048 367 HOH A O   
833 O O   . HOH B .  ? 0.7692 0.7380 0.7567 -0.0052 0.0151  0.0130  368 HOH A O   
834 O O   . HOH B .  ? 0.5362 0.5965 0.5510 0.0282  0.0593  -0.0614 369 HOH A O   
835 O O   . HOH B .  ? 0.5614 0.6450 0.4880 0.0091  0.0581  0.0040  370 HOH A O   
836 O O   . HOH B .  ? 0.7129 0.6795 0.6650 0.0053  0.0319  0.0342  371 HOH A O   
837 O O   . HOH B .  ? 0.7391 0.6929 0.7036 -0.0199 -0.0243 -0.0198 372 HOH A O   
838 O O   . HOH B .  ? 0.7894 0.7677 0.7609 0.0265  0.0074  0.0029  373 HOH A O   
839 O O   . HOH B .  ? 0.7345 0.7277 0.7714 0.0074  0.0175  -0.0045 374 HOH A O   
840 O O   . HOH B .  ? 0.6402 0.6620 0.6798 -0.0114 0.0138  -0.0308 375 HOH A O   
841 O O   . HOH B .  ? 0.7371 0.7169 0.7087 0.0013  -0.0014 0.0232  376 HOH A O   
842 O O   . HOH B .  ? 0.6406 0.6112 0.6434 -0.0011 -0.0312 -0.0219 377 HOH A O   
843 O O   . HOH B .  ? 0.7687 0.8056 0.7920 -0.0087 0.0040  -0.0125 378 HOH A O   
844 O O   . HOH B .  ? 0.6516 0.5881 0.6423 -0.0503 -0.0299 0.0229  379 HOH A O   
845 O O   . HOH B .  ? 0.6652 0.6272 0.6541 0.0228  -0.0201 0.0005  380 HOH A O   
846 O O   . HOH B .  ? 0.5197 0.3982 0.3906 -0.0309 -0.0063 0.0003  381 HOH A O   
847 O O   . HOH B .  ? 0.5804 0.5314 0.5827 0.0206  0.0199  0.0258  382 HOH A O   
848 O O   . HOH B .  ? 0.3964 0.3385 0.3268 0.0421  0.0703  -0.1533 383 HOH A O   
849 O O   . HOH B .  ? 0.7179 0.7148 0.6932 0.0120  0.0045  0.0025  384 HOH A O   
850 O O   . HOH B .  ? 0.5953 0.5293 0.5210 0.0218  0.0227  0.0138  385 HOH A O   
# 
